data_8U8V
#
_entry.id   8U8V
#
_cell.length_a   1.00
_cell.length_b   1.00
_cell.length_c   1.00
_cell.angle_alpha   90.00
_cell.angle_beta   90.00
_cell.angle_gamma   90.00
#
_symmetry.space_group_name_H-M   'P 1'
#
loop_
_entity.id
_entity.type
_entity.pdbx_description
1 polymer 'Transcription elongation factor, mitochondrial'
2 polymer 'DNA-directed RNA polymerase, mitochondrial'
3 polymer 'Non-Template Strand DNA (NT27mt)'
4 polymer 'RNA (RNA14mt)'
5 polymer 'Template Strand DNA (TS31mt)'
6 non-polymer 'DIPHOSPHOMETHYLPHOSPHONIC ACID ADENOSYL ESTER'
7 non-polymer 'MAGNESIUM ION'
#
loop_
_entity_poly.entity_id
_entity_poly.type
_entity_poly.pdbx_seq_one_letter_code
_entity_poly.pdbx_strand_id
1 'polypeptide(L)'
;MDENAKEPENRFLRKLLKPDIERERLKAVNSIISIVFGTRRIAWAHLDRKLTVLDWQQSDRWSLMRGIYSSSVYLEEISS
IISKMPKADFYVLEKTGLSIQNSSLFPILLHFHIMEAMLYALLNKTFAQDGQHQVLSMNRNAVGKHFELMIGDSRTSGKE
LVKQFLFDSILKADPRVFFPSDKIVHYRQMFLSTELQRVEELYDSLLQAIAFYELAVFDSQPLEHHHHHHHH
;
A,B
2 'polypeptide(L)'
;MGHHHHHHGRWAKILEKDKRTQQMRMQRLKAKLQMPFQSGEFKALTRRLQVEPRLLSKQMAGCLEDCTRQAPESPWEEQL
ARLLQEAPGKLSLDVEQAPSGQHSQAQLSGQQQRLLAFFKCCLLTDQLPLAHHLLVVHHGQRQKRKLLTLDMYNAVMLGW
ARQGAFKELVYVLFMVKDAGLTPDLLSYAAALQCMGRQDQDAGTIERCLEQMSQEGLKLQALFTAVLLSEEDRATVLKAV
HKVKPTFSLPPQLPPPVNTSKLLRDVYAKDGRVSYPKLHLPLKTLQCLFEKQLHMELASRVCVVSVEKPTLPSKEVKHAR
KTLKTLRDQWEKALCRALRETKNRLEREVYEGRFSLYPFLCLLDEREVVRMLLQVLQALPAQGESFTTLARELSARTFSR
HVVQRQRVSGQVQALQNHYRKYLCLLASDAEVPEPCLPRQYWEALGAPEALREQPWPLPVQMELGKLLAEMLVQATQMPC
SLDKPHRSSRLVPVLYHVYSFRNVQQIGILKPHPAYVQLLEKAAEPTLTFEAVDVPMLCPPLPWTSPHSGAFLLSPTKLM
RTVEGATQHQELLETCPPTALHGALDALTQLGNCAWRVNGRVLDLVLQLFQAKGCPQLGVPAPPSEAPQPPEAHLPHSAA
PARKAELRRELAHCQKVAREMHSLRAEALYRLSLAQHLRDRVFWLPHNMDFRGRTYPCPPHFNHLGSDVARALLEFAQGR
PLGPHGLDWLKIHLVNLTGLKKREPLRKRLAFAEEVMDDILDSADQPLTGRKWWMGAEEPWQTLACCMEVANAVRASDPA
AYVSHLPVHQDGSCNGLQHYAALGRDSVGAASVNLEPSDVPQDVYSGVAAQVEVFRRQDAQRGMRVAQVLEGFITRKVVK
QTVMTVVYGVTRYGGRLQIEKRLRELSDFPQEFVWEASHYLVRQVFKSLQEMFSGTRAIQHWLTESARLISHMGSVVEWV
TPLGVPVIQPYRLDSKVKQIGGGIQSITYTHNGDISRKPNTRKQKNGFPPNFIHSLDSSHMMLTALHCYRKGLTFVSVHD
CYWTHAADVSVMNQVCREQFVRLHSEPILQDLSRFLVKRFCSEPQKILEASQLKETLQAVPKPGAFDLEQVKRSTYFFS
;
E
3 'polydeoxyribonucleotide'
;(DG)(DG)(DA)(DC)(DA)(DT)(DG)(DG)(DT)(DG)(DT)(DA)(DA)(DT)(DT)(DA)(DT)(DT)(DT)(DC)
(DG)(DA)(DC)(DG)(DC)(DC)(DA)(DG)(DA)(DC)(DG)(DA)(DC)(DC)
;
N
4 'polyribonucleotide' AGUCUGCGGCGCGC R
5 'polydeoxyribonucleotide'
;(DG)(DG)(DT)(DC)(DG)(DT)(DC)(DT)(DG)(DG)(DC)(DG)(DT)(DG)(DC)(DG)(DC)(DG)(DC)(DC)
(DG)(DT)(DT)(DA)(DC)(DA)(DC)(DC)(DA)(DT)(DG)(DT)(DC)(DC)
;
T
#
# COMPACT_ATOMS: atom_id res chain seq x y z
N ARG A 11 -13.90 15.72 46.66
CA ARG A 11 -13.71 14.37 46.16
C ARG A 11 -13.66 14.35 44.63
N PHE A 12 -14.67 14.95 44.01
CA PHE A 12 -14.69 15.02 42.55
C PHE A 12 -13.60 15.92 42.00
N LEU A 13 -13.23 16.98 42.74
CA LEU A 13 -12.20 17.89 42.28
C LEU A 13 -10.81 17.27 42.34
N ARG A 14 -10.66 16.14 43.02
CA ARG A 14 -9.39 15.42 42.99
C ARG A 14 -9.10 14.87 41.59
N LYS A 15 -10.13 14.39 40.90
CA LYS A 15 -9.98 13.89 39.54
C LYS A 15 -10.15 14.99 38.49
N LEU A 16 -10.94 16.02 38.78
CA LEU A 16 -11.16 17.07 37.80
C LEU A 16 -9.92 17.93 37.59
N LEU A 17 -9.30 18.39 38.68
CA LEU A 17 -8.12 19.24 38.62
C LEU A 17 -6.99 18.58 39.39
N LYS A 18 -5.81 18.53 38.78
CA LYS A 18 -4.72 17.75 39.37
C LYS A 18 -4.05 18.45 40.56
N PRO A 19 -3.70 19.75 40.50
CA PRO A 19 -3.22 20.41 41.73
C PRO A 19 -4.34 20.57 42.74
N ASP A 20 -3.98 20.49 44.01
CA ASP A 20 -4.92 20.64 45.12
C ASP A 20 -4.91 22.09 45.56
N ILE A 21 -5.97 22.83 45.24
CA ILE A 21 -6.04 24.26 45.46
C ILE A 21 -7.22 24.57 46.36
N GLU A 22 -7.00 25.45 47.33
CA GLU A 22 -8.01 25.79 48.32
C GLU A 22 -9.11 26.64 47.69
N ARG A 23 -10.35 26.41 48.13
CA ARG A 23 -11.53 26.85 47.39
C ARG A 23 -11.75 28.35 47.42
N GLU A 24 -11.16 29.08 48.37
CA GLU A 24 -11.43 30.51 48.48
C GLU A 24 -10.90 31.28 47.28
N ARG A 25 -9.69 30.97 46.82
CA ARG A 25 -9.13 31.70 45.69
C ARG A 25 -9.78 31.31 44.37
N LEU A 26 -10.48 30.18 44.32
CA LEU A 26 -11.24 29.82 43.12
C LEU A 26 -12.53 30.63 43.01
N LYS A 27 -13.11 31.04 44.13
CA LYS A 27 -14.40 31.74 44.11
C LYS A 27 -14.29 33.16 43.60
N ALA A 28 -13.09 33.73 43.51
CA ALA A 28 -12.90 35.12 43.13
C ALA A 28 -12.08 35.26 41.86
N VAL A 29 -12.06 34.23 41.02
CA VAL A 29 -11.30 34.29 39.77
C VAL A 29 -12.00 35.23 38.80
N ASN A 30 -11.21 35.86 37.94
CA ASN A 30 -11.71 36.86 37.00
C ASN A 30 -11.58 36.39 35.55
N SER A 31 -10.38 36.03 35.12
CA SER A 31 -10.13 35.63 33.74
C SER A 31 -9.42 34.29 33.71
N ILE A 32 -9.73 33.50 32.70
CA ILE A 32 -9.17 32.16 32.53
C ILE A 32 -8.92 31.92 31.04
N ILE A 33 -7.77 31.32 30.73
CA ILE A 33 -7.42 30.92 29.36
C ILE A 33 -7.26 29.41 29.34
N SER A 34 -7.91 28.74 28.38
CA SER A 34 -7.87 27.29 28.23
C SER A 34 -7.01 26.91 27.04
N ILE A 35 -6.15 25.91 27.21
CA ILE A 35 -5.16 25.51 26.21
C ILE A 35 -5.38 24.06 25.83
N VAL A 36 -5.46 23.78 24.53
CA VAL A 36 -5.57 22.42 23.99
C VAL A 36 -4.44 22.21 23.00
N PHE A 37 -3.64 21.17 23.21
CA PHE A 37 -2.53 20.86 22.32
C PHE A 37 -2.99 19.94 21.18
N GLY A 38 -2.13 19.84 20.17
CA GLY A 38 -2.30 18.89 19.08
C GLY A 38 -0.96 18.49 18.55
N THR A 39 -0.97 17.62 17.56
CA THR A 39 0.26 17.21 16.88
C THR A 39 0.57 18.07 15.67
N ARG A 40 -0.34 18.98 15.30
CA ARG A 40 -0.09 19.92 14.22
C ARG A 40 -0.56 21.34 14.52
N ARG A 41 -1.16 21.59 15.68
CA ARG A 41 -1.63 22.93 16.01
C ARG A 41 -1.80 23.06 17.51
N ILE A 42 -2.00 24.31 17.95
CA ILE A 42 -2.37 24.65 19.31
C ILE A 42 -3.52 25.66 19.21
N ALA A 43 -4.33 25.73 20.26
CA ALA A 43 -5.43 26.68 20.28
C ALA A 43 -5.70 27.12 21.71
N TRP A 44 -6.35 28.28 21.85
CA TRP A 44 -6.63 28.86 23.14
C TRP A 44 -7.79 29.84 23.05
N ALA A 45 -8.43 30.09 24.18
CA ALA A 45 -9.57 31.00 24.26
C ALA A 45 -9.51 31.78 25.57
N HIS A 46 -10.23 32.90 25.62
CA HIS A 46 -10.22 33.79 26.76
C HIS A 46 -11.64 34.11 27.22
N LEU A 47 -11.81 34.22 28.54
CA LEU A 47 -13.11 34.49 29.15
C LEU A 47 -12.92 35.46 30.30
N ASP A 48 -13.99 36.17 30.67
CA ASP A 48 -13.87 37.30 31.58
C ASP A 48 -15.01 37.33 32.60
N ARG A 49 -15.41 36.16 33.09
CA ARG A 49 -16.32 35.96 34.23
C ARG A 49 -17.77 36.35 33.92
N LYS A 50 -17.99 36.99 32.77
CA LYS A 50 -19.33 37.26 32.27
C LYS A 50 -19.65 36.38 31.07
N LEU A 51 -18.89 35.30 30.91
CA LEU A 51 -18.96 34.40 29.76
C LEU A 51 -18.74 35.16 28.46
N THR A 52 -17.92 36.20 28.51
CA THR A 52 -17.68 37.07 27.37
C THR A 52 -16.38 36.66 26.69
N VAL A 53 -16.48 36.23 25.44
CA VAL A 53 -15.29 35.80 24.69
C VAL A 53 -14.65 37.01 24.04
N LEU A 54 -13.34 37.15 24.25
CA LEU A 54 -12.57 38.25 23.68
C LEU A 54 -11.46 37.78 22.76
N ASP A 55 -10.74 36.72 23.14
CA ASP A 55 -9.66 36.16 22.33
C ASP A 55 -9.91 34.67 22.14
N TRP A 56 -9.79 34.20 20.90
CA TRP A 56 -9.92 32.78 20.60
C TRP A 56 -9.21 32.53 19.27
N GLN A 57 -8.03 31.92 19.33
CA GLN A 57 -7.15 31.82 18.16
C GLN A 57 -6.46 30.47 18.13
N GLN A 58 -5.86 30.18 16.98
CA GLN A 58 -5.14 28.94 16.71
C GLN A 58 -3.73 29.27 16.21
N SER A 59 -2.92 28.23 16.03
CA SER A 59 -1.54 28.42 15.55
C SER A 59 -1.14 27.21 14.72
N ASP A 60 -1.03 27.40 13.41
CA ASP A 60 -0.69 26.36 12.46
C ASP A 60 0.72 26.55 11.92
N ARG A 61 1.09 25.69 10.96
CA ARG A 61 2.34 25.79 10.21
C ARG A 61 3.56 25.70 11.12
N TRP A 62 3.66 24.59 11.85
CA TRP A 62 4.76 24.35 12.76
C TRP A 62 5.98 23.81 12.02
N SER A 63 7.10 23.77 12.74
CA SER A 63 8.31 23.08 12.31
C SER A 63 8.58 21.84 13.15
N LEU A 64 7.67 21.48 14.06
CA LEU A 64 7.85 20.37 14.98
C LEU A 64 7.13 19.12 14.44
N MET A 65 7.41 18.00 15.11
CA MET A 65 6.87 16.68 14.74
C MET A 65 7.20 16.33 13.29
N ARG A 66 8.43 16.63 12.86
CA ARG A 66 8.89 16.28 11.53
C ARG A 66 10.17 15.45 11.58
N GLY A 67 10.44 14.79 12.70
CA GLY A 67 11.58 13.93 12.84
C GLY A 67 12.75 14.49 13.60
N ILE A 68 12.65 15.74 14.07
CA ILE A 68 13.71 16.38 14.85
C ILE A 68 13.13 16.83 16.17
N TYR A 69 13.74 16.39 17.27
CA TYR A 69 13.35 16.80 18.62
C TYR A 69 14.52 17.56 19.24
N SER A 70 14.57 18.86 18.97
CA SER A 70 15.61 19.72 19.52
C SER A 70 14.97 20.84 20.31
N SER A 71 15.53 21.13 21.48
CA SER A 71 14.91 22.07 22.41
C SER A 71 15.04 23.52 21.95
N SER A 72 15.92 23.80 20.99
CA SER A 72 16.09 25.18 20.51
C SER A 72 14.87 25.64 19.73
N VAL A 73 14.41 24.83 18.77
CA VAL A 73 13.25 25.22 17.98
C VAL A 73 11.97 25.17 18.82
N TYR A 74 11.93 24.27 19.81
CA TYR A 74 10.81 24.25 20.74
C TYR A 74 10.70 25.57 21.49
N LEU A 75 11.83 26.10 21.95
CA LEU A 75 11.81 27.30 22.76
C LEU A 75 11.53 28.53 21.91
N GLU A 76 11.96 28.53 20.65
CA GLU A 76 11.62 29.63 19.75
C GLU A 76 10.14 29.63 19.40
N GLU A 77 9.57 28.46 19.09
CA GLU A 77 8.16 28.37 18.75
C GLU A 77 7.26 28.71 19.93
N ILE A 78 7.60 28.20 21.12
CA ILE A 78 6.78 28.47 22.30
C ILE A 78 6.82 29.95 22.66
N SER A 79 7.99 30.57 22.54
CA SER A 79 8.11 31.99 22.87
C SER A 79 7.29 32.85 21.93
N SER A 80 7.23 32.47 20.64
CA SER A 80 6.39 33.20 19.69
C SER A 80 4.90 33.07 20.05
N ILE A 81 4.47 31.87 20.46
CA ILE A 81 3.08 31.66 20.80
C ILE A 81 2.72 32.39 22.09
N ILE A 82 3.59 32.33 23.10
CA ILE A 82 3.32 32.91 24.39
C ILE A 82 3.36 34.43 24.38
N SER A 83 3.91 35.03 23.31
CA SER A 83 3.99 36.47 23.21
C SER A 83 2.61 37.10 23.11
N LYS A 84 1.71 36.49 22.36
CA LYS A 84 0.37 37.05 22.15
C LYS A 84 -0.62 36.70 23.26
N MET A 85 -0.28 35.77 24.14
CA MET A 85 -1.21 35.37 25.20
C MET A 85 -1.22 36.43 26.30
N PRO A 86 -2.38 36.98 26.64
CA PRO A 86 -2.46 38.05 27.64
C PRO A 86 -2.40 37.51 29.06
N LYS A 87 -2.55 38.42 30.01
CA LYS A 87 -2.46 38.10 31.43
C LYS A 87 -3.81 37.63 31.97
N ALA A 88 -3.77 36.70 32.91
CA ALA A 88 -4.97 36.12 33.49
C ALA A 88 -4.65 35.55 34.85
N ASP A 89 -5.70 35.23 35.60
CA ASP A 89 -5.55 34.67 36.93
C ASP A 89 -5.16 33.19 36.90
N PHE A 90 -5.62 32.47 35.89
CA PHE A 90 -5.33 31.04 35.77
C PHE A 90 -5.21 30.67 34.31
N TYR A 91 -4.46 29.61 34.05
CA TYR A 91 -4.36 29.00 32.72
C TYR A 91 -4.69 27.52 32.87
N VAL A 92 -5.85 27.11 32.36
CA VAL A 92 -6.27 25.72 32.48
C VAL A 92 -5.81 24.96 31.25
N LEU A 93 -5.40 23.72 31.46
CA LEU A 93 -4.68 22.93 30.46
C LEU A 93 -5.38 21.59 30.27
N GLU A 94 -5.26 21.04 29.06
CA GLU A 94 -5.96 19.83 28.69
C GLU A 94 -5.06 18.61 28.90
N LYS A 95 -5.59 17.61 29.59
CA LYS A 95 -4.85 16.39 29.91
C LYS A 95 -5.58 15.20 29.31
N THR A 96 -4.81 14.29 28.69
CA THR A 96 -5.36 13.14 27.99
C THR A 96 -5.10 11.87 28.77
N GLY A 97 -5.60 10.76 28.24
CA GLY A 97 -5.49 9.46 28.87
C GLY A 97 -4.43 8.55 28.30
N LEU A 98 -3.55 9.05 27.43
CA LEU A 98 -2.43 8.25 26.94
C LEU A 98 -1.46 7.97 28.07
N SER A 99 -0.78 6.83 27.97
CA SER A 99 0.16 6.40 29.00
C SER A 99 1.41 5.85 28.33
N ILE A 100 2.40 5.53 29.16
CA ILE A 100 3.66 4.99 28.68
C ILE A 100 3.56 3.54 28.24
N GLN A 101 2.44 2.89 28.53
CA GLN A 101 2.34 1.44 28.30
C GLN A 101 2.18 1.09 26.82
N ASN A 102 1.68 2.02 26.01
CA ASN A 102 1.54 1.77 24.58
C ASN A 102 2.91 1.73 23.93
N SER A 103 3.21 0.63 23.23
CA SER A 103 4.50 0.51 22.55
C SER A 103 4.62 1.53 21.42
N SER A 104 3.57 1.66 20.62
CA SER A 104 3.49 2.73 19.65
C SER A 104 2.91 3.96 20.36
N LEU A 105 2.58 5.00 19.58
CA LEU A 105 1.99 6.24 20.08
C LEU A 105 2.90 6.97 21.07
N PHE A 106 4.17 6.59 21.14
CA PHE A 106 5.16 7.23 22.00
C PHE A 106 5.68 8.55 21.44
N PRO A 107 5.90 8.71 20.13
CA PRO A 107 6.20 10.06 19.62
C PRO A 107 5.13 11.09 19.91
N ILE A 108 3.85 10.70 19.90
CA ILE A 108 2.78 11.62 20.29
C ILE A 108 2.90 11.99 21.76
N LEU A 109 3.16 10.99 22.61
CA LEU A 109 3.27 11.24 24.04
C LEU A 109 4.51 12.09 24.36
N LEU A 110 5.62 11.83 23.66
CA LEU A 110 6.83 12.63 23.87
C LEU A 110 6.61 14.07 23.44
N HIS A 111 5.88 14.28 22.35
CA HIS A 111 5.57 15.64 21.91
C HIS A 111 4.68 16.36 22.91
N PHE A 112 3.72 15.66 23.51
CA PHE A 112 2.79 16.31 24.43
C PHE A 112 3.46 16.71 25.74
N HIS A 113 4.32 15.84 26.28
CA HIS A 113 4.93 16.12 27.57
C HIS A 113 5.93 17.27 27.49
N ILE A 114 6.63 17.40 26.36
CA ILE A 114 7.54 18.53 26.17
C ILE A 114 6.77 19.85 26.09
N MET A 115 5.66 19.86 25.34
CA MET A 115 4.83 21.06 25.24
C MET A 115 4.25 21.47 26.59
N GLU A 116 3.80 20.49 27.36
CA GLU A 116 3.23 20.78 28.68
C GLU A 116 4.27 21.33 29.64
N ALA A 117 5.45 20.72 29.68
CA ALA A 117 6.46 21.10 30.66
C ALA A 117 7.00 22.51 30.42
N MET A 118 7.23 22.86 29.17
CA MET A 118 7.77 24.18 28.86
C MET A 118 6.74 25.27 29.11
N LEU A 119 5.47 25.01 28.78
CA LEU A 119 4.40 25.95 29.11
C LEU A 119 4.14 26.03 30.60
N TYR A 120 4.50 24.98 31.34
CA TYR A 120 4.38 24.99 32.80
C TYR A 120 5.54 25.76 33.42
N ALA A 121 6.75 25.59 32.87
CA ALA A 121 7.91 26.31 33.37
C ALA A 121 7.84 27.80 33.00
N LEU A 122 7.52 28.11 31.75
CA LEU A 122 7.08 29.45 31.42
C LEU A 122 5.69 29.69 32.01
N LEU A 123 5.18 30.90 31.78
CA LEU A 123 3.80 31.29 32.02
C LEU A 123 3.43 31.27 33.50
N ASN A 124 4.33 30.86 34.37
CA ASN A 124 4.20 30.93 35.83
C ASN A 124 5.39 31.77 36.30
N LYS A 125 5.23 33.09 36.24
CA LYS A 125 6.36 33.99 36.32
C LYS A 125 6.91 34.13 37.73
N THR A 126 6.04 34.21 38.73
CA THR A 126 6.44 34.55 40.09
C THR A 126 6.56 33.33 40.99
N PHE A 127 6.72 32.14 40.42
CA PHE A 127 6.72 30.93 41.24
C PHE A 127 7.96 30.83 42.11
N ALA A 128 9.08 31.41 41.69
CA ALA A 128 10.32 31.30 42.44
C ALA A 128 10.31 32.10 43.73
N GLN A 129 9.33 32.98 43.92
CA GLN A 129 9.30 33.89 45.06
C GLN A 129 8.30 33.46 46.13
N ASP A 130 7.03 33.27 45.75
CA ASP A 130 5.99 32.97 46.72
C ASP A 130 5.43 31.55 46.63
N GLY A 131 5.69 30.84 45.54
CA GLY A 131 5.27 29.44 45.46
C GLY A 131 3.80 29.20 45.19
N GLN A 132 3.15 30.09 44.43
CA GLN A 132 1.74 29.94 44.08
C GLN A 132 1.62 29.38 42.68
N HIS A 133 0.86 28.30 42.53
CA HIS A 133 0.63 27.71 41.23
C HIS A 133 -0.41 28.49 40.45
N GLN A 134 -0.28 28.49 39.12
CA GLN A 134 -1.14 29.27 38.27
C GLN A 134 -1.48 28.56 36.96
N VAL A 135 -1.00 27.32 36.75
CA VAL A 135 -1.34 26.53 35.57
C VAL A 135 -1.73 25.13 36.05
N LEU A 136 -2.87 24.62 35.55
CA LEU A 136 -3.44 23.37 36.06
C LEU A 136 -4.10 22.60 34.93
N SER A 137 -4.32 21.30 35.17
CA SER A 137 -4.86 20.36 34.19
C SER A 137 -6.36 20.15 34.39
N MET A 138 -6.98 19.49 33.41
CA MET A 138 -8.39 19.13 33.50
C MET A 138 -8.66 17.92 32.63
N ASN A 139 -9.30 16.90 33.21
CA ASN A 139 -9.53 15.64 32.53
C ASN A 139 -10.58 15.81 31.44
N ARG A 140 -10.31 15.26 30.25
CA ARG A 140 -11.18 15.50 29.10
C ARG A 140 -12.47 14.68 29.16
N ASN A 141 -12.44 13.50 29.79
CA ASN A 141 -13.65 12.68 29.88
C ASN A 141 -14.71 13.36 30.75
N ALA A 142 -14.28 14.07 31.80
CA ALA A 142 -15.22 14.74 32.67
C ALA A 142 -15.92 15.89 31.96
N VAL A 143 -15.22 16.57 31.06
CA VAL A 143 -15.84 17.66 30.29
C VAL A 143 -16.88 17.10 29.33
N GLY A 144 -16.59 15.95 28.71
CA GLY A 144 -17.55 15.34 27.80
C GLY A 144 -18.78 14.82 28.51
N LYS A 145 -18.60 14.29 29.72
CA LYS A 145 -19.73 13.76 30.49
C LYS A 145 -20.65 14.88 30.97
N HIS A 146 -20.08 16.06 31.23
CA HIS A 146 -20.90 17.20 31.64
C HIS A 146 -21.87 17.62 30.55
N PHE A 147 -21.44 17.57 29.29
CA PHE A 147 -22.26 17.94 28.16
C PHE A 147 -22.92 16.74 27.47
N GLU A 148 -22.74 15.54 28.03
CA GLU A 148 -23.32 14.30 27.50
C GLU A 148 -22.87 14.03 26.07
N LEU A 149 -21.56 14.19 25.84
CA LEU A 149 -20.95 13.90 24.55
C LEU A 149 -20.22 12.56 24.54
N MET A 150 -20.57 11.68 25.47
CA MET A 150 -19.85 10.44 25.69
C MET A 150 -20.70 9.26 25.23
N ILE A 151 -20.12 8.40 24.39
CA ILE A 151 -20.80 7.20 23.92
C ILE A 151 -19.74 6.17 23.57
N GLY A 152 -19.96 4.93 24.00
CA GLY A 152 -19.03 3.85 23.72
C GLY A 152 -17.65 4.03 24.30
N ASP A 153 -17.59 4.58 25.53
CA ASP A 153 -16.32 4.86 26.22
C ASP A 153 -15.42 5.77 25.39
N SER A 154 -16.02 6.76 24.74
CA SER A 154 -15.28 7.68 23.90
C SER A 154 -16.04 8.99 23.84
N ARG A 155 -15.37 10.03 23.36
CA ARG A 155 -15.92 11.38 23.31
C ARG A 155 -16.12 11.79 21.85
N THR A 156 -17.27 12.38 21.56
CA THR A 156 -17.63 12.77 20.21
C THR A 156 -17.01 14.14 19.89
N SER A 157 -17.46 14.76 18.79
CA SER A 157 -16.81 15.97 18.31
C SER A 157 -17.21 17.19 19.13
N GLY A 158 -18.48 17.55 19.12
CA GLY A 158 -18.94 18.76 19.77
C GLY A 158 -19.03 19.97 18.89
N LYS A 159 -18.93 19.81 17.56
CA LYS A 159 -19.06 20.96 16.67
C LYS A 159 -20.49 21.50 16.63
N GLU A 160 -21.48 20.61 16.77
CA GLU A 160 -22.87 21.06 16.72
C GLU A 160 -23.25 21.89 17.95
N LEU A 161 -22.64 21.61 19.10
CA LEU A 161 -22.91 22.41 20.29
C LEU A 161 -22.41 23.83 20.13
N VAL A 162 -21.17 24.00 19.68
CA VAL A 162 -20.61 25.33 19.53
C VAL A 162 -21.22 26.03 18.32
N LYS A 163 -21.72 25.27 17.35
CA LYS A 163 -22.45 25.89 16.24
C LYS A 163 -23.74 26.52 16.73
N GLN A 164 -24.43 25.86 17.65
CA GLN A 164 -25.64 26.42 18.23
C GLN A 164 -25.34 27.67 19.06
N PHE A 165 -24.22 27.68 19.77
CA PHE A 165 -23.85 28.84 20.58
C PHE A 165 -23.56 30.05 19.71
N LEU A 166 -22.79 29.86 18.64
CA LEU A 166 -22.37 30.99 17.81
C LEU A 166 -23.51 31.51 16.94
N PHE A 167 -24.39 30.60 16.51
CA PHE A 167 -25.48 30.99 15.60
C PHE A 167 -26.77 31.21 16.37
N PRO A 175 -28.29 31.47 26.46
CA PRO A 175 -27.98 32.04 27.77
C PRO A 175 -26.81 31.33 28.45
N ARG A 176 -26.27 30.31 27.79
CA ARG A 176 -25.16 29.56 28.38
C ARG A 176 -23.88 30.37 28.35
N VAL A 177 -23.57 31.03 27.23
CA VAL A 177 -22.35 31.80 27.07
C VAL A 177 -22.67 33.10 26.36
N PHE A 178 -22.09 34.20 26.84
CA PHE A 178 -22.25 35.48 26.19
C PHE A 178 -21.36 35.57 24.96
N PHE A 179 -21.66 36.55 24.10
CA PHE A 179 -20.97 36.60 22.82
C PHE A 179 -21.01 38.03 22.27
N PRO A 180 -19.88 38.70 22.15
CA PRO A 180 -19.85 40.05 21.57
C PRO A 180 -19.86 39.98 20.05
N SER A 181 -19.96 41.15 19.43
CA SER A 181 -20.01 41.27 17.98
C SER A 181 -18.65 41.53 17.34
N ASP A 182 -17.59 41.61 18.13
CA ASP A 182 -16.28 41.92 17.58
C ASP A 182 -15.69 40.72 16.83
N LYS A 183 -15.83 39.53 17.39
CA LYS A 183 -15.22 38.32 16.83
C LYS A 183 -16.24 37.31 16.33
N ILE A 184 -17.50 37.71 16.17
CA ILE A 184 -18.53 36.76 15.73
C ILE A 184 -18.30 36.33 14.29
N VAL A 185 -17.95 37.28 13.42
CA VAL A 185 -17.71 36.95 12.02
C VAL A 185 -16.43 36.11 11.87
N HIS A 186 -15.44 36.34 12.73
CA HIS A 186 -14.21 35.56 12.68
C HIS A 186 -14.46 34.09 13.01
N TYR A 187 -15.26 33.83 14.04
CA TYR A 187 -15.51 32.44 14.45
C TYR A 187 -16.44 31.73 13.48
N ARG A 188 -17.41 32.46 12.91
CA ARG A 188 -18.26 31.87 11.88
C ARG A 188 -17.45 31.53 10.62
N GLN A 189 -16.43 32.35 10.32
CA GLN A 189 -15.48 31.96 9.29
C GLN A 189 -14.68 30.74 9.70
N MET A 190 -14.33 30.65 10.99
CA MET A 190 -13.67 29.45 11.49
C MET A 190 -14.60 28.24 11.43
N PHE A 191 -15.90 28.44 11.67
CA PHE A 191 -16.86 27.36 11.49
C PHE A 191 -16.94 26.92 10.02
N LEU A 192 -16.92 27.88 9.10
CA LEU A 192 -16.94 27.53 7.68
C LEU A 192 -15.66 26.81 7.27
N SER A 193 -14.52 27.21 7.84
CA SER A 193 -13.27 26.52 7.53
C SER A 193 -13.27 25.09 8.05
N THR A 194 -13.86 24.85 9.22
CA THR A 194 -13.96 23.49 9.73
C THR A 194 -15.02 22.67 9.01
N GLU A 195 -15.96 23.33 8.32
CA GLU A 195 -16.89 22.59 7.48
C GLU A 195 -16.15 21.90 6.34
N LEU A 196 -15.13 22.57 5.78
CA LEU A 196 -14.29 21.93 4.79
C LEU A 196 -13.38 20.89 5.43
N GLN A 197 -12.78 21.22 6.57
CA GLN A 197 -11.84 20.33 7.25
C GLN A 197 -11.91 20.61 8.74
N ARG A 198 -12.57 19.73 9.49
CA ARG A 198 -12.81 19.96 10.90
C ARG A 198 -11.56 19.69 11.73
N VAL A 199 -11.38 20.51 12.77
CA VAL A 199 -10.32 20.34 13.75
C VAL A 199 -10.91 20.52 15.14
N GLU A 200 -10.58 19.60 16.05
CA GLU A 200 -11.19 19.59 17.37
C GLU A 200 -10.39 20.33 18.43
N GLU A 201 -9.13 20.68 18.14
CA GLU A 201 -8.36 21.49 19.09
C GLU A 201 -8.97 22.87 19.26
N LEU A 202 -9.58 23.40 18.21
CA LEU A 202 -10.22 24.70 18.27
C LEU A 202 -11.57 24.64 18.98
N TYR A 203 -12.27 23.51 18.90
CA TYR A 203 -13.58 23.37 19.50
C TYR A 203 -13.55 22.96 20.96
N ASP A 204 -12.51 22.25 21.40
CA ASP A 204 -12.43 21.80 22.77
C ASP A 204 -12.12 22.92 23.75
N SER A 205 -11.66 24.08 23.26
CA SER A 205 -11.24 25.16 24.14
C SER A 205 -12.44 25.79 24.85
N LEU A 206 -13.51 26.08 24.10
CA LEU A 206 -14.70 26.68 24.71
C LEU A 206 -15.41 25.74 25.66
N LEU A 207 -15.48 24.45 25.32
CA LEU A 207 -16.17 23.49 26.18
C LEU A 207 -15.44 23.34 27.52
N GLN A 208 -14.10 23.34 27.49
CA GLN A 208 -13.33 23.25 28.73
C GLN A 208 -13.51 24.50 29.58
N ALA A 209 -13.52 25.69 28.97
CA ALA A 209 -13.68 26.93 29.72
C ALA A 209 -15.06 27.02 30.36
N ILE A 210 -16.11 26.63 29.62
CA ILE A 210 -17.46 26.69 30.17
C ILE A 210 -17.64 25.66 31.27
N ALA A 211 -17.06 24.47 31.10
CA ALA A 211 -17.12 23.46 32.15
C ALA A 211 -16.43 23.91 33.43
N PHE A 212 -15.41 24.77 33.30
CA PHE A 212 -14.68 25.24 34.47
C PHE A 212 -15.52 26.22 35.28
N TYR A 213 -16.14 27.20 34.60
CA TYR A 213 -17.04 28.15 35.27
C TYR A 213 -18.28 27.48 35.83
N GLU A 214 -18.58 26.24 35.46
CA GLU A 214 -19.79 25.60 35.92
C GLU A 214 -19.55 24.52 36.97
N LEU A 215 -18.31 24.04 37.11
CA LEU A 215 -17.98 23.05 38.13
C LEU A 215 -17.15 23.64 39.28
N ALA A 216 -16.01 24.25 38.97
CA ALA A 216 -15.15 24.76 40.04
C ALA A 216 -15.64 26.10 40.56
N VAL A 217 -16.12 26.97 39.68
CA VAL A 217 -16.64 28.28 40.04
C VAL A 217 -18.15 28.22 39.83
N PHE A 218 -18.86 29.17 40.44
CA PHE A 218 -20.30 29.38 40.24
C PHE A 218 -21.10 28.13 40.61
N ASP A 219 -20.88 27.68 41.84
CA ASP A 219 -21.56 26.48 42.35
C ASP A 219 -23.05 26.74 42.57
N ARG B 11 35.48 21.51 11.73
CA ARG B 11 34.99 20.15 11.51
C ARG B 11 34.36 19.60 12.78
N PHE B 12 34.78 20.13 13.92
CA PHE B 12 34.34 19.64 15.22
C PHE B 12 33.15 20.42 15.78
N LEU B 13 33.21 21.76 15.69
CA LEU B 13 32.22 22.61 16.36
C LEU B 13 30.82 22.43 15.81
N ARG B 14 30.67 21.93 14.59
CA ARG B 14 29.33 21.61 14.10
C ARG B 14 28.77 20.36 14.76
N LYS B 15 29.62 19.47 15.26
CA LYS B 15 29.18 18.29 15.98
C LYS B 15 29.47 18.34 17.47
N LEU B 16 30.25 19.32 17.92
CA LEU B 16 30.44 19.50 19.37
C LEU B 16 29.19 20.12 19.99
N LEU B 17 28.81 21.32 19.52
CA LEU B 17 27.72 22.09 20.11
C LEU B 17 26.49 22.01 19.21
N LYS B 18 25.36 21.60 19.78
CA LYS B 18 24.14 21.49 18.98
C LYS B 18 23.63 22.84 18.49
N PRO B 19 23.48 23.88 19.31
CA PRO B 19 23.09 25.18 18.76
C PRO B 19 24.25 25.88 18.07
N ASP B 20 23.91 26.84 17.22
CA ASP B 20 24.88 27.58 16.41
C ASP B 20 25.07 28.98 16.98
N ILE B 21 26.33 29.38 17.17
CA ILE B 21 26.68 30.68 17.72
C ILE B 21 27.95 31.17 17.04
N GLU B 22 28.20 32.48 17.15
CA GLU B 22 29.36 33.08 16.54
C GLU B 22 30.64 32.65 17.25
N ARG B 23 31.75 32.67 16.51
CA ARG B 23 33.03 32.26 17.07
C ARG B 23 33.62 33.33 17.98
N GLU B 24 33.36 34.60 17.70
CA GLU B 24 33.93 35.67 18.52
C GLU B 24 33.36 35.66 19.93
N ARG B 25 32.07 35.33 20.08
CA ARG B 25 31.48 35.25 21.41
C ARG B 25 32.06 34.09 22.20
N LEU B 26 32.36 32.98 21.54
CA LEU B 26 33.03 31.88 22.22
C LEU B 26 34.47 32.22 22.53
N LYS B 27 35.08 33.13 21.77
CA LYS B 27 36.44 33.55 22.05
C LYS B 27 36.54 34.34 23.34
N ALA B 28 35.51 35.13 23.67
CA ALA B 28 35.50 35.98 24.86
C ALA B 28 34.51 35.42 25.86
N VAL B 29 35.02 34.66 26.85
CA VAL B 29 34.20 34.11 27.92
C VAL B 29 34.86 34.45 29.25
N ASN B 30 34.09 34.34 30.32
CA ASN B 30 34.60 34.59 31.67
C ASN B 30 34.25 33.51 32.68
N SER B 31 33.19 32.73 32.48
CA SER B 31 32.78 31.68 33.41
C SER B 31 31.81 30.76 32.70
N ILE B 32 31.79 29.50 33.13
CA ILE B 32 30.81 28.53 32.63
C ILE B 32 30.29 27.73 33.81
N ILE B 33 29.02 27.33 33.73
CA ILE B 33 28.40 26.40 34.66
C ILE B 33 28.07 25.15 33.87
N SER B 34 28.58 24.00 34.32
CA SER B 34 28.38 22.75 33.62
C SER B 34 27.46 21.85 34.45
N ILE B 35 26.37 21.41 33.85
CA ILE B 35 25.31 20.66 34.53
C ILE B 35 25.17 19.31 33.87
N VAL B 36 25.15 18.25 34.68
CA VAL B 36 24.90 16.89 34.21
C VAL B 36 23.87 16.26 35.14
N PHE B 37 22.79 15.74 34.57
CA PHE B 37 21.71 15.15 35.36
C PHE B 37 21.62 13.64 35.14
N GLY B 38 20.90 13.00 36.05
CA GLY B 38 20.65 11.57 35.98
C GLY B 38 19.31 11.20 36.58
N THR B 39 19.13 9.90 36.90
CA THR B 39 17.85 9.44 37.44
C THR B 39 17.69 9.79 38.91
N ARG B 40 18.76 9.72 39.69
CA ARG B 40 18.68 9.87 41.14
C ARG B 40 18.99 11.28 41.64
N ARG B 41 19.96 11.96 41.02
CA ARG B 41 20.37 13.28 41.48
C ARG B 41 21.05 14.01 40.32
N ILE B 42 21.56 15.21 40.61
CA ILE B 42 22.32 16.00 39.65
C ILE B 42 23.57 16.53 40.35
N ALA B 43 24.42 17.18 39.55
CA ALA B 43 25.60 17.86 40.09
C ALA B 43 26.02 18.95 39.10
N TRP B 44 26.79 19.92 39.59
CA TRP B 44 27.29 20.99 38.74
C TRP B 44 28.58 21.55 39.32
N ALA B 45 29.30 22.30 38.48
CA ALA B 45 30.56 22.92 38.87
C ALA B 45 30.68 24.29 38.21
N HIS B 46 31.59 25.10 38.74
CA HIS B 46 31.80 26.48 38.30
C HIS B 46 33.27 26.72 38.02
N LEU B 47 33.55 27.46 36.94
CA LEU B 47 34.91 27.81 36.55
C LEU B 47 34.95 29.28 36.16
N ASP B 48 36.15 29.84 36.10
CA ASP B 48 36.32 31.29 35.99
C ASP B 48 37.40 31.67 34.98
N ARG B 49 37.34 31.09 33.78
CA ARG B 49 38.07 31.48 32.58
C ARG B 49 39.59 31.31 32.66
N LYS B 50 40.13 30.95 33.81
CA LYS B 50 41.55 30.64 33.95
C LYS B 50 41.74 29.22 34.48
N LEU B 51 40.71 28.39 34.35
CA LEU B 51 40.63 27.04 34.91
C LEU B 51 40.90 27.10 36.41
N THR B 52 39.95 27.68 37.13
CA THR B 52 39.97 27.77 38.58
C THR B 52 38.58 27.45 39.10
N VAL B 53 38.49 26.45 39.97
CA VAL B 53 37.20 26.01 40.49
C VAL B 53 36.71 26.99 41.54
N LEU B 54 35.40 27.18 41.60
CA LEU B 54 34.77 28.05 42.59
C LEU B 54 33.68 27.34 43.38
N ASP B 55 32.87 26.50 42.73
CA ASP B 55 31.79 25.79 43.39
C ASP B 55 31.66 24.41 42.77
N TRP B 56 31.29 23.42 43.61
CA TRP B 56 31.14 22.05 43.13
C TRP B 56 30.19 21.35 44.10
N GLN B 57 28.94 21.17 43.68
CA GLN B 57 27.87 20.67 44.54
C GLN B 57 27.10 19.56 43.85
N GLN B 58 26.20 18.94 44.62
CA GLN B 58 25.32 17.90 44.11
C GLN B 58 24.06 17.87 44.96
N SER B 59 23.01 17.26 44.42
CA SER B 59 21.74 17.14 45.14
C SER B 59 21.65 15.80 45.85
N ASP B 60 20.83 15.77 46.90
CA ASP B 60 20.76 14.57 47.76
C ASP B 60 19.83 13.51 47.19
N ARG B 61 18.54 13.84 47.07
CA ARG B 61 17.55 12.87 46.64
C ARG B 61 16.34 13.60 46.06
N TRP B 62 15.40 12.82 45.53
CA TRP B 62 14.20 13.33 44.86
C TRP B 62 12.98 12.56 45.29
N SER B 63 11.82 13.19 45.07
CA SER B 63 10.54 12.50 45.05
C SER B 63 10.08 12.21 43.63
N LEU B 64 10.95 12.41 42.65
CA LEU B 64 10.66 12.23 41.23
C LEU B 64 11.01 10.80 40.80
N MET B 65 10.52 10.43 39.62
CA MET B 65 10.82 9.15 38.97
C MET B 65 10.45 7.96 39.84
N ARG B 66 9.39 8.10 40.64
CA ARG B 66 8.84 6.99 41.43
C ARG B 66 7.34 6.97 41.16
N GLY B 67 6.95 6.35 40.05
CA GLY B 67 5.55 6.30 39.68
C GLY B 67 5.16 7.20 38.53
N ILE B 68 4.20 8.09 38.77
CA ILE B 68 3.59 8.90 37.73
C ILE B 68 4.45 10.13 37.40
N TYR B 69 4.13 10.80 36.30
CA TYR B 69 4.84 11.99 35.84
C TYR B 69 3.89 13.18 35.97
N SER B 70 4.31 14.18 36.74
CA SER B 70 3.50 15.38 36.97
C SER B 70 4.37 16.62 36.87
N SER B 71 3.84 17.67 36.25
CA SER B 71 4.63 18.88 36.03
C SER B 71 4.87 19.66 37.31
N SER B 72 3.96 19.53 38.29
CA SER B 72 4.07 20.33 39.51
C SER B 72 5.31 19.96 40.32
N VAL B 73 5.53 18.66 40.53
CA VAL B 73 6.70 18.23 41.31
C VAL B 73 7.99 18.55 40.55
N TYR B 74 7.95 18.45 39.22
CA TYR B 74 9.12 18.81 38.42
C TYR B 74 9.46 20.28 38.58
N LEU B 75 8.47 21.16 38.51
CA LEU B 75 8.72 22.58 38.68
C LEU B 75 9.21 22.90 40.09
N GLU B 76 8.62 22.26 41.10
CA GLU B 76 9.06 22.46 42.49
C GLU B 76 10.53 22.10 42.66
N GLU B 77 10.90 20.88 42.26
CA GLU B 77 12.28 20.42 42.45
C GLU B 77 13.27 21.25 41.63
N ILE B 78 12.92 21.54 40.37
CA ILE B 78 13.84 22.28 39.51
C ILE B 78 14.07 23.69 40.04
N SER B 79 13.01 24.38 40.46
CA SER B 79 13.17 25.72 41.01
C SER B 79 13.97 25.70 42.31
N SER B 80 13.70 24.71 43.18
CA SER B 80 14.41 24.63 44.44
C SER B 80 15.91 24.40 44.23
N ILE B 81 16.26 23.57 43.25
CA ILE B 81 17.68 23.36 42.97
C ILE B 81 18.31 24.59 42.33
N ILE B 82 17.63 25.19 41.35
CA ILE B 82 18.22 26.29 40.58
C ILE B 82 18.41 27.53 41.44
N SER B 83 17.59 27.70 42.48
CA SER B 83 17.71 28.89 43.34
C SER B 83 19.07 28.97 44.05
N LYS B 84 19.82 27.87 44.12
CA LYS B 84 21.13 27.87 44.75
C LYS B 84 22.27 28.07 43.76
N MET B 85 21.97 28.19 42.47
CA MET B 85 23.03 28.33 41.47
C MET B 85 23.65 29.73 41.51
N PRO B 86 24.94 29.85 41.25
CA PRO B 86 25.55 31.16 41.04
C PRO B 86 25.33 31.62 39.60
N LYS B 87 25.66 32.88 39.36
CA LYS B 87 25.45 33.52 38.07
C LYS B 87 26.72 33.43 37.24
N ALA B 88 26.58 33.00 35.98
CA ALA B 88 27.72 32.78 35.11
C ALA B 88 27.35 33.26 33.71
N ASP B 89 28.19 32.92 32.74
CA ASP B 89 28.02 33.40 31.38
C ASP B 89 27.30 32.39 30.49
N PHE B 90 27.80 31.15 30.44
CA PHE B 90 27.22 30.10 29.61
C PHE B 90 26.90 28.89 30.48
N TYR B 91 25.73 28.30 30.23
CA TYR B 91 25.31 27.07 30.88
C TYR B 91 25.39 25.94 29.88
N VAL B 92 26.17 24.91 30.19
CA VAL B 92 26.37 23.78 29.28
C VAL B 92 25.85 22.52 29.97
N LEU B 93 25.05 21.75 29.25
CA LEU B 93 24.44 20.54 29.77
C LEU B 93 24.61 19.42 28.76
N GLU B 94 24.72 18.20 29.27
CA GLU B 94 25.05 17.05 28.45
C GLU B 94 23.89 16.66 27.53
N LYS B 95 24.22 15.86 26.52
CA LYS B 95 23.24 15.35 25.57
C LYS B 95 23.55 13.89 25.30
N THR B 96 22.66 13.00 25.72
CA THR B 96 22.84 11.57 25.57
C THR B 96 22.10 11.08 24.35
N GLY B 97 22.77 10.28 23.52
CA GLY B 97 22.21 9.87 22.26
C GLY B 97 21.42 8.57 22.28
N LEU B 98 20.35 8.52 23.06
CA LEU B 98 19.44 7.39 23.02
C LEU B 98 18.53 7.50 21.79
N SER B 99 18.06 6.35 21.32
CA SER B 99 17.32 6.27 20.07
C SER B 99 15.83 6.09 20.35
N ILE B 100 15.01 6.75 19.53
CA ILE B 100 13.56 6.56 19.60
C ILE B 100 13.18 5.18 19.11
N GLN B 101 13.99 4.57 18.23
CA GLN B 101 13.65 3.30 17.61
C GLN B 101 13.65 2.15 18.61
N ASN B 102 14.44 2.24 19.68
CA ASN B 102 14.52 1.16 20.65
C ASN B 102 13.26 1.13 21.51
N SER B 103 12.58 -0.02 21.52
CA SER B 103 11.33 -0.15 22.28
C SER B 103 11.53 0.00 23.77
N SER B 104 12.72 -0.30 24.28
CA SER B 104 13.03 -0.09 25.68
C SER B 104 13.52 1.34 25.88
N LEU B 105 13.92 1.65 27.11
CA LEU B 105 14.53 2.94 27.48
C LEU B 105 13.61 4.12 27.21
N PHE B 106 12.30 3.92 27.33
CA PHE B 106 11.34 5.02 27.22
C PHE B 106 11.22 5.90 28.46
N PRO B 107 11.08 5.36 29.69
CA PRO B 107 10.95 6.26 30.85
C PRO B 107 12.14 7.18 31.07
N ILE B 108 13.37 6.68 30.89
CA ILE B 108 14.55 7.52 31.06
C ILE B 108 14.61 8.58 29.97
N LEU B 109 14.21 8.21 28.74
CA LEU B 109 14.21 9.19 27.65
C LEU B 109 13.20 10.30 27.90
N LEU B 110 12.01 9.93 28.37
CA LEU B 110 10.99 10.93 28.69
C LEU B 110 11.45 11.85 29.81
N HIS B 111 12.07 11.28 30.85
CA HIS B 111 12.61 12.09 31.94
C HIS B 111 13.68 13.05 31.45
N PHE B 112 14.59 12.56 30.60
CA PHE B 112 15.67 13.39 30.10
C PHE B 112 15.13 14.54 29.27
N HIS B 113 14.16 14.27 28.40
CA HIS B 113 13.62 15.33 27.56
C HIS B 113 12.82 16.35 28.38
N ILE B 114 12.06 15.89 29.37
CA ILE B 114 11.31 16.79 30.23
C ILE B 114 12.26 17.72 30.98
N MET B 115 13.33 17.15 31.56
CA MET B 115 14.26 17.98 32.32
C MET B 115 15.06 18.92 31.42
N GLU B 116 15.41 18.49 30.21
CA GLU B 116 16.06 19.39 29.27
C GLU B 116 15.17 20.57 28.92
N ALA B 117 13.89 20.31 28.65
CA ALA B 117 12.97 21.39 28.32
C ALA B 117 12.78 22.35 29.49
N MET B 118 12.64 21.82 30.70
CA MET B 118 12.49 22.67 31.88
C MET B 118 13.73 23.54 32.11
N LEU B 119 14.93 22.95 31.96
CA LEU B 119 16.15 23.71 32.18
C LEU B 119 16.36 24.79 31.12
N TYR B 120 16.09 24.45 29.85
CA TYR B 120 16.16 25.45 28.78
C TYR B 120 15.16 26.57 29.03
N ALA B 121 13.97 26.23 29.52
CA ALA B 121 12.94 27.24 29.76
C ALA B 121 13.32 28.16 30.91
N LEU B 122 13.80 27.61 32.01
CA LEU B 122 13.97 28.40 33.24
C LEU B 122 15.33 29.06 33.36
N LEU B 123 16.37 28.56 32.69
CA LEU B 123 17.70 29.15 32.83
C LEU B 123 17.98 30.22 31.79
N ASN B 124 17.37 30.13 30.61
CA ASN B 124 17.61 31.09 29.54
C ASN B 124 16.82 32.37 29.82
N LYS B 125 17.27 33.09 30.85
CA LYS B 125 16.62 34.32 31.24
C LYS B 125 16.86 35.42 30.22
N THR B 126 15.93 36.37 30.17
CA THR B 126 15.97 37.51 29.24
C THR B 126 16.06 37.07 27.78
N PHE B 127 15.44 35.92 27.45
CA PHE B 127 15.41 35.48 26.06
C PHE B 127 14.40 36.25 25.23
N ALA B 128 13.27 36.64 25.82
CA ALA B 128 12.23 37.32 25.07
C ALA B 128 12.71 38.68 24.55
N GLN B 129 13.53 39.36 25.35
CA GLN B 129 14.05 40.66 24.93
C GLN B 129 15.24 40.49 23.99
N ASP B 130 16.28 39.80 24.44
CA ASP B 130 17.48 39.54 23.65
C ASP B 130 17.47 38.08 23.24
N GLY B 131 17.49 37.83 21.93
CA GLY B 131 17.33 36.50 21.40
C GLY B 131 18.55 35.61 21.44
N GLN B 132 19.63 36.04 22.08
CA GLN B 132 20.85 35.23 22.10
C GLN B 132 20.68 34.01 22.98
N HIS B 133 21.08 32.85 22.46
CA HIS B 133 21.08 31.63 23.25
C HIS B 133 22.11 31.73 24.37
N GLN B 134 21.77 31.15 25.52
CA GLN B 134 22.67 31.11 26.65
C GLN B 134 22.90 29.71 27.19
N VAL B 135 22.20 28.70 26.69
CA VAL B 135 22.34 27.33 27.13
C VAL B 135 22.66 26.46 25.92
N LEU B 136 23.65 25.57 26.08
CA LEU B 136 24.21 24.82 24.96
C LEU B 136 24.25 23.34 25.30
N SER B 137 24.22 22.51 24.26
CA SER B 137 24.27 21.07 24.39
C SER B 137 25.55 20.55 23.75
N MET B 138 26.30 19.74 24.49
CA MET B 138 27.57 19.21 24.04
C MET B 138 27.48 17.70 23.85
N ASN B 139 28.14 17.20 22.82
CA ASN B 139 28.14 15.76 22.55
C ASN B 139 28.97 15.04 23.60
N ARG B 140 28.40 13.96 24.15
CA ARG B 140 29.09 13.21 25.18
C ARG B 140 30.21 12.35 24.60
N ASN B 141 29.97 11.75 23.42
CA ASN B 141 30.98 10.92 22.78
C ASN B 141 32.19 11.74 22.32
N ALA B 142 31.97 13.02 21.98
CA ALA B 142 33.09 13.87 21.61
C ALA B 142 34.04 14.10 22.78
N VAL B 143 33.50 14.38 23.96
CA VAL B 143 34.33 14.52 25.16
C VAL B 143 34.98 13.19 25.52
N GLY B 144 34.25 12.09 25.30
CA GLY B 144 34.83 10.78 25.55
C GLY B 144 36.03 10.49 24.65
N LYS B 145 35.95 10.89 23.38
CA LYS B 145 37.07 10.74 22.48
C LYS B 145 38.21 11.69 22.83
N HIS B 146 37.89 12.90 23.30
CA HIS B 146 38.93 13.84 23.69
C HIS B 146 39.72 13.32 24.89
N PHE B 147 39.02 12.76 25.88
CA PHE B 147 39.71 12.12 26.99
C PHE B 147 40.21 10.73 26.65
N GLU B 148 39.75 10.15 25.53
CA GLU B 148 40.21 8.85 25.02
C GLU B 148 39.96 7.71 26.01
N LEU B 149 38.88 7.80 26.79
CA LEU B 149 38.47 6.70 27.65
C LEU B 149 37.45 5.80 26.98
N MET B 150 37.07 6.11 25.74
CA MET B 150 36.06 5.33 25.03
C MET B 150 36.67 4.05 24.47
N ILE B 151 35.92 2.96 24.56
CA ILE B 151 36.35 1.67 24.02
C ILE B 151 35.76 1.48 22.62
N GLY B 152 35.10 2.53 22.12
CA GLY B 152 34.44 2.49 20.84
C GLY B 152 32.93 2.29 20.91
N ASP B 153 32.42 1.78 22.03
CA ASP B 153 30.99 1.61 22.23
C ASP B 153 30.47 2.20 23.54
N SER B 154 31.32 2.36 24.55
CA SER B 154 30.90 2.90 25.83
C SER B 154 32.08 3.58 26.50
N ARG B 155 31.78 4.42 27.48
CA ARG B 155 32.78 5.15 28.24
C ARG B 155 33.05 4.47 29.56
N THR B 156 34.28 4.63 30.05
CA THR B 156 34.70 4.03 31.31
C THR B 156 34.47 5.03 32.44
N SER B 157 34.95 4.69 33.63
CA SER B 157 34.80 5.59 34.78
C SER B 157 35.77 6.76 34.67
N GLY B 158 35.30 7.93 35.10
CA GLY B 158 36.11 9.13 35.03
C GLY B 158 36.73 9.54 36.35
N LYS B 159 36.74 8.63 37.32
CA LYS B 159 37.32 8.93 38.62
C LYS B 159 38.84 9.04 38.57
N GLU B 160 39.48 8.50 37.53
CA GLU B 160 40.94 8.53 37.45
C GLU B 160 41.47 9.94 37.31
N LEU B 161 40.84 10.76 36.45
CA LEU B 161 41.33 12.11 36.23
C LEU B 161 41.16 12.99 37.48
N VAL B 162 40.02 12.87 38.16
CA VAL B 162 39.81 13.67 39.36
C VAL B 162 40.61 13.13 40.54
N LYS B 163 40.99 11.86 40.52
CA LYS B 163 41.89 11.35 41.55
C LYS B 163 43.32 11.80 41.30
N GLN B 164 43.73 11.90 40.04
CA GLN B 164 45.08 12.38 39.72
C GLN B 164 45.21 13.88 39.93
N PHE B 165 44.20 14.65 39.53
CA PHE B 165 44.27 16.09 39.66
C PHE B 165 44.17 16.53 41.12
N LEU B 166 43.28 15.90 41.88
CA LEU B 166 43.07 16.25 43.28
C LEU B 166 43.22 15.01 44.14
N PHE B 167 44.01 15.11 45.21
CA PHE B 167 44.26 14.04 46.16
C PHE B 167 44.81 12.78 45.49
N PRO B 175 50.06 21.40 38.54
CA PRO B 175 50.33 22.84 38.64
C PRO B 175 49.34 23.67 37.83
N ARG B 176 48.77 23.08 36.79
CA ARG B 176 47.81 23.77 35.94
C ARG B 176 46.38 23.63 36.44
N VAL B 177 46.16 22.89 37.52
CA VAL B 177 44.80 22.72 38.06
C VAL B 177 44.30 24.03 38.65
N PHE B 178 45.19 24.80 39.26
CA PHE B 178 44.88 26.12 39.84
C PHE B 178 43.74 26.06 40.84
N PHE B 179 43.75 25.04 41.69
CA PHE B 179 42.79 24.94 42.78
C PHE B 179 43.05 26.05 43.80
N PRO B 180 42.05 26.85 44.14
CA PRO B 180 42.25 27.86 45.19
C PRO B 180 42.47 27.22 46.54
N SER B 181 43.29 27.88 47.36
CA SER B 181 43.73 27.28 48.62
C SER B 181 42.61 27.20 49.65
N ASP B 182 41.65 28.13 49.60
CA ASP B 182 40.60 28.15 50.61
C ASP B 182 39.62 26.99 50.44
N LYS B 183 39.43 26.52 49.21
CA LYS B 183 38.44 25.49 48.91
C LYS B 183 39.03 24.09 48.90
N ILE B 184 40.29 23.92 49.31
CA ILE B 184 40.92 22.60 49.28
C ILE B 184 40.29 21.68 50.31
N VAL B 185 40.11 22.17 51.54
CA VAL B 185 39.64 21.30 52.62
C VAL B 185 38.19 20.89 52.39
N HIS B 186 37.35 21.80 51.91
CA HIS B 186 35.94 21.47 51.67
C HIS B 186 35.79 20.50 50.51
N TYR B 187 36.57 20.71 49.44
CA TYR B 187 36.53 19.80 48.30
C TYR B 187 37.04 18.42 48.69
N ARG B 188 38.09 18.37 49.51
CA ARG B 188 38.62 17.09 49.98
C ARG B 188 37.63 16.37 50.88
N GLN B 189 36.94 17.11 51.75
CA GLN B 189 35.92 16.49 52.59
C GLN B 189 34.75 15.96 51.75
N MET B 190 34.37 16.70 50.71
CA MET B 190 33.33 16.24 49.81
C MET B 190 33.76 14.98 49.05
N PHE B 191 35.01 14.93 48.60
CA PHE B 191 35.51 13.80 47.84
C PHE B 191 35.82 12.59 48.73
N LEU B 192 35.97 12.80 50.03
CA LEU B 192 36.25 11.67 50.93
C LEU B 192 35.09 10.71 51.05
N SER B 193 33.88 11.11 50.66
CA SER B 193 32.70 10.26 50.71
C SER B 193 32.43 9.57 49.38
N THR B 194 33.48 9.30 48.60
CA THR B 194 33.32 8.67 47.29
C THR B 194 33.49 7.15 47.41
N GLU B 195 32.57 6.55 48.18
CA GLU B 195 32.57 5.10 48.35
C GLU B 195 31.16 4.50 48.30
N LEU B 196 30.14 5.31 48.01
CA LEU B 196 28.77 4.81 47.98
C LEU B 196 27.96 5.68 47.04
N GLN B 197 26.78 5.16 46.67
CA GLN B 197 25.75 5.79 45.84
C GLN B 197 26.18 5.97 44.39
N ARG B 198 27.42 5.61 44.03
CA ARG B 198 27.97 5.76 42.67
C ARG B 198 27.87 7.22 42.19
N VAL B 199 28.10 8.16 43.11
CA VAL B 199 28.03 9.57 42.78
C VAL B 199 29.24 10.01 41.96
N GLU B 200 30.32 9.23 41.96
CA GLU B 200 31.54 9.62 41.26
C GLU B 200 31.37 9.65 39.75
N GLU B 201 30.36 8.94 39.21
CA GLU B 201 30.08 9.04 37.79
C GLU B 201 29.55 10.41 37.41
N LEU B 202 28.90 11.11 38.35
CA LEU B 202 28.40 12.46 38.12
C LEU B 202 29.48 13.53 38.24
N TYR B 203 30.75 13.13 38.33
CA TYR B 203 31.88 14.05 38.36
C TYR B 203 32.39 14.40 36.97
N ASP B 204 31.66 14.01 35.93
CA ASP B 204 32.04 14.35 34.56
C ASP B 204 31.73 15.80 34.20
N SER B 205 31.05 16.53 35.09
CA SER B 205 30.77 17.94 34.83
C SER B 205 32.05 18.76 34.72
N LEU B 206 33.00 18.53 35.64
CA LEU B 206 34.28 19.24 35.59
C LEU B 206 35.07 18.86 34.35
N LEU B 207 35.02 17.58 33.97
CA LEU B 207 35.69 17.14 32.74
C LEU B 207 35.11 17.84 31.51
N GLN B 208 33.78 17.96 31.45
CA GLN B 208 33.15 18.64 30.32
C GLN B 208 33.51 20.13 30.30
N ALA B 209 33.60 20.74 31.48
CA ALA B 209 34.01 22.14 31.56
C ALA B 209 35.44 22.35 31.06
N ILE B 210 36.35 21.45 31.45
CA ILE B 210 37.73 21.51 30.96
C ILE B 210 37.77 21.34 29.45
N ALA B 211 36.96 20.41 28.92
CA ALA B 211 36.91 20.20 27.47
C ALA B 211 36.39 21.45 26.76
N PHE B 212 35.38 22.11 27.33
CA PHE B 212 34.86 23.33 26.71
C PHE B 212 35.91 24.43 26.68
N TYR B 213 36.64 24.63 27.79
CA TYR B 213 37.73 25.61 27.77
C TYR B 213 38.83 25.22 26.80
N GLU B 214 39.03 23.92 26.57
CA GLU B 214 40.07 23.49 25.64
C GLU B 214 39.63 23.53 24.19
N LEU B 215 38.33 23.69 23.92
CA LEU B 215 37.82 23.76 22.54
C LEU B 215 37.05 25.04 22.24
N ALA B 216 37.21 26.08 23.07
CA ALA B 216 36.56 27.35 22.76
C ALA B 216 37.51 28.54 22.79
N VAL B 217 38.50 28.53 23.68
CA VAL B 217 39.46 29.62 23.86
C VAL B 217 38.77 30.96 24.11
N SER C 109 -4.87 24.94 -14.14
CA SER C 109 -4.74 24.84 -12.70
C SER C 109 -5.81 23.94 -12.10
N GLY C 110 -6.08 24.12 -10.81
CA GLY C 110 -7.09 23.30 -10.15
C GLY C 110 -8.49 23.55 -10.65
N GLN C 111 -8.88 24.82 -10.80
CA GLN C 111 -10.22 25.14 -11.25
C GLN C 111 -10.44 24.75 -12.72
N GLN C 112 -9.40 24.93 -13.55
CA GLN C 112 -9.48 24.49 -14.94
C GLN C 112 -9.62 22.97 -15.02
N GLN C 113 -8.89 22.25 -14.18
CA GLN C 113 -9.03 20.80 -14.13
C GLN C 113 -10.43 20.40 -13.68
N ARG C 114 -10.98 21.12 -12.70
CA ARG C 114 -12.32 20.81 -12.22
C ARG C 114 -13.37 21.02 -13.30
N LEU C 115 -13.28 22.14 -14.02
CA LEU C 115 -14.24 22.39 -15.10
C LEU C 115 -14.07 21.42 -16.26
N LEU C 116 -12.83 21.09 -16.63
CA LEU C 116 -12.61 20.12 -17.69
C LEU C 116 -13.17 18.75 -17.32
N ALA C 117 -12.92 18.32 -16.08
CA ALA C 117 -13.48 17.05 -15.61
C ALA C 117 -15.00 17.09 -15.58
N PHE C 118 -15.57 18.20 -15.12
CA PHE C 118 -17.03 18.31 -15.03
C PHE C 118 -17.67 18.23 -16.41
N PHE C 119 -17.10 18.94 -17.39
CA PHE C 119 -17.71 18.95 -18.72
C PHE C 119 -17.50 17.63 -19.44
N LYS C 120 -16.29 17.04 -19.31
CA LYS C 120 -16.03 15.74 -19.91
C LYS C 120 -16.89 14.65 -19.31
N CYS C 121 -17.19 14.74 -18.00
CA CYS C 121 -18.09 13.77 -17.39
C CYS C 121 -19.53 13.98 -17.85
N CYS C 122 -20.00 15.23 -17.80
CA CYS C 122 -21.42 15.48 -18.06
C CYS C 122 -21.78 15.34 -19.53
N LEU C 123 -20.80 15.41 -20.45
CA LEU C 123 -21.12 15.05 -21.82
C LEU C 123 -21.34 13.54 -21.96
N LEU C 124 -20.69 12.74 -21.11
CA LEU C 124 -20.90 11.30 -21.12
C LEU C 124 -22.20 10.91 -20.43
N THR C 125 -22.62 11.66 -19.41
CA THR C 125 -23.82 11.33 -18.65
C THR C 125 -25.10 11.84 -19.28
N ASP C 126 -25.03 12.34 -20.52
CA ASP C 126 -26.17 12.93 -21.22
C ASP C 126 -26.80 14.07 -20.42
N GLN C 127 -25.96 14.84 -19.72
CA GLN C 127 -26.39 15.98 -18.93
C GLN C 127 -25.84 17.30 -19.47
N LEU C 128 -25.34 17.31 -20.70
CA LEU C 128 -24.89 18.55 -21.32
C LEU C 128 -25.99 19.61 -21.47
N PRO C 129 -27.23 19.29 -21.87
CA PRO C 129 -28.28 20.32 -21.82
C PRO C 129 -28.53 20.86 -20.42
N LEU C 130 -28.33 20.04 -19.39
CA LEU C 130 -28.46 20.52 -18.02
C LEU C 130 -27.25 21.35 -17.60
N ALA C 131 -26.06 21.01 -18.09
CA ALA C 131 -24.83 21.68 -17.69
C ALA C 131 -24.46 22.83 -18.63
N HIS C 132 -25.31 23.16 -19.59
CA HIS C 132 -25.05 24.30 -20.48
C HIS C 132 -25.16 25.64 -19.76
N HIS C 133 -25.71 25.68 -18.54
CA HIS C 133 -25.84 26.91 -17.77
C HIS C 133 -24.68 27.12 -16.81
N LEU C 134 -23.50 26.57 -17.11
CA LEU C 134 -22.31 26.78 -16.31
C LEU C 134 -21.23 27.55 -17.05
N LEU C 135 -20.87 27.11 -18.27
CA LEU C 135 -19.84 27.80 -19.04
C LEU C 135 -20.31 29.19 -19.45
N VAL C 136 -21.60 29.35 -19.72
CA VAL C 136 -22.15 30.67 -20.06
C VAL C 136 -21.97 31.63 -18.89
N VAL C 137 -22.38 31.20 -17.70
CA VAL C 137 -22.31 32.06 -16.52
C VAL C 137 -20.86 32.34 -16.15
N HIS C 138 -19.98 31.35 -16.32
CA HIS C 138 -18.57 31.55 -15.99
C HIS C 138 -17.91 32.49 -16.99
N HIS C 139 -18.27 32.42 -18.26
CA HIS C 139 -17.73 33.36 -19.25
C HIS C 139 -18.28 34.75 -19.05
N GLY C 140 -19.51 34.86 -18.52
CA GLY C 140 -20.02 36.17 -18.14
C GLY C 140 -19.20 36.84 -17.05
N GLN C 141 -18.59 36.04 -16.18
CA GLN C 141 -17.67 36.58 -15.18
C GLN C 141 -16.41 37.11 -15.86
N ARG C 142 -15.94 38.27 -15.38
CA ARG C 142 -14.83 38.96 -16.03
C ARG C 142 -13.49 38.41 -15.58
N GLN C 143 -13.21 38.44 -14.27
CA GLN C 143 -11.92 38.01 -13.77
C GLN C 143 -11.74 36.50 -13.83
N LYS C 144 -12.83 35.74 -13.89
CA LYS C 144 -12.77 34.29 -13.91
C LYS C 144 -12.79 33.72 -15.32
N ARG C 145 -12.73 34.56 -16.35
CA ARG C 145 -12.75 34.09 -17.73
C ARG C 145 -11.45 33.42 -18.16
N LYS C 146 -10.40 33.52 -17.37
CA LYS C 146 -9.17 32.82 -17.68
C LYS C 146 -9.32 31.32 -17.45
N LEU C 147 -8.47 30.54 -18.12
CA LEU C 147 -8.49 29.08 -18.06
C LEU C 147 -9.86 28.51 -18.43
N LEU C 148 -10.46 29.08 -19.48
CA LEU C 148 -11.82 28.70 -19.87
C LEU C 148 -11.87 28.29 -21.34
N THR C 149 -10.94 28.77 -22.14
CA THR C 149 -10.92 28.48 -23.57
C THR C 149 -9.87 27.42 -23.91
N LEU C 150 -9.32 26.75 -22.91
CA LEU C 150 -8.17 25.89 -23.13
C LEU C 150 -8.55 24.57 -23.81
N ASP C 151 -9.35 23.74 -23.12
CA ASP C 151 -9.63 22.41 -23.65
C ASP C 151 -11.07 21.97 -23.41
N MET C 152 -11.99 22.90 -23.11
CA MET C 152 -13.35 22.52 -22.81
C MET C 152 -14.38 22.98 -23.83
N TYR C 153 -14.02 23.91 -24.72
CA TYR C 153 -14.94 24.30 -25.79
C TYR C 153 -15.14 23.17 -26.78
N ASN C 154 -14.07 22.43 -27.10
CA ASN C 154 -14.21 21.26 -27.96
C ASN C 154 -14.96 20.15 -27.26
N ALA C 155 -14.92 20.11 -25.92
CA ALA C 155 -15.66 19.10 -25.17
C ALA C 155 -17.17 19.30 -25.32
N VAL C 156 -17.65 20.52 -25.10
CA VAL C 156 -19.07 20.81 -25.28
C VAL C 156 -19.45 20.74 -26.76
N MET C 157 -18.51 21.06 -27.66
CA MET C 157 -18.77 20.89 -29.09
C MET C 157 -18.99 19.43 -29.45
N LEU C 158 -18.14 18.54 -28.94
CA LEU C 158 -18.30 17.11 -29.18
C LEU C 158 -19.58 16.58 -28.54
N GLY C 159 -19.90 17.05 -27.34
CA GLY C 159 -21.13 16.64 -26.69
C GLY C 159 -22.37 17.07 -27.45
N TRP C 160 -22.34 18.28 -28.02
CA TRP C 160 -23.42 18.72 -28.89
C TRP C 160 -23.45 17.92 -30.19
N ALA C 161 -22.30 17.45 -30.65
CA ALA C 161 -22.25 16.62 -31.84
C ALA C 161 -22.67 15.17 -31.58
N ARG C 162 -22.74 14.76 -30.31
CA ARG C 162 -23.18 13.40 -30.00
C ARG C 162 -24.64 13.20 -30.39
N GLN C 163 -25.49 14.16 -30.08
CA GLN C 163 -26.93 14.05 -30.31
C GLN C 163 -27.39 15.14 -31.29
N GLY C 164 -28.65 15.05 -31.69
CA GLY C 164 -29.19 16.02 -32.62
C GLY C 164 -29.48 17.35 -31.94
N ALA C 165 -29.44 18.41 -32.74
CA ALA C 165 -29.67 19.76 -32.24
C ALA C 165 -30.16 20.63 -33.38
N PHE C 166 -30.76 21.76 -33.02
CA PHE C 166 -31.31 22.72 -33.98
C PHE C 166 -30.81 24.11 -33.61
N LYS C 167 -29.80 24.59 -34.35
CA LYS C 167 -29.22 25.92 -34.16
C LYS C 167 -28.71 26.12 -32.74
N GLU C 168 -28.12 25.08 -32.17
CA GLU C 168 -27.56 25.14 -30.83
C GLU C 168 -26.05 25.38 -30.82
N LEU C 169 -25.37 25.15 -31.93
CA LEU C 169 -23.94 25.34 -32.02
C LEU C 169 -23.55 26.75 -32.44
N VAL C 170 -24.52 27.62 -32.70
CA VAL C 170 -24.20 29.00 -33.06
C VAL C 170 -23.61 29.74 -31.86
N TYR C 171 -24.12 29.45 -30.66
CA TYR C 171 -23.62 30.10 -29.45
C TYR C 171 -22.17 29.71 -29.17
N VAL C 172 -21.81 28.44 -29.39
CA VAL C 172 -20.44 27.99 -29.18
C VAL C 172 -19.49 28.71 -30.13
N LEU C 173 -19.87 28.82 -31.40
CA LEU C 173 -19.03 29.52 -32.38
C LEU C 173 -18.92 31.00 -32.04
N PHE C 174 -20.02 31.61 -31.58
CA PHE C 174 -19.99 33.03 -31.21
C PHE C 174 -19.06 33.27 -30.03
N MET C 175 -19.12 32.39 -29.01
CA MET C 175 -18.25 32.56 -27.85
C MET C 175 -16.79 32.30 -28.21
N VAL C 176 -16.53 31.35 -29.10
CA VAL C 176 -15.17 31.11 -29.56
C VAL C 176 -14.63 32.32 -30.32
N LYS C 177 -15.46 32.91 -31.18
CA LYS C 177 -15.05 34.10 -31.93
C LYS C 177 -14.80 35.29 -30.99
N ASP C 178 -15.65 35.45 -29.96
CA ASP C 178 -15.44 36.51 -29.00
C ASP C 178 -14.16 36.29 -28.20
N ALA C 179 -13.87 35.05 -27.84
CA ALA C 179 -12.61 34.74 -27.15
C ALA C 179 -11.41 34.90 -28.07
N GLY C 180 -11.60 34.81 -29.38
CA GLY C 180 -10.51 34.96 -30.33
C GLY C 180 -9.47 33.86 -30.30
N LEU C 181 -9.89 32.61 -30.15
CA LEU C 181 -8.98 31.48 -30.19
C LEU C 181 -9.20 30.68 -31.47
N THR C 182 -8.25 29.79 -31.74
CA THR C 182 -8.30 28.98 -32.95
C THR C 182 -9.27 27.82 -32.76
N PRO C 183 -10.28 27.67 -33.63
CA PRO C 183 -11.16 26.49 -33.55
C PRO C 183 -10.44 25.17 -33.79
N ASP C 184 -9.28 25.19 -34.45
CA ASP C 184 -8.39 24.04 -34.61
C ASP C 184 -9.05 22.89 -35.37
N LEU C 185 -10.04 23.20 -36.22
CA LEU C 185 -10.74 22.23 -37.06
C LEU C 185 -11.42 21.13 -36.25
N LEU C 186 -11.95 21.49 -35.08
CA LEU C 186 -12.80 20.59 -34.31
C LEU C 186 -14.23 21.09 -34.16
N SER C 187 -14.45 22.41 -34.20
CA SER C 187 -15.81 22.92 -34.17
C SER C 187 -16.54 22.67 -35.48
N TYR C 188 -15.80 22.70 -36.60
CA TYR C 188 -16.40 22.40 -37.89
C TYR C 188 -16.88 20.96 -37.96
N ALA C 189 -16.13 20.03 -37.34
CA ALA C 189 -16.57 18.64 -37.28
C ALA C 189 -17.87 18.51 -36.51
N ALA C 190 -18.00 19.24 -35.40
CA ALA C 190 -19.24 19.23 -34.64
C ALA C 190 -20.39 19.84 -35.43
N ALA C 191 -20.12 20.91 -36.19
CA ALA C 191 -21.15 21.50 -37.03
C ALA C 191 -21.62 20.54 -38.12
N LEU C 192 -20.69 19.84 -38.75
CA LEU C 192 -21.05 18.83 -39.74
C LEU C 192 -21.82 17.68 -39.11
N GLN C 193 -21.44 17.27 -37.90
CA GLN C 193 -22.14 16.18 -37.22
C GLN C 193 -23.56 16.57 -36.86
N CYS C 194 -23.76 17.80 -36.36
CA CYS C 194 -25.12 18.24 -36.02
C CYS C 194 -25.91 18.70 -37.23
N MET C 195 -25.28 18.82 -38.40
CA MET C 195 -26.01 19.17 -39.61
C MET C 195 -26.99 18.07 -40.03
N GLY C 196 -26.73 16.83 -39.64
CA GLY C 196 -27.65 15.74 -39.90
C GLY C 196 -28.85 15.78 -38.97
N ARG C 197 -29.76 14.82 -39.19
CA ARG C 197 -31.02 14.69 -38.45
C ARG C 197 -31.88 15.95 -38.55
N GLN C 198 -31.72 16.70 -39.64
CA GLN C 198 -32.45 17.94 -39.83
C GLN C 198 -32.44 18.27 -41.31
N ASP C 199 -33.52 18.90 -41.78
CA ASP C 199 -33.61 19.30 -43.18
C ASP C 199 -32.61 20.41 -43.46
N GLN C 200 -31.84 20.25 -44.54
CA GLN C 200 -30.81 21.20 -44.93
C GLN C 200 -31.20 21.86 -46.24
N ASP C 201 -31.20 23.19 -46.25
CA ASP C 201 -31.52 23.96 -47.44
C ASP C 201 -30.28 24.31 -48.27
N ALA C 202 -29.11 23.80 -47.87
CA ALA C 202 -27.82 24.08 -48.53
C ALA C 202 -27.54 25.58 -48.60
N GLY C 203 -27.93 26.30 -47.56
CA GLY C 203 -27.71 27.73 -47.50
C GLY C 203 -26.29 28.09 -47.10
N THR C 204 -25.59 28.76 -48.02
CA THR C 204 -24.18 29.18 -47.84
C THR C 204 -23.28 28.00 -47.52
N ILE C 205 -23.62 26.82 -48.02
CA ILE C 205 -22.78 25.64 -47.81
C ILE C 205 -21.48 25.78 -48.59
N GLU C 206 -21.53 26.43 -49.76
CA GLU C 206 -20.31 26.70 -50.51
C GLU C 206 -19.38 27.61 -49.73
N ARG C 207 -19.94 28.58 -49.00
CA ARG C 207 -19.13 29.42 -48.13
C ARG C 207 -18.48 28.62 -47.02
N CYS C 208 -19.21 27.65 -46.45
CA CYS C 208 -18.64 26.79 -45.43
C CYS C 208 -17.52 25.93 -45.98
N LEU C 209 -17.71 25.41 -47.20
CA LEU C 209 -16.66 24.60 -47.82
C LEU C 209 -15.44 25.45 -48.15
N GLU C 210 -15.65 26.70 -48.58
CA GLU C 210 -14.53 27.60 -48.83
C GLU C 210 -13.79 27.92 -47.54
N GLN C 211 -14.52 28.13 -46.44
CA GLN C 211 -13.89 28.36 -45.14
C GLN C 211 -13.10 27.15 -44.69
N MET C 212 -13.60 25.94 -44.99
CA MET C 212 -12.84 24.73 -44.73
C MET C 212 -11.57 24.69 -45.58
N SER C 213 -11.68 25.07 -46.86
CA SER C 213 -10.52 25.03 -47.75
C SER C 213 -9.53 26.15 -47.42
N GLN C 214 -10.02 27.28 -46.92
CA GLN C 214 -9.15 28.40 -46.59
C GLN C 214 -8.64 28.26 -45.16
N GLU C 215 -7.91 29.28 -44.71
CA GLU C 215 -7.35 29.37 -43.35
C GLU C 215 -6.42 28.20 -43.04
N GLY C 216 -5.78 27.64 -44.07
CA GLY C 216 -4.78 26.61 -43.87
C GLY C 216 -5.32 25.25 -43.47
N LEU C 217 -6.62 25.02 -43.57
CA LEU C 217 -7.23 23.76 -43.18
C LEU C 217 -7.44 22.88 -44.41
N LYS C 218 -7.23 21.59 -44.24
CA LYS C 218 -7.41 20.62 -45.32
C LYS C 218 -8.21 19.43 -44.80
N LEU C 219 -8.92 18.79 -45.72
CA LEU C 219 -9.73 17.62 -45.38
C LEU C 219 -8.85 16.38 -45.30
N GLN C 220 -9.47 15.21 -45.19
CA GLN C 220 -8.83 13.90 -45.12
C GLN C 220 -7.92 13.75 -43.91
N ALA C 221 -8.02 14.65 -42.93
CA ALA C 221 -7.21 14.56 -41.71
C ALA C 221 -8.00 14.79 -40.43
N LEU C 222 -9.14 15.48 -40.48
CA LEU C 222 -9.93 15.71 -39.27
C LEU C 222 -10.74 14.48 -38.86
N PHE C 223 -10.89 13.51 -39.75
CA PHE C 223 -11.67 12.32 -39.42
C PHE C 223 -11.00 11.51 -38.32
N THR C 224 -9.67 11.51 -38.29
CA THR C 224 -8.91 10.85 -37.23
C THR C 224 -8.43 11.81 -36.15
N ALA C 225 -8.25 13.09 -36.48
CA ALA C 225 -7.76 14.05 -35.50
C ALA C 225 -8.83 14.41 -34.47
N VAL C 226 -10.06 14.65 -34.93
CA VAL C 226 -11.14 14.98 -34.00
C VAL C 226 -11.51 13.76 -33.17
N LEU C 227 -11.49 12.58 -33.78
CA LEU C 227 -11.77 11.29 -33.11
C LEU C 227 -13.18 11.28 -32.49
N LEU C 228 -14.17 11.38 -33.37
CA LEU C 228 -15.57 11.29 -32.96
C LEU C 228 -15.98 9.81 -32.87
N SER C 229 -17.26 9.57 -32.63
CA SER C 229 -17.78 8.21 -32.65
C SER C 229 -17.97 7.73 -34.08
N GLU C 230 -18.25 6.43 -34.22
CA GLU C 230 -18.49 5.86 -35.54
C GLU C 230 -19.76 6.44 -36.16
N GLU C 231 -20.81 6.63 -35.36
CA GLU C 231 -22.05 7.22 -35.86
C GLU C 231 -21.84 8.66 -36.31
N ASP C 232 -21.10 9.45 -35.51
CA ASP C 232 -20.83 10.83 -35.88
C ASP C 232 -19.95 10.91 -37.12
N ARG C 233 -18.94 10.04 -37.22
CA ARG C 233 -18.09 10.02 -38.40
C ARG C 233 -18.89 9.63 -39.65
N ALA C 234 -19.78 8.66 -39.52
CA ALA C 234 -20.63 8.27 -40.63
C ALA C 234 -21.57 9.41 -41.05
N THR C 235 -22.12 10.13 -40.08
CA THR C 235 -23.00 11.26 -40.39
C THR C 235 -22.23 12.37 -41.09
N VAL C 236 -21.01 12.66 -40.64
CA VAL C 236 -20.18 13.69 -41.27
C VAL C 236 -19.83 13.28 -42.70
N LEU C 237 -19.48 12.00 -42.89
CA LEU C 237 -19.16 11.52 -44.24
C LEU C 237 -20.37 11.59 -45.15
N LYS C 238 -21.56 11.26 -44.62
CA LYS C 238 -22.78 11.37 -45.42
C LYS C 238 -23.08 12.82 -45.79
N ALA C 239 -22.92 13.74 -44.84
CA ALA C 239 -23.16 15.15 -45.14
C ALA C 239 -22.15 15.70 -46.14
N VAL C 240 -20.92 15.20 -46.10
CA VAL C 240 -19.91 15.62 -47.08
C VAL C 240 -20.27 15.07 -48.46
N HIS C 241 -20.62 13.77 -48.53
CA HIS C 241 -20.90 13.15 -49.81
C HIS C 241 -22.22 13.62 -50.42
N LYS C 242 -23.11 14.19 -49.62
CA LYS C 242 -24.36 14.73 -50.16
C LYS C 242 -24.13 15.94 -51.06
N VAL C 243 -23.01 16.64 -50.90
CA VAL C 243 -22.68 17.79 -51.72
C VAL C 243 -21.54 17.48 -52.68
N LYS C 244 -20.41 16.97 -52.16
CA LYS C 244 -19.23 16.66 -52.96
C LYS C 244 -18.93 15.17 -52.80
N PRO C 245 -19.40 14.32 -53.72
CA PRO C 245 -19.19 12.87 -53.57
C PRO C 245 -17.84 12.38 -54.08
N THR C 246 -16.96 13.27 -54.52
CA THR C 246 -15.68 12.84 -55.07
C THR C 246 -14.70 12.41 -53.99
N PHE C 247 -14.77 13.00 -52.81
CA PHE C 247 -13.79 12.76 -51.75
C PHE C 247 -14.24 11.57 -50.90
N SER C 248 -13.40 10.53 -50.86
CA SER C 248 -13.64 9.36 -50.03
C SER C 248 -12.34 8.59 -49.90
N LEU C 249 -12.06 8.11 -48.69
CA LEU C 249 -10.81 7.39 -48.44
C LEU C 249 -11.07 6.10 -47.68
N PRO C 250 -10.30 5.06 -47.95
CA PRO C 250 -10.37 3.84 -47.13
C PRO C 250 -9.35 3.89 -46.01
N PRO C 251 -9.70 3.37 -44.83
CA PRO C 251 -8.73 3.35 -43.72
C PRO C 251 -7.51 2.49 -44.01
N GLN C 252 -7.74 1.22 -44.32
CA GLN C 252 -6.67 0.30 -44.71
C GLN C 252 -7.30 -0.91 -45.38
N LEU C 253 -6.85 -1.22 -46.59
CA LEU C 253 -7.35 -2.40 -47.29
C LEU C 253 -6.68 -3.69 -46.81
N PRO C 254 -5.35 -3.78 -46.70
CA PRO C 254 -4.78 -5.00 -46.12
C PRO C 254 -4.51 -4.84 -44.63
N PRO C 255 -4.79 -5.87 -43.83
CA PRO C 255 -4.43 -5.81 -42.41
C PRO C 255 -2.93 -5.93 -42.25
N PRO C 256 -2.35 -5.28 -41.23
CA PRO C 256 -0.91 -5.43 -40.99
C PRO C 256 -0.56 -6.81 -40.45
N VAL C 257 0.55 -7.34 -40.94
CA VAL C 257 1.03 -8.67 -40.58
C VAL C 257 2.49 -8.56 -40.15
N ASN C 258 2.83 -9.21 -39.04
CA ASN C 258 4.19 -9.15 -38.50
C ASN C 258 5.19 -9.80 -39.45
N THR C 259 6.42 -9.26 -39.44
CA THR C 259 7.45 -9.69 -40.38
C THR C 259 8.74 -10.08 -39.65
N SER C 260 8.72 -10.14 -38.32
CA SER C 260 9.92 -10.46 -37.56
C SER C 260 10.36 -11.90 -37.80
N LYS C 261 11.64 -12.16 -37.53
CA LYS C 261 12.22 -13.46 -37.84
C LYS C 261 11.73 -14.54 -36.90
N LEU C 262 11.55 -14.21 -35.62
CA LEU C 262 11.08 -15.20 -34.65
C LEU C 262 9.60 -15.46 -34.76
N LEU C 263 8.84 -14.59 -35.42
CA LEU C 263 7.40 -14.73 -35.55
C LEU C 263 6.97 -14.91 -37.01
N ARG C 264 7.88 -15.36 -37.87
CA ARG C 264 7.55 -15.50 -39.29
C ARG C 264 6.70 -16.74 -39.55
N ASP C 265 6.94 -17.83 -38.83
CA ASP C 265 6.25 -19.08 -39.11
C ASP C 265 4.81 -19.09 -38.59
N VAL C 266 4.54 -18.35 -37.51
CA VAL C 266 3.20 -18.34 -36.92
C VAL C 266 2.20 -17.69 -37.87
N TYR C 267 2.58 -16.57 -38.48
CA TYR C 267 1.68 -15.80 -39.32
C TYR C 267 1.74 -16.23 -40.79
N ALA C 268 2.48 -17.28 -41.11
CA ALA C 268 2.60 -17.73 -42.49
C ALA C 268 1.31 -18.42 -42.95
N LYS C 269 0.89 -18.12 -44.18
CA LYS C 269 -0.35 -18.63 -44.72
C LYS C 269 -0.23 -20.04 -45.30
N ASP C 270 0.97 -20.54 -45.50
CA ASP C 270 1.13 -21.88 -46.02
C ASP C 270 1.13 -22.90 -44.89
N GLY C 271 1.05 -24.17 -45.26
CA GLY C 271 1.05 -25.25 -44.31
C GLY C 271 -0.34 -25.59 -43.80
N ARG C 272 -0.47 -26.79 -43.25
CA ARG C 272 -1.72 -27.27 -42.71
C ARG C 272 -1.71 -27.11 -41.19
N VAL C 273 -2.81 -26.58 -40.65
CA VAL C 273 -2.89 -26.22 -39.25
C VAL C 273 -4.16 -26.81 -38.66
N SER C 274 -4.10 -27.15 -37.37
CA SER C 274 -5.23 -27.69 -36.63
C SER C 274 -5.48 -26.83 -35.41
N TYR C 275 -6.73 -26.41 -35.23
CA TYR C 275 -7.11 -25.50 -34.16
C TYR C 275 -8.18 -26.14 -33.29
N PRO C 276 -8.02 -26.15 -31.97
CA PRO C 276 -9.00 -26.82 -31.11
C PRO C 276 -10.32 -26.06 -31.03
N LYS C 277 -11.37 -26.80 -30.71
CA LYS C 277 -12.71 -26.27 -30.55
C LYS C 277 -13.25 -26.66 -29.17
N LEU C 278 -14.29 -25.95 -28.74
CA LEU C 278 -14.91 -26.24 -27.45
C LEU C 278 -15.83 -27.45 -27.55
N HIS C 279 -16.27 -27.94 -26.39
CA HIS C 279 -17.08 -29.14 -26.28
C HIS C 279 -18.57 -28.86 -26.13
N LEU C 280 -18.97 -27.59 -26.13
CA LEU C 280 -20.36 -27.24 -25.88
C LEU C 280 -21.02 -26.72 -27.15
N PRO C 281 -22.33 -26.96 -27.31
CA PRO C 281 -23.05 -26.41 -28.48
C PRO C 281 -23.23 -24.91 -28.41
N LEU C 282 -23.83 -24.34 -29.46
CA LEU C 282 -23.90 -22.89 -29.58
C LEU C 282 -24.93 -22.29 -28.62
N LYS C 283 -26.10 -22.93 -28.49
CA LYS C 283 -27.17 -22.38 -27.67
C LYS C 283 -26.79 -22.34 -26.19
N THR C 284 -26.07 -23.37 -25.73
CA THR C 284 -25.62 -23.40 -24.35
C THR C 284 -24.70 -22.22 -24.05
N LEU C 285 -23.76 -21.94 -24.95
CA LEU C 285 -22.83 -20.84 -24.73
C LEU C 285 -23.53 -19.49 -24.84
N GLN C 286 -24.55 -19.39 -25.70
CA GLN C 286 -25.34 -18.16 -25.75
C GLN C 286 -26.06 -17.90 -24.42
N CYS C 287 -26.65 -18.95 -23.84
CA CYS C 287 -27.32 -18.78 -22.55
C CYS C 287 -26.32 -18.48 -21.44
N LEU C 288 -25.12 -19.08 -21.50
CA LEU C 288 -24.09 -18.76 -20.51
C LEU C 288 -23.66 -17.30 -20.60
N PHE C 289 -23.53 -16.78 -21.82
CA PHE C 289 -23.19 -15.37 -22.00
C PHE C 289 -24.29 -14.47 -21.46
N GLU C 290 -25.56 -14.83 -21.68
CA GLU C 290 -26.66 -14.05 -21.13
C GLU C 290 -26.64 -14.05 -19.60
N LYS C 291 -26.34 -15.22 -19.01
CA LYS C 291 -26.25 -15.31 -17.57
C LYS C 291 -25.15 -14.42 -17.01
N GLN C 292 -23.97 -14.41 -17.65
CA GLN C 292 -22.90 -13.56 -17.14
C GLN C 292 -23.22 -12.08 -17.34
N LEU C 293 -23.87 -11.72 -18.45
CA LEU C 293 -24.26 -10.34 -18.65
C LEU C 293 -25.20 -9.87 -17.55
N HIS C 294 -26.22 -10.68 -17.24
CA HIS C 294 -27.14 -10.30 -16.17
C HIS C 294 -26.47 -10.33 -14.81
N MET C 295 -25.43 -11.14 -14.64
CA MET C 295 -24.71 -11.17 -13.37
C MET C 295 -23.84 -9.92 -13.20
N GLU C 296 -23.29 -9.41 -14.30
CA GLU C 296 -22.35 -8.30 -14.23
C GLU C 296 -23.02 -6.93 -14.33
N LEU C 297 -24.24 -6.84 -14.85
CA LEU C 297 -24.97 -5.58 -14.74
C LEU C 297 -25.27 -5.23 -13.28
N ALA C 298 -25.47 -6.24 -12.44
CA ALA C 298 -25.47 -6.02 -10.99
C ALA C 298 -24.03 -6.03 -10.49
N SER C 299 -23.67 -5.01 -9.72
CA SER C 299 -22.26 -4.81 -9.39
C SER C 299 -21.75 -5.78 -8.33
N ARG C 300 -22.63 -6.45 -7.60
CA ARG C 300 -22.23 -7.36 -6.54
C ARG C 300 -23.04 -8.64 -6.61
N VAL C 301 -22.46 -9.71 -6.05
CA VAL C 301 -23.09 -11.02 -6.03
C VAL C 301 -23.10 -11.53 -4.59
N CYS C 302 -24.21 -12.18 -4.21
CA CYS C 302 -24.39 -12.68 -2.86
C CYS C 302 -24.15 -14.18 -2.82
N VAL C 303 -23.33 -14.63 -1.88
CA VAL C 303 -22.95 -16.04 -1.75
C VAL C 303 -23.29 -16.51 -0.34
N VAL C 304 -23.94 -17.67 -0.25
CA VAL C 304 -24.20 -18.28 1.05
C VAL C 304 -22.89 -18.75 1.66
N SER C 305 -22.74 -18.55 2.97
CA SER C 305 -21.51 -18.91 3.66
C SER C 305 -21.42 -20.42 3.84
N VAL C 306 -20.41 -20.86 4.59
CA VAL C 306 -20.14 -22.27 4.78
C VAL C 306 -20.43 -22.72 6.21
N GLU C 307 -20.39 -21.81 7.19
CA GLU C 307 -20.53 -22.16 8.60
C GLU C 307 -21.90 -22.77 8.89
N LYS C 308 -21.93 -23.63 9.90
CA LYS C 308 -23.12 -24.42 10.20
C LYS C 308 -23.99 -23.69 11.21
N PRO C 309 -25.21 -23.28 10.86
CA PRO C 309 -26.08 -22.61 11.82
C PRO C 309 -27.01 -23.57 12.55
N THR C 310 -27.24 -23.29 13.83
CA THR C 310 -28.13 -24.09 14.65
C THR C 310 -28.93 -23.20 15.58
N LEU C 311 -30.10 -23.69 15.98
CA LEU C 311 -30.96 -23.14 17.02
C LEU C 311 -31.39 -21.69 16.78
N PRO C 312 -32.26 -21.42 15.80
CA PRO C 312 -32.92 -20.12 15.76
C PRO C 312 -33.92 -19.99 16.90
N SER C 313 -34.19 -18.75 17.29
CA SER C 313 -35.04 -18.47 18.43
C SER C 313 -36.00 -17.34 18.10
N LYS C 314 -36.84 -16.98 19.08
CA LYS C 314 -37.81 -15.92 18.89
C LYS C 314 -37.15 -14.56 18.84
N GLU C 315 -36.16 -14.33 19.71
CA GLU C 315 -35.42 -13.06 19.65
C GLU C 315 -34.61 -12.94 18.38
N VAL C 316 -34.23 -14.08 17.78
CA VAL C 316 -33.52 -14.05 16.51
C VAL C 316 -34.40 -13.48 15.41
N LYS C 317 -35.61 -14.01 15.26
CA LYS C 317 -36.50 -13.48 14.23
C LYS C 317 -37.02 -12.09 14.60
N HIS C 318 -37.07 -11.77 15.89
CA HIS C 318 -37.39 -10.41 16.30
C HIS C 318 -36.31 -9.43 15.86
N ALA C 319 -35.05 -9.81 16.01
CA ALA C 319 -33.94 -8.99 15.53
C ALA C 319 -33.98 -8.87 14.01
N ARG C 320 -34.31 -9.96 13.32
CA ARG C 320 -34.46 -9.92 11.87
C ARG C 320 -35.58 -8.95 11.45
N LYS C 321 -36.71 -9.00 12.15
CA LYS C 321 -37.85 -8.16 11.79
C LYS C 321 -37.58 -6.68 12.09
N THR C 322 -36.95 -6.40 13.24
CA THR C 322 -36.62 -5.00 13.52
C THR C 322 -35.53 -4.51 12.58
N LEU C 323 -34.63 -5.39 12.15
CA LEU C 323 -33.68 -5.03 11.09
C LEU C 323 -34.41 -4.67 9.81
N LYS C 324 -35.43 -5.46 9.45
CA LYS C 324 -36.17 -5.21 8.21
C LYS C 324 -36.90 -3.88 8.25
N THR C 325 -37.60 -3.59 9.35
CA THR C 325 -38.34 -2.34 9.41
C THR C 325 -37.41 -1.14 9.57
N LEU C 326 -36.28 -1.32 10.26
CA LEU C 326 -35.27 -0.28 10.33
C LEU C 326 -34.72 0.03 8.94
N ARG C 327 -34.46 -0.99 8.15
CA ARG C 327 -33.93 -0.79 6.81
C ARG C 327 -34.94 -0.12 5.89
N ASP C 328 -36.22 -0.48 6.03
CA ASP C 328 -37.26 0.22 5.26
C ASP C 328 -37.33 1.70 5.63
N GLN C 329 -37.29 1.99 6.94
CA GLN C 329 -37.31 3.38 7.39
C GLN C 329 -36.10 4.15 6.90
N TRP C 330 -34.92 3.53 6.96
CA TRP C 330 -33.70 4.16 6.47
C TRP C 330 -33.79 4.43 4.98
N GLU C 331 -34.37 3.49 4.22
CA GLU C 331 -34.50 3.68 2.78
C GLU C 331 -35.39 4.88 2.46
N LYS C 332 -36.52 4.98 3.15
CA LYS C 332 -37.41 6.12 2.93
C LYS C 332 -36.73 7.44 3.31
N ALA C 333 -36.04 7.46 4.46
CA ALA C 333 -35.37 8.66 4.91
C ALA C 333 -34.23 9.05 3.97
N LEU C 334 -33.48 8.07 3.47
CA LEU C 334 -32.39 8.34 2.55
C LEU C 334 -32.91 8.89 1.23
N CYS C 335 -34.02 8.35 0.72
CA CYS C 335 -34.62 8.89 -0.49
C CYS C 335 -35.07 10.33 -0.29
N ARG C 336 -35.73 10.61 0.84
CA ARG C 336 -36.19 11.98 1.10
C ARG C 336 -35.02 12.94 1.25
N ALA C 337 -33.95 12.50 1.93
CA ALA C 337 -32.78 13.36 2.10
C ALA C 337 -32.09 13.63 0.77
N LEU C 338 -31.99 12.62 -0.10
CA LEU C 338 -31.42 12.83 -1.42
C LEU C 338 -32.24 13.83 -2.22
N ARG C 339 -33.57 13.69 -2.18
CA ARG C 339 -34.43 14.64 -2.90
C ARG C 339 -34.26 16.06 -2.37
N GLU C 340 -34.24 16.21 -1.04
CA GLU C 340 -34.13 17.54 -0.45
C GLU C 340 -32.78 18.18 -0.77
N THR C 341 -31.70 17.40 -0.70
CA THR C 341 -30.37 17.96 -0.98
C THR C 341 -30.20 18.28 -2.46
N LYS C 342 -30.79 17.47 -3.35
CA LYS C 342 -30.76 17.80 -4.77
C LYS C 342 -31.52 19.09 -5.04
N ASN C 343 -32.68 19.28 -4.39
CA ASN C 343 -33.42 20.51 -4.55
C ASN C 343 -32.64 21.71 -4.02
N ARG C 344 -31.93 21.52 -2.90
CA ARG C 344 -31.11 22.60 -2.35
C ARG C 344 -29.95 22.95 -3.28
N LEU C 345 -29.28 21.94 -3.84
CA LEU C 345 -28.13 22.19 -4.70
C LEU C 345 -28.53 22.71 -6.08
N GLU C 346 -29.76 22.48 -6.50
CA GLU C 346 -30.21 23.04 -7.78
C GLU C 346 -30.38 24.55 -7.71
N ARG C 347 -30.64 25.09 -6.52
CA ARG C 347 -30.96 26.52 -6.40
C ARG C 347 -29.73 27.40 -6.56
N GLU C 348 -28.55 26.92 -6.19
CA GLU C 348 -27.37 27.77 -6.13
C GLU C 348 -26.77 28.09 -7.49
N VAL C 349 -27.27 27.49 -8.58
CA VAL C 349 -26.61 27.59 -9.87
C VAL C 349 -26.71 29.00 -10.45
N TYR C 350 -27.91 29.57 -10.45
CA TYR C 350 -28.12 30.83 -11.16
C TYR C 350 -27.47 32.02 -10.48
N GLU C 351 -27.17 31.93 -9.19
CA GLU C 351 -26.43 32.96 -8.47
C GLU C 351 -25.09 32.42 -7.97
N GLY C 352 -24.56 31.42 -8.66
CA GLY C 352 -23.32 30.80 -8.25
C GLY C 352 -22.69 30.04 -9.38
N ARG C 353 -21.77 29.15 -9.01
CA ARG C 353 -21.00 28.41 -10.00
C ARG C 353 -20.54 27.09 -9.40
N PHE C 354 -20.04 26.22 -10.28
CA PHE C 354 -19.58 24.88 -9.94
C PHE C 354 -20.65 24.08 -9.22
N SER C 355 -21.72 23.79 -9.96
CA SER C 355 -22.71 22.84 -9.49
C SER C 355 -22.08 21.47 -9.36
N LEU C 356 -22.15 20.89 -8.16
CA LEU C 356 -21.67 19.54 -7.94
C LEU C 356 -22.79 18.52 -8.05
N TYR C 357 -24.03 18.96 -8.08
CA TYR C 357 -25.19 18.07 -8.09
C TYR C 357 -25.42 17.27 -9.38
N PRO C 358 -25.01 17.70 -10.60
CA PRO C 358 -25.21 16.80 -11.76
C PRO C 358 -24.50 15.46 -11.62
N PHE C 359 -23.33 15.42 -10.98
CA PHE C 359 -22.67 14.15 -10.75
C PHE C 359 -23.49 13.27 -9.81
N LEU C 360 -24.24 13.89 -8.89
CA LEU C 360 -25.15 13.13 -8.03
C LEU C 360 -26.40 12.69 -8.80
N CYS C 361 -26.92 13.56 -9.67
CA CYS C 361 -28.09 13.28 -10.49
C CYS C 361 -27.81 12.25 -11.57
N LEU C 362 -26.53 11.92 -11.78
CA LEU C 362 -26.18 10.81 -12.67
C LEU C 362 -26.85 9.52 -12.24
N LEU C 363 -26.71 9.15 -10.96
CA LEU C 363 -27.25 7.90 -10.45
C LEU C 363 -28.67 8.09 -9.94
N ASP C 364 -29.53 7.12 -10.22
CA ASP C 364 -30.88 7.11 -9.66
C ASP C 364 -30.81 6.91 -8.15
N GLU C 365 -31.85 7.41 -7.46
CA GLU C 365 -31.84 7.36 -6.00
C GLU C 365 -31.89 5.93 -5.48
N ARG C 366 -32.48 5.01 -6.23
CA ARG C 366 -32.52 3.61 -5.80
C ARG C 366 -31.12 3.01 -5.78
N GLU C 367 -30.30 3.30 -6.79
CA GLU C 367 -28.92 2.82 -6.80
C GLU C 367 -28.13 3.40 -5.64
N VAL C 368 -28.31 4.68 -5.36
CA VAL C 368 -27.57 5.33 -4.27
C VAL C 368 -27.98 4.75 -2.93
N VAL C 369 -29.29 4.55 -2.69
CA VAL C 369 -29.69 4.00 -1.40
C VAL C 369 -29.28 2.54 -1.28
N ARG C 370 -29.24 1.80 -2.39
CA ARG C 370 -28.77 0.42 -2.32
C ARG C 370 -27.31 0.36 -1.93
N MET C 371 -26.46 1.15 -2.58
CA MET C 371 -25.03 1.10 -2.25
C MET C 371 -24.77 1.66 -0.86
N LEU C 372 -25.57 2.63 -0.41
CA LEU C 372 -25.35 3.20 0.92
C LEU C 372 -25.85 2.29 2.04
N LEU C 373 -26.93 1.53 1.82
CA LEU C 373 -27.31 0.53 2.81
C LEU C 373 -26.44 -0.71 2.78
N GLN C 374 -25.82 -1.02 1.65
CA GLN C 374 -24.96 -2.18 1.58
C GLN C 374 -23.53 -1.87 1.99
N VAL C 375 -23.15 -0.59 2.04
CA VAL C 375 -21.84 -0.22 2.56
C VAL C 375 -21.87 -0.08 4.08
N LEU C 376 -23.03 0.14 4.68
CA LEU C 376 -23.13 0.21 6.14
C LEU C 376 -23.01 -1.17 6.77
N GLN C 377 -23.44 -2.21 6.06
CA GLN C 377 -23.38 -3.56 6.63
C GLN C 377 -21.94 -4.06 6.74
N ALA C 378 -21.06 -3.60 5.85
CA ALA C 378 -19.67 -4.02 5.85
C ALA C 378 -18.77 -3.09 6.67
N LEU C 379 -19.32 -2.03 7.25
CA LEU C 379 -18.52 -1.14 8.07
C LEU C 379 -18.18 -1.83 9.39
N PRO C 380 -16.93 -1.77 9.84
CA PRO C 380 -16.52 -2.56 11.00
C PRO C 380 -17.10 -2.03 12.30
N ALA C 381 -16.92 -2.81 13.36
CA ALA C 381 -17.40 -2.41 14.68
C ALA C 381 -16.70 -1.15 15.17
N GLN C 382 -15.39 -1.07 14.98
CA GLN C 382 -14.67 0.18 15.20
C GLN C 382 -14.90 1.09 13.99
N GLY C 383 -14.36 2.30 14.07
CA GLY C 383 -14.59 3.28 13.04
C GLY C 383 -13.81 3.01 11.77
N GLU C 384 -14.03 3.88 10.79
CA GLU C 384 -13.29 3.86 9.54
C GLU C 384 -12.80 5.27 9.24
N SER C 385 -11.74 5.36 8.43
CA SER C 385 -11.23 6.65 8.01
C SER C 385 -12.26 7.37 7.15
N PHE C 386 -12.44 8.66 7.43
CA PHE C 386 -13.45 9.43 6.70
C PHE C 386 -13.02 9.65 5.25
N THR C 387 -11.73 9.91 5.04
CA THR C 387 -11.21 10.10 3.68
C THR C 387 -11.27 8.81 2.88
N THR C 388 -10.98 7.67 3.51
CA THR C 388 -11.09 6.39 2.82
C THR C 388 -12.53 6.11 2.41
N LEU C 389 -13.50 6.45 3.26
CA LEU C 389 -14.90 6.30 2.90
C LEU C 389 -15.28 7.19 1.73
N ALA C 390 -14.80 8.43 1.73
CA ALA C 390 -15.08 9.32 0.60
C ALA C 390 -14.50 8.79 -0.71
N ARG C 391 -13.26 8.29 -0.64
CA ARG C 391 -12.61 7.70 -1.81
C ARG C 391 -13.39 6.49 -2.32
N GLU C 392 -13.82 5.61 -1.42
CA GLU C 392 -14.59 4.43 -1.81
C GLU C 392 -15.90 4.81 -2.47
N LEU C 393 -16.60 5.81 -1.91
CA LEU C 393 -17.88 6.23 -2.48
C LEU C 393 -17.70 6.78 -3.89
N SER C 394 -16.68 7.64 -4.10
CA SER C 394 -16.46 8.18 -5.43
C SER C 394 -16.05 7.10 -6.42
N ALA C 395 -15.18 6.17 -6.00
CA ALA C 395 -14.74 5.10 -6.89
C ALA C 395 -15.90 4.20 -7.29
N ARG C 396 -16.78 3.86 -6.34
CA ARG C 396 -17.90 3.00 -6.66
C ARG C 396 -18.93 3.72 -7.54
N THR C 397 -19.07 5.04 -7.36
CA THR C 397 -19.96 5.78 -8.26
C THR C 397 -19.41 5.78 -9.68
N PHE C 398 -18.09 5.93 -9.84
CA PHE C 398 -17.47 5.81 -11.16
C PHE C 398 -17.70 4.43 -11.77
N SER C 399 -17.50 3.38 -10.98
CA SER C 399 -17.64 2.02 -11.47
C SER C 399 -19.09 1.72 -11.87
N ARG C 400 -20.06 2.26 -11.13
CA ARG C 400 -21.46 2.07 -11.51
C ARG C 400 -21.80 2.87 -12.76
N HIS C 401 -21.24 4.08 -12.88
CA HIS C 401 -21.51 4.93 -14.04
C HIS C 401 -21.00 4.30 -15.32
N VAL C 402 -19.83 3.65 -15.26
CA VAL C 402 -19.28 3.01 -16.46
C VAL C 402 -20.24 1.98 -17.01
N VAL C 403 -20.75 1.09 -16.15
CA VAL C 403 -21.65 0.03 -16.59
C VAL C 403 -23.00 0.59 -17.03
N GLN C 404 -23.51 1.60 -16.31
CA GLN C 404 -24.78 2.21 -16.69
C GLN C 404 -24.70 2.87 -18.06
N ARG C 405 -23.63 3.64 -18.31
CA ARG C 405 -23.46 4.27 -19.61
C ARG C 405 -23.21 3.24 -20.71
N GLN C 406 -22.56 2.12 -20.38
CA GLN C 406 -22.37 1.07 -21.37
C GLN C 406 -23.69 0.38 -21.72
N ARG C 407 -24.60 0.26 -20.75
CA ARG C 407 -25.86 -0.43 -21.00
C ARG C 407 -26.95 0.46 -21.57
N VAL C 408 -26.87 1.79 -21.40
CA VAL C 408 -27.92 2.66 -21.95
C VAL C 408 -27.63 3.14 -23.36
N SER C 409 -26.43 2.91 -23.88
CA SER C 409 -26.03 3.45 -25.18
C SER C 409 -26.30 2.49 -26.33
N GLY C 410 -26.84 1.30 -26.06
CA GLY C 410 -27.05 0.33 -27.11
C GLY C 410 -25.84 -0.52 -27.46
N GLN C 411 -24.74 -0.37 -26.72
CA GLN C 411 -23.56 -1.16 -27.00
C GLN C 411 -23.75 -2.63 -26.65
N VAL C 412 -24.67 -2.92 -25.72
CA VAL C 412 -24.89 -4.29 -25.27
C VAL C 412 -25.44 -5.16 -26.40
N GLN C 413 -26.40 -4.64 -27.18
CA GLN C 413 -26.97 -5.40 -28.28
C GLN C 413 -25.95 -5.70 -29.37
N ALA C 414 -25.14 -4.69 -29.73
CA ALA C 414 -24.11 -4.91 -30.73
C ALA C 414 -23.07 -5.90 -30.25
N LEU C 415 -22.67 -5.82 -28.98
CA LEU C 415 -21.72 -6.78 -28.42
C LEU C 415 -22.32 -8.18 -28.43
N GLN C 416 -23.61 -8.30 -28.11
CA GLN C 416 -24.26 -9.61 -28.12
C GLN C 416 -24.31 -10.20 -29.52
N ASN C 417 -24.63 -9.39 -30.52
CA ASN C 417 -24.66 -9.88 -31.90
C ASN C 417 -23.28 -10.31 -32.37
N HIS C 418 -22.25 -9.50 -32.06
CA HIS C 418 -20.91 -9.86 -32.47
C HIS C 418 -20.41 -11.11 -31.75
N TYR C 419 -20.77 -11.25 -30.48
CA TYR C 419 -20.39 -12.44 -29.72
C TYR C 419 -21.07 -13.68 -30.27
N ARG C 420 -22.35 -13.57 -30.65
CA ARG C 420 -23.05 -14.71 -31.22
C ARG C 420 -22.50 -15.10 -32.58
N LYS C 421 -22.05 -14.12 -33.38
CA LYS C 421 -21.37 -14.46 -34.63
C LYS C 421 -20.01 -15.11 -34.36
N TYR C 422 -19.22 -14.52 -33.47
CA TYR C 422 -17.86 -14.97 -33.20
C TYR C 422 -17.82 -16.31 -32.50
N LEU C 423 -18.88 -16.68 -31.79
CA LEU C 423 -18.89 -17.91 -31.01
C LEU C 423 -18.93 -19.16 -31.87
N CYS C 424 -19.20 -19.02 -33.18
CA CYS C 424 -19.20 -20.15 -34.09
C CYS C 424 -17.80 -20.70 -34.33
N LEU C 425 -16.76 -19.89 -34.13
CA LEU C 425 -15.39 -20.38 -34.23
C LEU C 425 -15.07 -21.34 -33.08
N LEU C 426 -15.74 -21.19 -31.94
CA LEU C 426 -15.50 -22.03 -30.78
C LEU C 426 -16.52 -23.15 -30.61
N ALA C 427 -17.69 -23.05 -31.25
CA ALA C 427 -18.76 -24.01 -31.04
C ALA C 427 -18.40 -25.37 -31.61
N SER C 428 -19.01 -26.41 -31.03
CA SER C 428 -18.72 -27.78 -31.41
C SER C 428 -19.53 -28.28 -32.60
N ASP C 429 -20.52 -27.51 -33.05
CA ASP C 429 -21.37 -27.93 -34.16
C ASP C 429 -21.46 -26.87 -35.25
N ALA C 430 -20.43 -26.03 -35.37
CA ALA C 430 -20.41 -24.96 -36.35
C ALA C 430 -19.09 -25.00 -37.11
N GLU C 431 -19.13 -24.45 -38.32
CA GLU C 431 -17.97 -24.44 -39.21
C GLU C 431 -17.72 -23.01 -39.70
N VAL C 432 -16.47 -22.76 -40.08
CA VAL C 432 -16.02 -21.45 -40.55
C VAL C 432 -15.49 -21.63 -41.98
N PRO C 433 -15.67 -20.65 -42.87
CA PRO C 433 -15.10 -20.77 -44.22
C PRO C 433 -13.59 -20.97 -44.24
N GLU C 434 -12.86 -20.31 -43.35
CA GLU C 434 -11.42 -20.55 -43.23
C GLU C 434 -11.01 -20.37 -41.77
N PRO C 435 -10.28 -21.33 -41.21
CA PRO C 435 -9.83 -21.17 -39.83
C PRO C 435 -8.79 -20.06 -39.69
N CYS C 436 -8.78 -19.44 -38.51
CA CYS C 436 -7.86 -18.35 -38.23
C CYS C 436 -7.72 -18.19 -36.72
N LEU C 437 -6.82 -17.31 -36.31
CA LEU C 437 -6.65 -16.98 -34.91
C LEU C 437 -7.87 -16.19 -34.41
N PRO C 438 -8.19 -16.30 -33.12
CA PRO C 438 -9.34 -15.55 -32.58
C PRO C 438 -9.21 -14.04 -32.73
N ARG C 439 -8.00 -13.49 -32.56
CA ARG C 439 -7.82 -12.04 -32.68
C ARG C 439 -8.07 -11.56 -34.10
N GLN C 440 -7.59 -12.31 -35.09
CA GLN C 440 -7.83 -11.94 -36.48
C GLN C 440 -9.29 -12.09 -36.87
N TYR C 441 -9.99 -13.06 -36.28
CA TYR C 441 -11.41 -13.23 -36.58
C TYR C 441 -12.27 -12.16 -35.94
N TRP C 442 -11.88 -11.68 -34.75
CA TRP C 442 -12.58 -10.52 -34.18
C TRP C 442 -12.20 -9.23 -34.89
N GLU C 443 -10.98 -9.15 -35.41
CA GLU C 443 -10.59 -7.98 -36.20
C GLU C 443 -11.39 -7.90 -37.49
N ALA C 444 -11.57 -9.03 -38.16
CA ALA C 444 -12.55 -9.13 -39.23
C ALA C 444 -13.95 -9.15 -38.61
N LEU C 445 -14.96 -9.15 -39.47
CA LEU C 445 -16.38 -9.23 -39.07
C LEU C 445 -16.81 -8.02 -38.26
N GLY C 446 -16.02 -6.95 -38.24
CA GLY C 446 -16.32 -5.76 -37.46
C GLY C 446 -15.84 -5.89 -36.03
N ALA C 447 -15.82 -4.74 -35.35
CA ALA C 447 -15.36 -4.70 -33.97
C ALA C 447 -15.97 -3.49 -33.29
N PRO C 448 -16.23 -3.56 -31.99
CA PRO C 448 -16.63 -2.38 -31.22
C PRO C 448 -15.41 -1.51 -30.93
N GLU C 449 -15.67 -0.36 -30.31
CA GLU C 449 -14.65 0.62 -30.03
C GLU C 449 -14.52 0.84 -28.53
N ALA C 450 -13.28 0.95 -28.06
CA ALA C 450 -13.01 1.17 -26.65
C ALA C 450 -13.45 2.57 -26.21
N LEU C 451 -13.90 2.66 -24.96
CA LEU C 451 -14.36 3.94 -24.42
C LEU C 451 -13.20 4.90 -24.22
N ARG C 452 -12.05 4.40 -23.74
CA ARG C 452 -10.87 5.20 -23.44
C ARG C 452 -11.19 6.32 -22.46
N GLU C 453 -11.81 5.95 -21.35
CA GLU C 453 -12.25 6.94 -20.36
C GLU C 453 -11.06 7.52 -19.61
N GLN C 454 -11.19 8.80 -19.23
CA GLN C 454 -10.15 9.50 -18.48
C GLN C 454 -10.66 9.80 -17.09
N PRO C 455 -9.98 9.34 -16.04
CA PRO C 455 -10.43 9.65 -14.67
C PRO C 455 -10.32 11.14 -14.36
N TRP C 456 -11.29 11.62 -13.57
CA TRP C 456 -11.33 13.01 -13.17
C TRP C 456 -10.32 13.31 -12.06
N PRO C 457 -9.81 14.53 -11.99
CA PRO C 457 -8.82 14.87 -10.95
C PRO C 457 -9.42 14.86 -9.55
N LEU C 458 -8.51 14.97 -8.59
CA LEU C 458 -8.87 14.81 -7.18
C LEU C 458 -9.89 15.81 -6.63
N PRO C 459 -9.83 17.13 -6.92
CA PRO C 459 -10.81 18.04 -6.29
C PRO C 459 -12.27 17.74 -6.58
N VAL C 460 -12.60 17.24 -7.77
CA VAL C 460 -13.98 16.83 -8.03
C VAL C 460 -14.25 15.40 -7.57
N GLN C 461 -13.21 14.63 -7.28
CA GLN C 461 -13.39 13.24 -6.89
C GLN C 461 -13.63 13.09 -5.40
N MET C 462 -12.84 13.77 -4.56
CA MET C 462 -12.96 13.60 -3.12
C MET C 462 -14.06 14.43 -2.50
N GLU C 463 -14.40 15.57 -3.10
CA GLU C 463 -15.42 16.45 -2.55
C GLU C 463 -16.79 15.79 -2.54
N LEU C 464 -17.13 15.05 -3.60
CA LEU C 464 -18.44 14.41 -3.65
C LEU C 464 -18.52 13.19 -2.74
N GLY C 465 -17.40 12.49 -2.54
CA GLY C 465 -17.37 11.46 -1.51
C GLY C 465 -17.59 12.04 -0.13
N LYS C 466 -16.97 13.20 0.15
CA LYS C 466 -17.25 13.91 1.40
C LYS C 466 -18.73 14.26 1.51
N LEU C 467 -19.33 14.71 0.41
CA LEU C 467 -20.74 15.10 0.43
C LEU C 467 -21.65 13.92 0.75
N LEU C 468 -21.40 12.76 0.12
CA LEU C 468 -22.20 11.58 0.41
C LEU C 468 -21.98 11.07 1.83
N ALA C 469 -20.74 11.17 2.34
CA ALA C 469 -20.48 10.78 3.72
C ALA C 469 -21.23 11.67 4.71
N GLU C 470 -21.26 12.98 4.45
CA GLU C 470 -22.07 13.87 5.30
C GLU C 470 -23.56 13.58 5.14
N MET C 471 -23.99 13.16 3.96
CA MET C 471 -25.40 12.84 3.75
C MET C 471 -25.82 11.61 4.57
N LEU C 472 -24.96 10.60 4.62
CA LEU C 472 -25.38 9.31 5.18
C LEU C 472 -25.61 9.38 6.69
N VAL C 473 -24.66 9.97 7.43
CA VAL C 473 -24.73 9.94 8.89
C VAL C 473 -25.86 10.82 9.40
N GLN C 474 -26.03 11.99 8.79
CA GLN C 474 -27.01 12.97 9.30
C GLN C 474 -28.44 12.47 9.18
N ALA C 475 -28.76 11.75 8.10
CA ALA C 475 -30.13 11.42 7.76
C ALA C 475 -30.52 9.98 8.13
N THR C 476 -29.78 9.35 9.03
CA THR C 476 -30.09 8.00 9.49
C THR C 476 -30.19 8.03 11.01
N GLN C 477 -31.38 7.77 11.54
CA GLN C 477 -31.66 7.95 12.96
C GLN C 477 -32.33 6.69 13.50
N MET C 478 -31.65 5.98 14.37
CA MET C 478 -32.16 4.80 15.04
C MET C 478 -33.07 5.22 16.20
N PRO C 479 -34.16 4.49 16.45
CA PRO C 479 -35.03 4.82 17.59
C PRO C 479 -34.38 4.55 18.95
N CYS C 480 -33.48 5.44 19.34
CA CYS C 480 -32.82 5.48 20.66
C CYS C 480 -32.13 4.15 20.94
N SER C 481 -32.06 3.78 22.22
CA SER C 481 -31.48 2.50 22.60
C SER C 481 -32.36 1.36 22.15
N LEU C 482 -31.74 0.24 21.81
CA LEU C 482 -32.45 -0.92 21.28
C LEU C 482 -32.63 -2.01 22.33
N ASP C 483 -32.60 -1.63 23.60
CA ASP C 483 -32.81 -2.59 24.69
C ASP C 483 -34.27 -3.04 24.73
N LYS C 484 -34.54 -3.99 25.63
CA LYS C 484 -35.90 -4.50 25.78
C LYS C 484 -36.92 -3.43 26.19
N PRO C 485 -36.67 -2.54 27.16
CA PRO C 485 -37.65 -1.47 27.41
C PRO C 485 -37.70 -0.49 26.25
N HIS C 486 -38.89 0.07 26.04
CA HIS C 486 -39.15 1.04 24.99
C HIS C 486 -39.71 2.33 25.57
N ARG C 487 -39.18 2.72 26.75
CA ARG C 487 -39.70 3.90 27.44
C ARG C 487 -39.21 5.21 26.83
N SER C 488 -38.00 5.23 26.28
CA SER C 488 -37.44 6.47 25.75
C SER C 488 -38.13 6.88 24.46
N SER C 489 -38.05 6.05 23.43
CA SER C 489 -38.65 6.30 22.11
C SER C 489 -38.18 7.63 21.53
N ARG C 490 -36.86 7.85 21.55
CA ARG C 490 -36.24 9.03 21.00
C ARG C 490 -35.49 8.68 19.72
N LEU C 491 -35.07 9.72 19.00
CA LEU C 491 -34.33 9.55 17.76
C LEU C 491 -32.90 10.04 17.97
N VAL C 492 -31.93 9.14 17.81
CA VAL C 492 -30.52 9.48 17.90
C VAL C 492 -29.82 8.97 16.64
N PRO C 493 -28.78 9.63 16.17
CA PRO C 493 -28.06 9.13 14.99
C PRO C 493 -27.35 7.81 15.28
N VAL C 494 -27.25 6.99 14.24
CA VAL C 494 -26.57 5.70 14.37
C VAL C 494 -25.06 5.90 14.45
N LEU C 495 -24.53 6.90 13.73
CA LEU C 495 -23.10 7.12 13.60
C LEU C 495 -22.70 8.46 14.20
N TYR C 496 -21.51 8.51 14.81
CA TYR C 496 -20.95 9.71 15.40
C TYR C 496 -19.50 9.86 14.97
N HIS C 497 -19.00 11.09 14.98
CA HIS C 497 -17.58 11.33 14.71
C HIS C 497 -16.77 11.23 16.00
N VAL C 498 -15.63 10.55 15.93
CA VAL C 498 -14.75 10.34 17.08
C VAL C 498 -13.32 10.68 16.67
N TYR C 499 -12.67 11.51 17.48
CA TYR C 499 -11.28 11.91 17.26
C TYR C 499 -10.37 10.90 17.93
N SER C 500 -9.45 10.32 17.16
CA SER C 500 -8.72 9.14 17.62
C SER C 500 -7.28 9.18 17.12
N PHE C 501 -6.48 8.25 17.66
CA PHE C 501 -5.10 8.03 17.24
C PHE C 501 -5.02 6.70 16.52
N ARG C 502 -4.62 6.73 15.25
CA ARG C 502 -4.30 5.53 14.51
C ARG C 502 -3.03 5.77 13.72
N ASN C 503 -2.24 4.70 13.56
CA ASN C 503 -0.86 4.77 13.05
C ASN C 503 -0.09 5.69 14.00
N VAL C 504 0.61 6.70 13.52
CA VAL C 504 1.42 7.57 14.38
C VAL C 504 0.87 8.99 14.15
N GLN C 505 -0.43 9.09 13.87
CA GLN C 505 -1.01 10.36 13.50
C GLN C 505 -2.42 10.46 14.06
N GLN C 506 -2.85 11.70 14.37
CA GLN C 506 -4.22 11.92 14.77
C GLN C 506 -5.13 11.85 13.55
N ILE C 507 -6.18 11.03 13.64
CA ILE C 507 -7.09 10.78 12.53
C ILE C 507 -8.51 10.76 13.06
N GLY C 508 -9.41 11.48 12.38
CA GLY C 508 -10.82 11.42 12.72
C GLY C 508 -11.48 10.24 12.03
N ILE C 509 -12.31 9.50 12.79
CA ILE C 509 -12.94 8.29 12.31
C ILE C 509 -14.46 8.46 12.39
N LEU C 510 -15.17 7.51 11.79
CA LEU C 510 -16.63 7.48 11.75
C LEU C 510 -17.09 6.17 12.39
N LYS C 511 -17.59 6.25 13.62
CA LYS C 511 -17.86 5.12 14.51
C LYS C 511 -19.36 4.82 14.58
N PRO C 512 -19.75 3.52 14.69
CA PRO C 512 -21.16 3.18 14.92
C PRO C 512 -21.58 3.30 16.37
N HIS C 513 -22.79 2.87 16.69
CA HIS C 513 -23.50 2.77 17.96
C HIS C 513 -23.41 1.35 18.51
N PRO C 514 -23.21 1.19 19.82
CA PRO C 514 -23.10 -0.18 20.39
C PRO C 514 -24.36 -1.02 20.25
N ALA C 515 -25.55 -0.40 20.30
CA ALA C 515 -26.78 -1.15 20.14
C ALA C 515 -26.91 -1.74 18.74
N TYR C 516 -26.46 -1.00 17.73
CA TYR C 516 -26.47 -1.53 16.36
C TYR C 516 -25.56 -2.75 16.24
N VAL C 517 -24.38 -2.69 16.84
CA VAL C 517 -23.45 -3.82 16.79
C VAL C 517 -24.03 -5.02 17.53
N GLN C 518 -24.65 -4.77 18.69
CA GLN C 518 -25.26 -5.87 19.44
C GLN C 518 -26.41 -6.51 18.67
N LEU C 519 -27.22 -5.69 17.99
CA LEU C 519 -28.28 -6.22 17.15
C LEU C 519 -27.72 -7.05 16.00
N LEU C 520 -26.64 -6.57 15.37
CA LEU C 520 -26.06 -7.29 14.24
C LEU C 520 -25.42 -8.61 14.67
N GLU C 521 -24.85 -8.66 15.87
CA GLU C 521 -24.22 -9.89 16.33
C GLU C 521 -25.22 -10.95 16.74
N LYS C 522 -26.46 -10.55 17.04
CA LYS C 522 -27.46 -11.50 17.54
C LYS C 522 -27.93 -12.47 16.46
N ALA C 523 -27.92 -12.04 15.20
CA ALA C 523 -28.39 -12.87 14.11
C ALA C 523 -27.26 -13.73 13.55
N ALA C 524 -27.63 -14.67 12.68
CA ALA C 524 -26.67 -15.59 12.09
C ALA C 524 -26.05 -14.99 10.81
N GLU C 525 -26.90 -14.61 9.86
CA GLU C 525 -26.54 -13.95 8.61
C GLU C 525 -25.54 -14.78 7.81
N PRO C 526 -25.97 -15.89 7.19
CA PRO C 526 -25.04 -16.73 6.44
C PRO C 526 -24.78 -16.24 5.01
N THR C 527 -25.10 -14.98 4.73
CA THR C 527 -24.91 -14.41 3.41
C THR C 527 -23.58 -13.65 3.34
N LEU C 528 -22.86 -13.84 2.25
CA LEU C 528 -21.58 -13.16 1.99
C LEU C 528 -21.69 -12.35 0.71
N THR C 529 -20.90 -11.29 0.63
CA THR C 529 -20.92 -10.39 -0.52
C THR C 529 -19.59 -10.45 -1.26
N PHE C 530 -19.65 -10.18 -2.57
CA PHE C 530 -18.47 -10.25 -3.43
C PHE C 530 -18.60 -9.21 -4.54
N GLU C 531 -17.46 -8.70 -4.99
CA GLU C 531 -17.40 -7.89 -6.18
C GLU C 531 -17.39 -8.80 -7.42
N ALA C 532 -17.91 -8.27 -8.53
CA ALA C 532 -18.08 -9.09 -9.73
C ALA C 532 -16.75 -9.51 -10.34
N VAL C 533 -15.74 -8.63 -10.30
CA VAL C 533 -14.45 -8.96 -10.90
C VAL C 533 -13.63 -9.92 -10.06
N ASP C 534 -14.04 -10.21 -8.82
CA ASP C 534 -13.32 -11.15 -7.98
C ASP C 534 -13.70 -12.60 -8.24
N VAL C 535 -14.73 -12.85 -9.04
CA VAL C 535 -15.16 -14.21 -9.34
C VAL C 535 -14.85 -14.52 -10.80
N PRO C 536 -14.66 -15.79 -11.16
CA PRO C 536 -14.40 -16.13 -12.56
C PRO C 536 -15.59 -15.87 -13.47
N MET C 537 -15.28 -15.61 -14.73
CA MET C 537 -16.30 -15.37 -15.75
C MET C 537 -17.04 -16.66 -16.08
N LEU C 538 -18.35 -16.55 -16.31
CA LEU C 538 -19.16 -17.69 -16.71
C LEU C 538 -19.31 -17.81 -18.22
N CYS C 539 -18.60 -16.98 -18.99
CA CYS C 539 -18.61 -17.02 -20.44
C CYS C 539 -17.17 -16.81 -20.92
N PRO C 540 -16.84 -17.26 -22.13
CA PRO C 540 -15.49 -17.04 -22.67
C PRO C 540 -15.17 -15.56 -22.79
N PRO C 541 -13.93 -15.18 -22.49
CA PRO C 541 -13.58 -13.75 -22.43
C PRO C 541 -13.35 -13.17 -23.82
N LEU C 542 -13.24 -11.84 -23.86
CA LEU C 542 -12.91 -11.10 -25.06
C LEU C 542 -11.42 -11.26 -25.40
N PRO C 543 -11.07 -11.26 -26.68
CA PRO C 543 -9.66 -11.37 -27.06
C PRO C 543 -8.91 -10.07 -26.81
N TRP C 544 -7.59 -10.20 -26.64
CA TRP C 544 -6.70 -9.06 -26.49
C TRP C 544 -6.31 -8.56 -27.87
N THR C 545 -6.84 -7.39 -28.26
CA THR C 545 -6.53 -6.82 -29.56
C THR C 545 -5.76 -5.51 -29.47
N SER C 546 -5.58 -4.97 -28.27
CA SER C 546 -5.00 -3.65 -28.07
C SER C 546 -4.66 -3.52 -26.58
N PRO C 547 -3.79 -2.58 -26.21
CA PRO C 547 -3.63 -2.26 -24.79
C PRO C 547 -4.89 -1.68 -24.16
N HIS C 548 -5.83 -1.18 -24.96
CA HIS C 548 -7.09 -0.64 -24.46
C HIS C 548 -8.17 -1.71 -24.34
N SER C 549 -8.38 -2.50 -25.40
CA SER C 549 -9.34 -3.60 -25.35
C SER C 549 -8.83 -4.70 -24.42
N GLY C 550 -9.76 -5.31 -23.67
CA GLY C 550 -9.39 -6.19 -22.59
C GLY C 550 -10.12 -7.52 -22.69
N ALA C 551 -10.55 -8.01 -21.52
CA ALA C 551 -11.13 -9.35 -21.38
C ALA C 551 -12.52 -9.37 -20.79
N PHE C 552 -12.81 -8.53 -19.80
CA PHE C 552 -14.14 -8.49 -19.20
C PHE C 552 -15.14 -7.84 -20.16
N LEU C 553 -16.42 -8.12 -19.92
CA LEU C 553 -17.46 -7.65 -20.84
C LEU C 553 -17.65 -6.15 -20.74
N LEU C 554 -17.67 -5.61 -19.52
CA LEU C 554 -17.98 -4.19 -19.32
C LEU C 554 -16.89 -3.42 -18.58
N SER C 555 -16.19 -4.06 -17.65
CA SER C 555 -15.20 -3.35 -16.85
C SER C 555 -13.87 -3.27 -17.60
N PRO C 556 -13.30 -2.07 -17.73
CA PRO C 556 -11.97 -1.95 -18.37
C PRO C 556 -10.86 -2.53 -17.49
N THR C 557 -9.84 -3.06 -18.15
CA THR C 557 -8.72 -3.73 -17.49
C THR C 557 -7.41 -3.21 -18.06
N LYS C 558 -6.42 -2.98 -17.19
CA LYS C 558 -5.11 -2.52 -17.63
C LYS C 558 -4.22 -3.69 -18.00
N LEU C 559 -3.41 -3.49 -19.05
CA LEU C 559 -2.53 -4.54 -19.54
C LEU C 559 -1.29 -4.71 -18.67
N MET C 560 -0.76 -3.62 -18.12
CA MET C 560 0.46 -3.63 -17.33
C MET C 560 0.12 -3.30 -15.89
N ARG C 561 0.43 -4.21 -14.97
CA ARG C 561 0.14 -3.97 -13.56
C ARG C 561 1.13 -2.98 -12.97
N THR C 562 0.61 -1.91 -12.36
CA THR C 562 1.42 -0.89 -11.72
C THR C 562 0.93 -0.70 -10.29
N VAL C 563 1.87 -0.61 -9.35
CA VAL C 563 1.53 -0.43 -7.96
C VAL C 563 0.88 0.94 -7.72
N GLU C 564 1.52 1.99 -8.24
CA GLU C 564 1.00 3.35 -8.08
C GLU C 564 1.59 4.21 -9.18
N GLY C 565 0.74 4.90 -9.93
CA GLY C 565 1.19 5.74 -11.03
C GLY C 565 1.83 4.93 -12.14
N ALA C 566 3.09 5.26 -12.45
CA ALA C 566 3.91 4.54 -13.43
C ALA C 566 3.26 4.55 -14.82
N THR C 567 3.13 5.76 -15.38
CA THR C 567 2.56 5.94 -16.71
C THR C 567 3.58 5.77 -17.83
N GLN C 568 4.83 5.44 -17.50
CA GLN C 568 5.86 5.30 -18.53
C GLN C 568 5.73 3.99 -19.30
N HIS C 569 5.28 2.93 -18.65
CA HIS C 569 5.06 1.66 -19.35
C HIS C 569 3.98 1.79 -20.40
N GLN C 570 2.88 2.45 -20.07
CA GLN C 570 1.80 2.68 -21.02
C GLN C 570 2.26 3.53 -22.19
N GLU C 571 3.04 4.57 -21.91
CA GLU C 571 3.55 5.43 -22.98
C GLU C 571 4.49 4.68 -23.90
N LEU C 572 5.35 3.83 -23.33
CA LEU C 572 6.25 3.03 -24.16
C LEU C 572 5.48 2.01 -25.00
N LEU C 573 4.43 1.41 -24.44
CA LEU C 573 3.63 0.47 -25.22
C LEU C 573 2.89 1.18 -26.36
N GLU C 574 2.37 2.38 -26.11
CA GLU C 574 1.66 3.11 -27.16
C GLU C 574 2.61 3.74 -28.18
N THR C 575 3.87 3.95 -27.83
CA THR C 575 4.79 4.60 -28.76
C THR C 575 5.23 3.65 -29.88
N CYS C 576 5.45 2.38 -29.56
CA CYS C 576 5.92 1.42 -30.53
C CYS C 576 4.84 1.13 -31.57
N PRO C 577 5.23 0.70 -32.78
CA PRO C 577 4.23 0.32 -33.77
C PRO C 577 3.42 -0.87 -33.31
N PRO C 578 2.15 -0.95 -33.72
CA PRO C 578 1.25 -1.96 -33.12
C PRO C 578 1.60 -3.40 -33.48
N THR C 579 2.28 -3.64 -34.60
CA THR C 579 2.55 -5.00 -35.03
C THR C 579 3.54 -5.73 -34.13
N ALA C 580 4.24 -5.01 -33.25
CA ALA C 580 5.24 -5.65 -32.39
C ALA C 580 4.62 -6.43 -31.24
N LEU C 581 3.43 -6.02 -30.77
CA LEU C 581 2.83 -6.59 -29.58
C LEU C 581 1.93 -7.79 -29.85
N HIS C 582 1.82 -8.20 -31.12
CA HIS C 582 0.84 -9.22 -31.51
C HIS C 582 1.17 -10.56 -30.87
N GLY C 583 2.47 -10.89 -30.76
CA GLY C 583 2.87 -12.16 -30.20
C GLY C 583 2.62 -12.30 -28.71
N ALA C 584 2.51 -11.19 -27.99
CA ALA C 584 2.12 -11.22 -26.60
C ALA C 584 0.60 -11.19 -26.42
N LEU C 585 -0.08 -10.41 -27.27
CA LEU C 585 -1.55 -10.37 -27.19
C LEU C 585 -2.16 -11.73 -27.51
N ASP C 586 -1.61 -12.42 -28.51
CA ASP C 586 -2.13 -13.74 -28.87
C ASP C 586 -1.93 -14.74 -27.73
N ALA C 587 -0.77 -14.68 -27.07
CA ALA C 587 -0.52 -15.58 -25.94
C ALA C 587 -1.47 -15.30 -24.79
N LEU C 588 -1.74 -14.02 -24.51
CA LEU C 588 -2.68 -13.68 -23.44
C LEU C 588 -4.09 -14.18 -23.78
N THR C 589 -4.52 -14.03 -25.03
CA THR C 589 -5.83 -14.54 -25.43
C THR C 589 -5.90 -16.06 -25.31
N GLN C 590 -4.84 -16.75 -25.73
CA GLN C 590 -4.83 -18.21 -25.66
C GLN C 590 -4.88 -18.70 -24.22
N LEU C 591 -4.15 -18.04 -23.31
CA LEU C 591 -4.27 -18.39 -21.90
C LEU C 591 -5.63 -18.03 -21.33
N GLY C 592 -6.32 -17.04 -21.91
CA GLY C 592 -7.64 -16.68 -21.42
C GLY C 592 -8.77 -17.56 -21.92
N ASN C 593 -8.57 -18.31 -23.00
CA ASN C 593 -9.63 -19.14 -23.57
C ASN C 593 -9.63 -20.58 -23.07
N CYS C 594 -9.27 -20.80 -21.81
CA CYS C 594 -9.27 -22.13 -21.21
C CYS C 594 -10.44 -22.27 -20.25
N ALA C 595 -11.21 -23.35 -20.40
CA ALA C 595 -12.41 -23.58 -19.61
C ALA C 595 -12.11 -24.52 -18.43
N TRP C 596 -12.67 -24.19 -17.28
CA TRP C 596 -12.42 -24.90 -16.03
C TRP C 596 -13.72 -25.45 -15.45
N ARG C 597 -13.58 -26.31 -14.45
CA ARG C 597 -14.72 -26.81 -13.66
C ARG C 597 -14.20 -27.28 -12.31
N VAL C 598 -15.13 -27.45 -11.37
CA VAL C 598 -14.80 -27.68 -9.97
C VAL C 598 -14.91 -29.17 -9.64
N ASN C 599 -13.87 -29.72 -9.03
CA ASN C 599 -13.94 -31.07 -8.49
C ASN C 599 -14.88 -31.12 -7.29
N GLY C 600 -15.70 -32.17 -7.21
CA GLY C 600 -16.75 -32.23 -6.22
C GLY C 600 -16.44 -32.98 -4.95
N ARG C 601 -15.81 -34.14 -5.09
CA ARG C 601 -15.52 -34.99 -3.93
C ARG C 601 -14.56 -34.30 -2.97
N VAL C 602 -13.54 -33.64 -3.51
CA VAL C 602 -12.57 -32.92 -2.68
C VAL C 602 -13.26 -31.79 -1.93
N LEU C 603 -14.16 -31.07 -2.60
CA LEU C 603 -14.87 -29.98 -1.95
C LEU C 603 -15.77 -30.50 -0.83
N ASP C 604 -16.45 -31.63 -1.06
CA ASP C 604 -17.29 -32.22 -0.02
C ASP C 604 -16.48 -32.62 1.20
N LEU C 605 -15.32 -33.27 0.99
CA LEU C 605 -14.48 -33.66 2.11
C LEU C 605 -13.93 -32.44 2.84
N VAL C 606 -13.56 -31.40 2.09
CA VAL C 606 -13.00 -30.19 2.71
C VAL C 606 -14.05 -29.50 3.57
N LEU C 607 -15.29 -29.41 3.07
CA LEU C 607 -16.36 -28.82 3.87
C LEU C 607 -16.67 -29.65 5.10
N GLN C 608 -16.62 -31.00 4.96
CA GLN C 608 -16.84 -31.86 6.11
C GLN C 608 -15.81 -31.63 7.20
N LEU C 609 -14.54 -31.48 6.82
CA LEU C 609 -13.52 -31.16 7.83
C LEU C 609 -13.66 -29.74 8.34
N PHE C 610 -14.14 -28.81 7.51
CA PHE C 610 -14.25 -27.41 7.91
C PHE C 610 -15.33 -27.19 8.95
N GLN C 611 -16.46 -27.89 8.84
CA GLN C 611 -17.57 -27.66 9.77
C GLN C 611 -17.23 -28.14 11.18
N ALA C 612 -16.42 -29.19 11.32
CA ALA C 612 -16.17 -29.84 12.61
C ALA C 612 -14.70 -29.70 12.98
N LYS C 613 -14.36 -28.58 13.62
CA LYS C 613 -13.11 -28.32 14.34
C LYS C 613 -11.88 -28.18 13.45
N GLY C 614 -11.98 -28.42 12.14
CA GLY C 614 -10.86 -28.21 11.24
C GLY C 614 -9.74 -29.22 11.40
N CYS C 615 -8.64 -28.97 10.66
CA CYS C 615 -7.43 -29.77 10.71
C CYS C 615 -6.24 -28.94 10.23
N PRO C 616 -5.52 -28.28 11.14
CA PRO C 616 -4.51 -27.29 10.72
C PRO C 616 -3.27 -27.89 10.05
N GLN C 617 -3.06 -29.20 10.11
CA GLN C 617 -1.91 -29.81 9.45
C GLN C 617 -2.15 -30.11 7.98
N LEU C 618 -3.40 -30.07 7.51
CA LEU C 618 -3.71 -30.21 6.09
C LEU C 618 -3.91 -28.88 5.40
N GLY C 619 -3.71 -27.76 6.08
CA GLY C 619 -3.88 -26.46 5.49
C GLY C 619 -5.21 -25.79 5.71
N VAL C 620 -6.17 -26.49 6.33
CA VAL C 620 -7.48 -25.92 6.64
C VAL C 620 -7.47 -25.45 8.10
N PRO C 621 -7.90 -24.22 8.38
CA PRO C 621 -7.78 -23.68 9.75
C PRO C 621 -8.75 -24.28 10.77
N ALA C 622 -8.62 -23.84 12.01
CA ALA C 622 -9.38 -24.30 13.17
C ALA C 622 -10.20 -23.15 13.75
N PRO C 623 -11.36 -23.43 14.34
CA PRO C 623 -12.23 -22.35 14.83
C PRO C 623 -11.68 -21.72 16.09
N PRO C 624 -12.13 -20.51 16.44
CA PRO C 624 -11.67 -19.87 17.68
C PRO C 624 -12.13 -20.56 18.95
N SER C 625 -13.07 -21.51 18.87
CA SER C 625 -13.50 -22.23 20.06
C SER C 625 -12.38 -23.09 20.63
N GLU C 626 -11.44 -23.54 19.79
CA GLU C 626 -10.31 -24.34 20.21
C GLU C 626 -9.02 -23.54 20.29
N ALA C 627 -9.11 -22.26 20.63
CA ALA C 627 -7.92 -21.47 20.91
C ALA C 627 -7.27 -21.95 22.20
N PRO C 628 -5.94 -21.85 22.30
CA PRO C 628 -5.26 -22.30 23.53
C PRO C 628 -5.62 -21.45 24.73
N GLN C 629 -5.62 -22.08 25.90
CA GLN C 629 -5.95 -21.45 27.17
C GLN C 629 -4.71 -21.33 28.05
N PRO C 630 -4.63 -20.31 28.91
CA PRO C 630 -3.48 -20.19 29.80
C PRO C 630 -3.46 -21.32 30.81
N PRO C 631 -2.26 -21.75 31.24
CA PRO C 631 -2.20 -22.85 32.22
C PRO C 631 -2.63 -22.43 33.62
N GLU C 632 -2.36 -21.19 34.01
CA GLU C 632 -2.71 -20.69 35.33
C GLU C 632 -3.38 -19.33 35.22
N ALA C 633 -4.25 -19.04 36.19
CA ALA C 633 -4.96 -17.77 36.22
C ALA C 633 -4.11 -16.70 36.92
N HIS C 634 -4.68 -15.52 37.08
CA HIS C 634 -4.00 -14.40 37.71
C HIS C 634 -4.45 -14.25 39.15
N LEU C 635 -3.51 -13.94 40.03
CA LEU C 635 -3.78 -13.73 41.45
C LEU C 635 -3.63 -12.27 41.80
N PRO C 636 -4.55 -11.69 42.58
CA PRO C 636 -4.41 -10.27 42.93
C PRO C 636 -3.24 -10.01 43.87
N HIS C 637 -3.06 -10.83 44.90
CA HIS C 637 -1.96 -10.65 45.82
C HIS C 637 -0.64 -11.04 45.17
N SER C 638 0.43 -10.36 45.57
CA SER C 638 1.76 -10.63 45.03
C SER C 638 2.39 -11.78 45.81
N ALA C 639 1.97 -13.00 45.44
CA ALA C 639 2.51 -14.19 46.08
C ALA C 639 4.00 -14.34 45.81
N ALA C 640 4.42 -14.10 44.56
CA ALA C 640 5.82 -14.12 44.19
C ALA C 640 6.06 -12.95 43.25
N PRO C 641 7.13 -12.17 43.45
CA PRO C 641 7.43 -11.08 42.51
C PRO C 641 7.69 -11.56 41.10
N ALA C 642 8.30 -12.74 40.93
CA ALA C 642 8.52 -13.28 39.60
C ALA C 642 7.24 -13.82 38.98
N ARG C 643 6.24 -14.16 39.79
CA ARG C 643 5.00 -14.74 39.27
C ARG C 643 4.22 -13.71 38.45
N LYS C 644 4.20 -12.45 38.87
CA LYS C 644 3.42 -11.44 38.18
C LYS C 644 3.99 -11.16 36.79
N ALA C 645 5.32 -11.09 36.67
CA ALA C 645 5.95 -10.81 35.37
C ALA C 645 5.69 -11.93 34.38
N GLU C 646 5.81 -13.19 34.82
CA GLU C 646 5.55 -14.29 33.90
C GLU C 646 4.06 -14.42 33.60
N LEU C 647 3.19 -14.07 34.55
CA LEU C 647 1.75 -14.05 34.27
C LEU C 647 1.42 -13.04 33.18
N ARG C 648 1.99 -11.84 33.28
CA ARG C 648 1.78 -10.84 32.22
C ARG C 648 2.37 -11.31 30.89
N ARG C 649 3.57 -11.89 30.93
CA ARG C 649 4.26 -12.27 29.70
C ARG C 649 3.56 -13.42 28.97
N GLU C 650 2.93 -14.32 29.71
CA GLU C 650 2.22 -15.44 29.08
C GLU C 650 0.72 -15.20 28.91
N LEU C 651 0.16 -14.15 29.50
CA LEU C 651 -1.20 -13.75 29.15
C LEU C 651 -1.24 -12.67 28.08
N ALA C 652 -0.11 -12.08 27.72
CA ALA C 652 -0.03 -11.20 26.57
C ALA C 652 0.33 -11.95 25.29
N HIS C 653 0.47 -13.27 25.35
CA HIS C 653 0.89 -14.08 24.22
C HIS C 653 -0.27 -14.76 23.49
N CYS C 654 -1.33 -15.11 24.21
CA CYS C 654 -2.43 -15.85 23.58
C CYS C 654 -3.25 -14.99 22.65
N GLN C 655 -3.29 -13.67 22.88
CA GLN C 655 -4.11 -12.78 22.07
C GLN C 655 -3.61 -12.71 20.63
N LYS C 656 -2.29 -12.67 20.46
CA LYS C 656 -1.72 -12.64 19.11
C LYS C 656 -2.03 -13.93 18.34
N VAL C 657 -1.93 -15.07 19.03
CA VAL C 657 -2.28 -16.35 18.41
C VAL C 657 -3.75 -16.37 18.00
N ALA C 658 -4.62 -15.87 18.89
CA ALA C 658 -6.05 -15.84 18.57
C ALA C 658 -6.34 -14.95 17.37
N ARG C 659 -5.69 -13.79 17.28
CA ARG C 659 -5.88 -12.89 16.15
C ARG C 659 -5.40 -13.52 14.84
N GLU C 660 -4.24 -14.19 14.88
CA GLU C 660 -3.75 -14.87 13.69
C GLU C 660 -4.71 -15.98 13.25
N MET C 661 -5.22 -16.74 14.20
CA MET C 661 -6.21 -17.78 13.91
C MET C 661 -7.44 -17.19 13.25
N HIS C 662 -7.90 -16.05 13.75
CA HIS C 662 -9.08 -15.39 13.20
C HIS C 662 -8.85 -14.97 11.76
N SER C 663 -7.67 -14.41 11.46
CA SER C 663 -7.36 -14.00 10.09
C SER C 663 -7.33 -15.18 9.13
N LEU C 664 -6.66 -16.26 9.54
CA LEU C 664 -6.58 -17.45 8.69
C LEU C 664 -7.97 -18.05 8.42
N ARG C 665 -8.81 -18.13 9.45
CA ARG C 665 -10.14 -18.69 9.24
C ARG C 665 -10.98 -17.78 8.35
N ALA C 666 -10.80 -16.47 8.45
CA ALA C 666 -11.54 -15.55 7.58
C ALA C 666 -11.20 -15.78 6.11
N GLU C 667 -9.89 -15.86 5.79
CA GLU C 667 -9.53 -16.03 4.39
C GLU C 667 -9.94 -17.40 3.86
N ALA C 668 -9.81 -18.44 4.68
CA ALA C 668 -10.24 -19.77 4.24
C ALA C 668 -11.74 -19.83 4.02
N LEU C 669 -12.52 -19.17 4.88
CA LEU C 669 -13.97 -19.14 4.71
C LEU C 669 -14.37 -18.45 3.41
N TYR C 670 -13.71 -17.32 3.09
CA TYR C 670 -13.99 -16.63 1.83
C TYR C 670 -13.71 -17.53 0.63
N ARG C 671 -12.54 -18.18 0.64
CA ARG C 671 -12.15 -19.04 -0.49
C ARG C 671 -13.12 -20.20 -0.66
N LEU C 672 -13.46 -20.88 0.45
CA LEU C 672 -14.31 -22.05 0.36
C LEU C 672 -15.75 -21.68 -0.02
N SER C 673 -16.24 -20.52 0.43
CA SER C 673 -17.57 -20.10 0.02
C SER C 673 -17.64 -19.81 -1.47
N LEU C 674 -16.61 -19.13 -2.02
CA LEU C 674 -16.59 -18.90 -3.45
C LEU C 674 -16.49 -20.20 -4.23
N ALA C 675 -15.71 -21.17 -3.72
CA ALA C 675 -15.61 -22.46 -4.38
C ALA C 675 -16.95 -23.21 -4.35
N GLN C 676 -17.68 -23.11 -3.24
CA GLN C 676 -18.99 -23.75 -3.14
C GLN C 676 -20.00 -23.12 -4.07
N HIS C 677 -19.91 -21.81 -4.31
CA HIS C 677 -20.86 -21.15 -5.20
C HIS C 677 -20.77 -21.70 -6.63
N LEU C 678 -19.56 -21.97 -7.11
CA LEU C 678 -19.34 -22.32 -8.51
C LEU C 678 -19.47 -23.81 -8.77
N ARG C 679 -20.21 -24.55 -7.94
CA ARG C 679 -20.47 -25.95 -8.22
C ARG C 679 -21.41 -26.07 -9.42
N ASP C 680 -21.36 -27.25 -10.06
CA ASP C 680 -22.08 -27.60 -11.29
C ASP C 680 -22.12 -26.48 -12.33
N ARG C 681 -20.98 -25.83 -12.55
CA ARG C 681 -20.85 -24.76 -13.52
C ARG C 681 -19.52 -24.90 -14.24
N VAL C 682 -19.37 -24.16 -15.35
CA VAL C 682 -18.10 -24.02 -16.05
C VAL C 682 -17.74 -22.54 -16.09
N PHE C 683 -16.46 -22.23 -15.91
CA PHE C 683 -16.01 -20.85 -15.78
C PHE C 683 -14.66 -20.66 -16.46
N TRP C 684 -14.23 -19.40 -16.54
CA TRP C 684 -13.04 -19.00 -17.27
C TRP C 684 -12.21 -18.02 -16.44
N LEU C 685 -10.94 -17.88 -16.80
CA LEU C 685 -10.02 -16.98 -16.10
C LEU C 685 -9.18 -16.19 -17.11
N PRO C 686 -9.31 -14.86 -17.16
CA PRO C 686 -8.44 -14.04 -18.01
C PRO C 686 -7.08 -13.80 -17.36
N HIS C 687 -6.22 -13.05 -18.09
CA HIS C 687 -4.83 -12.85 -17.69
C HIS C 687 -4.38 -11.43 -18.01
N ASN C 688 -3.33 -11.00 -17.30
CA ASN C 688 -2.65 -9.72 -17.52
C ASN C 688 -1.15 -9.96 -17.42
N MET C 689 -0.36 -8.88 -17.37
CA MET C 689 1.07 -9.01 -17.19
C MET C 689 1.62 -7.83 -16.40
N ASP C 690 2.82 -8.02 -15.84
CA ASP C 690 3.53 -6.96 -15.14
C ASP C 690 4.46 -6.23 -16.11
N PHE C 691 5.35 -5.38 -15.56
CA PHE C 691 6.18 -4.53 -16.40
C PHE C 691 7.40 -5.24 -16.97
N ARG C 692 7.69 -6.47 -16.53
CA ARG C 692 8.78 -7.26 -17.09
C ARG C 692 8.32 -8.43 -17.97
N GLY C 693 7.01 -8.62 -18.13
CA GLY C 693 6.48 -9.58 -19.07
C GLY C 693 5.85 -10.83 -18.48
N ARG C 694 5.97 -11.06 -17.18
CA ARG C 694 5.36 -12.23 -16.56
C ARG C 694 3.85 -12.07 -16.42
N THR C 695 3.13 -13.19 -16.49
CA THR C 695 1.67 -13.18 -16.60
C THR C 695 1.01 -13.74 -15.34
N TYR C 696 -0.12 -13.14 -14.97
CA TYR C 696 -0.90 -13.52 -13.80
C TYR C 696 -2.39 -13.48 -14.12
N PRO C 697 -3.20 -14.27 -13.44
CA PRO C 697 -4.66 -14.16 -13.59
C PRO C 697 -5.23 -12.98 -12.81
N CYS C 698 -6.42 -12.55 -13.22
CA CYS C 698 -7.11 -11.43 -12.60
C CYS C 698 -7.86 -11.78 -11.30
N PRO C 699 -8.67 -12.85 -11.23
CA PRO C 699 -9.40 -13.11 -9.97
C PRO C 699 -8.48 -13.61 -8.88
N PRO C 700 -8.40 -12.91 -7.74
CA PRO C 700 -7.38 -13.21 -6.73
C PRO C 700 -7.71 -14.37 -5.79
N HIS C 701 -8.98 -14.54 -5.42
CA HIS C 701 -9.32 -15.47 -4.36
C HIS C 701 -9.20 -16.92 -4.78
N PHE C 702 -9.42 -17.21 -6.06
CA PHE C 702 -9.59 -18.58 -6.53
C PHE C 702 -8.98 -18.70 -7.93
N ASN C 703 -7.72 -19.13 -8.00
CA ASN C 703 -7.04 -19.38 -9.26
C ASN C 703 -5.98 -20.46 -9.03
N HIS C 704 -5.19 -20.75 -10.06
CA HIS C 704 -4.21 -21.82 -9.99
C HIS C 704 -2.86 -21.37 -9.47
N LEU C 705 -2.64 -20.07 -9.31
CA LEU C 705 -1.43 -19.57 -8.63
C LEU C 705 -1.72 -19.39 -7.15
N GLY C 706 -2.03 -20.50 -6.49
CA GLY C 706 -2.43 -20.47 -5.11
C GLY C 706 -1.93 -21.67 -4.33
N SER C 707 -2.56 -21.98 -3.22
CA SER C 707 -2.11 -23.04 -2.34
C SER C 707 -2.55 -24.40 -2.90
N ASP C 708 -2.33 -25.45 -2.12
CA ASP C 708 -2.67 -26.80 -2.55
C ASP C 708 -4.18 -26.97 -2.70
N VAL C 709 -4.96 -26.42 -1.77
CA VAL C 709 -6.40 -26.58 -1.80
C VAL C 709 -7.00 -25.85 -3.00
N ALA C 710 -6.48 -24.66 -3.32
CA ALA C 710 -6.97 -23.93 -4.49
C ALA C 710 -6.61 -24.62 -5.80
N ARG C 711 -5.57 -25.47 -5.81
CA ARG C 711 -5.19 -26.18 -7.01
C ARG C 711 -5.84 -27.56 -7.12
N ALA C 712 -6.30 -28.12 -6.01
CA ALA C 712 -6.92 -29.44 -6.03
C ALA C 712 -8.41 -29.39 -6.35
N LEU C 713 -9.01 -28.21 -6.40
CA LEU C 713 -10.42 -28.04 -6.72
C LEU C 713 -10.65 -27.68 -8.18
N LEU C 714 -9.61 -27.70 -9.00
CA LEU C 714 -9.69 -27.27 -10.39
C LEU C 714 -9.48 -28.45 -11.33
N GLU C 715 -10.29 -28.53 -12.38
CA GLU C 715 -10.17 -29.57 -13.38
C GLU C 715 -10.45 -28.98 -14.76
N PHE C 716 -9.97 -29.68 -15.79
CA PHE C 716 -10.29 -29.30 -17.16
C PHE C 716 -11.73 -29.67 -17.47
N ALA C 717 -12.47 -28.73 -18.06
CA ALA C 717 -13.85 -29.01 -18.42
C ALA C 717 -13.94 -29.99 -19.59
N GLN C 718 -13.08 -29.80 -20.59
CA GLN C 718 -13.05 -30.68 -21.76
C GLN C 718 -12.02 -31.77 -21.54
N GLY C 719 -12.39 -33.00 -21.89
CA GLY C 719 -11.57 -34.17 -21.62
C GLY C 719 -10.99 -34.75 -22.90
N ARG C 720 -9.84 -35.39 -22.77
CA ARG C 720 -9.15 -36.05 -23.86
C ARG C 720 -8.94 -37.51 -23.53
N PRO C 721 -9.19 -38.42 -24.48
CA PRO C 721 -8.86 -39.82 -24.25
C PRO C 721 -7.36 -40.00 -24.05
N LEU C 722 -7.01 -40.98 -23.20
CA LEU C 722 -5.64 -41.11 -22.74
C LEU C 722 -4.68 -41.43 -23.87
N GLY C 723 -5.14 -42.13 -24.90
CA GLY C 723 -4.29 -42.50 -26.01
C GLY C 723 -3.33 -43.61 -25.64
N PRO C 724 -2.35 -43.86 -26.51
CA PRO C 724 -1.38 -44.93 -26.22
C PRO C 724 -0.53 -44.70 -24.98
N HIS C 725 -0.20 -43.45 -24.66
CA HIS C 725 0.78 -43.10 -23.65
C HIS C 725 0.24 -42.04 -22.70
N GLY C 726 -0.95 -42.26 -22.16
CA GLY C 726 -1.56 -41.28 -21.28
C GLY C 726 -1.52 -41.60 -19.80
N LEU C 727 -1.53 -42.90 -19.47
CA LEU C 727 -1.54 -43.32 -18.08
C LEU C 727 -0.16 -43.20 -17.43
N ASP C 728 0.91 -43.44 -18.21
CA ASP C 728 2.26 -43.35 -17.69
C ASP C 728 2.58 -41.93 -17.25
N TRP C 729 2.16 -40.94 -18.04
CA TRP C 729 2.37 -39.55 -17.65
C TRP C 729 1.57 -39.18 -16.40
N LEU C 730 0.39 -39.77 -16.23
CA LEU C 730 -0.37 -39.54 -14.99
C LEU C 730 0.37 -40.08 -13.78
N LYS C 731 0.94 -41.27 -13.89
CA LYS C 731 1.69 -41.83 -12.76
C LYS C 731 2.96 -41.03 -12.48
N ILE C 732 3.65 -40.57 -13.53
CA ILE C 732 4.83 -39.74 -13.37
C ILE C 732 4.47 -38.43 -12.68
N HIS C 733 3.36 -37.81 -13.07
CA HIS C 733 2.91 -36.59 -12.41
C HIS C 733 2.52 -36.85 -10.96
N LEU C 734 1.93 -38.00 -10.67
CA LEU C 734 1.58 -38.32 -9.29
C LEU C 734 2.83 -38.42 -8.41
N VAL C 735 3.86 -39.10 -8.92
CA VAL C 735 5.11 -39.19 -8.17
C VAL C 735 5.76 -37.82 -8.03
N ASN C 736 5.63 -36.98 -9.06
CA ASN C 736 6.17 -35.62 -8.99
C ASN C 736 5.48 -34.79 -7.91
N LEU C 737 4.14 -34.88 -7.84
CA LEU C 737 3.40 -34.12 -6.85
C LEU C 737 3.62 -34.64 -5.44
N THR C 738 3.91 -35.95 -5.30
CA THR C 738 4.29 -36.47 -4.00
C THR C 738 5.56 -35.81 -3.50
N GLY C 739 6.53 -35.58 -4.40
CA GLY C 739 7.75 -34.92 -4.04
C GLY C 739 8.76 -35.77 -3.32
N LEU C 740 8.55 -37.09 -3.31
CA LEU C 740 9.47 -37.99 -2.61
C LEU C 740 10.83 -38.03 -3.29
N LYS C 741 10.84 -38.04 -4.62
CA LYS C 741 12.07 -38.20 -5.39
C LYS C 741 12.09 -37.18 -6.53
N LYS C 742 13.16 -36.38 -6.59
CA LYS C 742 13.31 -35.37 -7.63
C LYS C 742 14.67 -35.47 -8.33
N ARG C 743 15.38 -36.58 -8.14
CA ARG C 743 16.73 -36.72 -8.67
C ARG C 743 16.92 -37.92 -9.59
N GLU C 744 15.85 -38.65 -9.89
CA GLU C 744 15.92 -39.88 -10.66
C GLU C 744 15.31 -39.70 -12.04
N PRO C 745 15.65 -40.57 -12.99
CA PRO C 745 15.02 -40.49 -14.31
C PRO C 745 13.56 -40.92 -14.27
N LEU C 746 12.88 -40.67 -15.39
CA LEU C 746 11.44 -40.89 -15.48
C LEU C 746 11.06 -42.36 -15.35
N ARG C 747 11.93 -43.27 -15.81
CA ARG C 747 11.65 -44.70 -15.69
C ARG C 747 11.57 -45.10 -14.23
N LYS C 748 12.52 -44.61 -13.42
CA LYS C 748 12.53 -44.94 -12.00
C LYS C 748 11.36 -44.31 -11.26
N ARG C 749 10.87 -43.16 -11.75
CA ARG C 749 9.68 -42.57 -11.15
C ARG C 749 8.42 -43.36 -11.49
N LEU C 750 8.27 -43.78 -12.75
CA LEU C 750 7.07 -44.54 -13.13
C LEU C 750 7.09 -45.95 -12.53
N ALA C 751 8.29 -46.48 -12.27
CA ALA C 751 8.38 -47.76 -11.57
C ALA C 751 7.81 -47.67 -10.16
N PHE C 752 7.97 -46.51 -9.51
CA PHE C 752 7.55 -46.36 -8.12
C PHE C 752 6.02 -46.41 -7.98
N ALA C 753 5.30 -45.88 -8.98
CA ALA C 753 3.85 -45.76 -8.86
C ALA C 753 3.17 -47.12 -8.83
N GLU C 754 3.74 -48.12 -9.52
CA GLU C 754 3.17 -49.46 -9.53
C GLU C 754 3.22 -50.13 -8.16
N GLU C 755 4.10 -49.67 -7.27
CA GLU C 755 4.26 -50.27 -5.96
C GLU C 755 3.28 -49.74 -4.92
N VAL C 756 2.64 -48.61 -5.18
CA VAL C 756 1.75 -47.97 -4.21
C VAL C 756 0.32 -48.02 -4.70
N MET C 757 -0.01 -49.03 -5.51
CA MET C 757 -1.34 -49.13 -6.09
C MET C 757 -2.40 -49.39 -5.01
N ASP C 758 -2.06 -50.21 -4.00
CA ASP C 758 -3.00 -50.44 -2.91
C ASP C 758 -3.25 -49.17 -2.11
N ASP C 759 -2.20 -48.37 -1.89
CA ASP C 759 -2.39 -47.10 -1.20
C ASP C 759 -3.25 -46.14 -2.03
N ILE C 760 -3.06 -46.14 -3.35
CA ILE C 760 -3.88 -45.32 -4.23
C ILE C 760 -5.35 -45.74 -4.13
N LEU C 761 -5.59 -47.05 -4.17
CA LEU C 761 -6.97 -47.55 -4.10
C LEU C 761 -7.62 -47.25 -2.75
N ASP C 762 -6.88 -47.43 -1.65
CA ASP C 762 -7.43 -47.17 -0.33
C ASP C 762 -7.68 -45.68 -0.11
N SER C 763 -6.83 -44.81 -0.67
CA SER C 763 -7.08 -43.39 -0.55
C SER C 763 -8.22 -42.93 -1.45
N ALA C 764 -8.41 -43.59 -2.58
CA ALA C 764 -9.50 -43.22 -3.49
C ALA C 764 -10.85 -43.71 -3.00
N ASP C 765 -10.90 -44.84 -2.30
CA ASP C 765 -12.17 -45.42 -1.88
C ASP C 765 -12.68 -44.83 -0.57
N GLN C 766 -11.91 -44.97 0.51
CA GLN C 766 -12.28 -44.48 1.83
C GLN C 766 -11.17 -43.55 2.32
N PRO C 767 -11.27 -42.25 2.05
CA PRO C 767 -10.18 -41.32 2.40
C PRO C 767 -9.96 -41.15 3.89
N LEU C 768 -11.02 -40.84 4.63
CA LEU C 768 -10.92 -40.46 6.03
C LEU C 768 -11.33 -41.58 6.98
N THR C 769 -11.42 -42.82 6.50
CA THR C 769 -11.79 -43.95 7.34
C THR C 769 -10.65 -44.96 7.49
N GLY C 770 -10.04 -45.37 6.40
CA GLY C 770 -8.97 -46.36 6.42
C GLY C 770 -7.60 -45.75 6.59
N ARG C 771 -6.60 -46.44 6.03
CA ARG C 771 -5.23 -45.97 6.06
C ARG C 771 -5.09 -44.67 5.27
N LYS C 772 -4.70 -43.60 5.97
CA LYS C 772 -4.55 -42.29 5.35
C LYS C 772 -3.12 -42.17 4.82
N TRP C 773 -2.88 -42.82 3.68
CA TRP C 773 -1.56 -42.79 3.06
C TRP C 773 -1.27 -41.47 2.35
N TRP C 774 -2.29 -40.84 1.77
CA TRP C 774 -2.07 -39.59 1.03
C TRP C 774 -1.66 -38.45 1.95
N MET C 775 -1.84 -38.59 3.26
CA MET C 775 -1.26 -37.64 4.20
C MET C 775 0.25 -37.80 4.25
N GLY C 776 0.93 -36.73 4.60
CA GLY C 776 2.37 -36.75 4.69
C GLY C 776 3.12 -36.46 3.42
N ALA C 777 2.40 -36.17 2.33
CA ALA C 777 3.02 -35.74 1.09
C ALA C 777 3.13 -34.23 1.06
N GLU C 778 4.01 -33.73 0.19
CA GLU C 778 4.20 -32.29 0.06
C GLU C 778 2.94 -31.61 -0.46
N GLU C 779 2.19 -32.29 -1.32
CA GLU C 779 0.90 -31.81 -1.81
C GLU C 779 -0.13 -32.91 -1.59
N PRO C 780 -0.76 -32.95 -0.41
CA PRO C 780 -1.72 -34.03 -0.11
C PRO C 780 -2.97 -34.04 -0.98
N TRP C 781 -3.62 -32.87 -1.13
CA TRP C 781 -4.91 -32.83 -1.79
C TRP C 781 -4.78 -33.10 -3.29
N GLN C 782 -3.74 -32.54 -3.92
CA GLN C 782 -3.49 -32.83 -5.32
C GLN C 782 -3.15 -34.30 -5.53
N THR C 783 -2.41 -34.89 -4.59
CA THR C 783 -2.12 -36.31 -4.64
C THR C 783 -3.41 -37.14 -4.56
N LEU C 784 -4.34 -36.73 -3.69
CA LEU C 784 -5.61 -37.46 -3.59
C LEU C 784 -6.44 -37.35 -4.87
N ALA C 785 -6.50 -36.16 -5.45
CA ALA C 785 -7.21 -35.99 -6.72
C ALA C 785 -6.62 -36.87 -7.81
N CYS C 786 -5.28 -36.90 -7.88
CA CYS C 786 -4.62 -37.73 -8.89
C CYS C 786 -4.85 -39.22 -8.61
N CYS C 787 -4.89 -39.62 -7.34
CA CYS C 787 -5.16 -41.01 -7.00
C CYS C 787 -6.56 -41.41 -7.44
N MET C 788 -7.55 -40.55 -7.22
CA MET C 788 -8.91 -40.85 -7.67
C MET C 788 -8.98 -40.98 -9.19
N GLU C 789 -8.32 -40.05 -9.90
CA GLU C 789 -8.31 -40.10 -11.37
C GLU C 789 -7.65 -41.39 -11.88
N VAL C 790 -6.51 -41.75 -11.31
CA VAL C 790 -5.77 -42.93 -11.74
C VAL C 790 -6.54 -44.21 -11.43
N ALA C 791 -7.19 -44.27 -10.27
CA ALA C 791 -7.97 -45.46 -9.93
C ALA C 791 -9.17 -45.62 -10.86
N ASN C 792 -9.85 -44.51 -11.18
CA ASN C 792 -10.95 -44.58 -12.14
C ASN C 792 -10.45 -45.02 -13.52
N ALA C 793 -9.28 -44.54 -13.93
CA ALA C 793 -8.72 -44.96 -15.21
C ALA C 793 -8.36 -46.44 -15.21
N VAL C 794 -7.84 -46.95 -14.08
CA VAL C 794 -7.41 -48.34 -14.01
C VAL C 794 -8.61 -49.28 -14.03
N ARG C 795 -9.66 -48.97 -13.26
CA ARG C 795 -10.83 -49.86 -13.21
C ARG C 795 -11.75 -49.56 -14.41
N ALA C 796 -11.27 -49.93 -15.59
CA ALA C 796 -12.02 -49.77 -16.83
C ALA C 796 -11.67 -50.90 -17.78
N SER C 797 -12.58 -51.14 -18.74
CA SER C 797 -12.35 -52.19 -19.72
C SER C 797 -11.19 -51.85 -20.64
N ASP C 798 -11.19 -50.64 -21.20
CA ASP C 798 -10.10 -50.16 -22.04
C ASP C 798 -9.54 -48.87 -21.44
N PRO C 799 -8.41 -48.94 -20.74
CA PRO C 799 -7.84 -47.71 -20.14
C PRO C 799 -7.48 -46.64 -21.16
N ALA C 800 -7.09 -47.03 -22.37
CA ALA C 800 -6.69 -46.07 -23.39
C ALA C 800 -7.87 -45.31 -23.97
N ALA C 801 -9.09 -45.71 -23.68
CA ALA C 801 -10.28 -45.00 -24.13
C ALA C 801 -10.89 -44.12 -23.05
N TYR C 802 -10.28 -44.08 -21.87
CA TYR C 802 -10.82 -43.32 -20.76
C TYR C 802 -10.60 -41.82 -20.95
N VAL C 803 -11.62 -41.04 -20.69
CA VAL C 803 -11.57 -39.59 -20.81
C VAL C 803 -11.13 -39.01 -19.48
N SER C 804 -10.04 -38.24 -19.48
CA SER C 804 -9.44 -37.69 -18.27
C SER C 804 -9.46 -36.16 -18.32
N HIS C 805 -9.50 -35.55 -17.14
CA HIS C 805 -9.54 -34.11 -16.99
C HIS C 805 -8.41 -33.52 -16.17
N LEU C 806 -7.45 -34.33 -15.73
CA LEU C 806 -6.43 -33.87 -14.79
C LEU C 806 -5.23 -33.28 -15.53
N PRO C 807 -4.78 -32.07 -15.17
CA PRO C 807 -3.58 -31.51 -15.79
C PRO C 807 -2.29 -32.20 -15.34
N VAL C 808 -1.29 -32.17 -16.21
CA VAL C 808 0.04 -32.71 -15.94
C VAL C 808 1.05 -31.56 -16.00
N HIS C 809 2.03 -31.59 -15.09
CA HIS C 809 2.93 -30.46 -14.86
C HIS C 809 4.35 -30.82 -15.27
N GLN C 810 5.00 -29.95 -16.04
CA GLN C 810 6.42 -30.05 -16.38
C GLN C 810 7.10 -28.74 -16.03
N ASP C 811 8.19 -28.81 -15.26
CA ASP C 811 8.85 -27.64 -14.70
C ASP C 811 10.30 -27.56 -15.17
N GLY C 812 10.85 -26.36 -15.11
CA GLY C 812 12.22 -26.10 -15.55
C GLY C 812 13.18 -26.10 -14.37
N SER C 813 14.45 -26.44 -14.66
CA SER C 813 15.43 -26.65 -13.60
C SER C 813 15.73 -25.37 -12.84
N CYS C 814 16.42 -24.42 -13.48
CA CYS C 814 16.70 -23.12 -12.87
C CYS C 814 16.70 -22.12 -14.02
N ASN C 815 15.56 -21.46 -14.22
CA ASN C 815 15.35 -20.73 -15.47
C ASN C 815 16.17 -19.46 -15.53
N GLY C 816 16.42 -18.81 -14.38
CA GLY C 816 17.26 -17.63 -14.37
C GLY C 816 18.69 -17.93 -14.76
N LEU C 817 19.27 -19.00 -14.20
CA LEU C 817 20.60 -19.44 -14.58
C LEU C 817 20.65 -19.90 -16.03
N GLN C 818 19.60 -20.58 -16.48
CA GLN C 818 19.62 -21.27 -17.77
C GLN C 818 19.78 -20.29 -18.93
N HIS C 819 19.36 -19.04 -18.75
CA HIS C 819 19.52 -18.03 -19.79
C HIS C 819 20.94 -17.47 -19.83
N TYR C 820 21.58 -17.32 -18.67
CA TYR C 820 23.00 -16.94 -18.61
C TYR C 820 23.91 -17.78 -19.47
N ALA C 821 23.67 -19.10 -19.51
CA ALA C 821 24.59 -19.99 -20.19
C ALA C 821 24.51 -19.88 -21.72
N ALA C 822 23.55 -19.13 -22.26
CA ALA C 822 23.48 -18.93 -23.69
C ALA C 822 23.64 -17.47 -24.13
N LEU C 823 23.38 -16.50 -23.26
CA LEU C 823 23.81 -15.13 -23.50
C LEU C 823 25.31 -15.13 -23.26
N GLY C 824 26.05 -15.42 -24.31
CA GLY C 824 27.42 -15.85 -24.15
C GLY C 824 27.39 -17.33 -23.82
N ARG C 825 28.12 -18.12 -24.60
CA ARG C 825 28.00 -19.57 -24.54
C ARG C 825 29.06 -20.12 -23.61
N ASP C 826 28.65 -20.95 -22.67
CA ASP C 826 29.56 -21.51 -21.67
C ASP C 826 29.47 -23.02 -21.69
N SER C 827 30.59 -23.68 -21.97
CA SER C 827 30.66 -25.14 -21.88
C SER C 827 30.66 -25.62 -20.44
N VAL C 828 30.84 -24.72 -19.48
CA VAL C 828 30.79 -25.03 -18.05
C VAL C 828 29.61 -24.26 -17.48
N GLY C 829 28.74 -24.96 -16.76
CA GLY C 829 27.53 -24.35 -16.26
C GLY C 829 26.31 -24.77 -17.05
N ALA C 830 26.48 -24.93 -18.37
CA ALA C 830 25.40 -25.48 -19.19
C ALA C 830 25.07 -26.90 -18.77
N ALA C 831 26.09 -27.72 -18.53
CA ALA C 831 25.87 -29.06 -18.00
C ALA C 831 25.32 -29.00 -16.58
N SER C 832 25.65 -27.95 -15.84
CA SER C 832 25.17 -27.81 -14.46
C SER C 832 23.65 -27.67 -14.42
N VAL C 833 23.08 -26.93 -15.37
CA VAL C 833 21.64 -26.68 -15.40
C VAL C 833 20.93 -27.48 -16.48
N ASN C 834 21.56 -28.56 -16.98
CA ASN C 834 20.95 -29.53 -17.96
C ASN C 834 20.63 -28.91 -19.33
N LEU C 835 21.23 -27.78 -19.70
CA LEU C 835 21.04 -27.22 -21.07
C LEU C 835 21.59 -28.23 -22.05
N GLU C 836 22.67 -28.91 -21.68
CA GLU C 836 23.31 -29.93 -22.54
C GLU C 836 22.82 -31.33 -22.16
N PRO C 837 22.66 -32.29 -23.11
CA PRO C 837 22.11 -33.62 -22.82
C PRO C 837 22.82 -34.58 -21.84
N SER C 838 22.05 -35.30 -21.01
CA SER C 838 22.63 -36.25 -20.02
C SER C 838 21.64 -37.35 -19.62
N ASP C 839 22.04 -38.43 -18.95
CA ASP C 839 20.98 -39.39 -18.54
C ASP C 839 20.27 -39.07 -17.21
N VAL C 840 20.97 -38.59 -16.16
CA VAL C 840 20.29 -38.39 -14.84
C VAL C 840 20.32 -36.90 -14.56
N PRO C 841 19.29 -36.27 -14.00
CA PRO C 841 19.31 -34.81 -13.88
C PRO C 841 20.41 -34.22 -12.96
N GLN C 842 20.96 -33.02 -13.27
CA GLN C 842 22.10 -32.39 -12.53
C GLN C 842 21.60 -31.25 -11.64
N ASP C 843 21.96 -31.22 -10.34
CA ASP C 843 21.41 -30.23 -9.36
C ASP C 843 22.44 -29.21 -8.87
N VAL C 844 22.20 -27.93 -9.14
CA VAL C 844 23.09 -26.83 -8.69
C VAL C 844 23.04 -26.68 -7.18
N TYR C 845 21.83 -26.71 -6.61
CA TYR C 845 21.70 -26.38 -5.17
C TYR C 845 22.07 -27.60 -4.35
N SER C 846 22.04 -28.79 -4.90
CA SER C 846 22.52 -30.01 -4.19
C SER C 846 24.05 -30.11 -4.21
N GLY C 847 24.69 -29.84 -5.35
CA GLY C 847 26.16 -29.91 -5.45
C GLY C 847 26.83 -28.78 -4.68
N VAL C 848 26.19 -27.62 -4.58
CA VAL C 848 26.74 -26.50 -3.74
C VAL C 848 26.79 -26.94 -2.28
N ALA C 849 25.77 -27.67 -1.82
CA ALA C 849 25.68 -28.05 -0.39
C ALA C 849 26.87 -28.90 0.01
N ALA C 850 27.29 -29.83 -0.84
CA ALA C 850 28.35 -30.75 -0.39
C ALA C 850 29.64 -30.01 -0.05
N GLN C 851 30.11 -29.08 -0.90
CA GLN C 851 31.31 -28.26 -0.57
C GLN C 851 31.01 -27.36 0.63
N VAL C 852 29.81 -26.78 0.71
CA VAL C 852 29.49 -25.81 1.80
C VAL C 852 29.60 -26.54 3.14
N GLU C 853 29.16 -27.80 3.18
CA GLU C 853 29.16 -28.53 4.48
C GLU C 853 30.44 -29.36 4.61
N VAL C 854 31.32 -29.36 3.62
CA VAL C 854 32.50 -30.26 3.79
C VAL C 854 33.26 -29.82 5.05
N PHE C 855 33.40 -28.51 5.32
CA PHE C 855 34.19 -27.98 6.46
C PHE C 855 33.67 -28.36 7.85
N ARG C 856 32.38 -28.31 8.07
CA ARG C 856 31.77 -28.64 9.37
C ARG C 856 31.99 -30.10 9.73
N ARG C 857 32.04 -30.99 8.77
CA ARG C 857 32.36 -32.37 9.16
C ARG C 857 33.79 -32.36 9.70
N GLN C 858 34.65 -31.47 9.17
CA GLN C 858 36.09 -31.45 9.56
C GLN C 858 36.50 -30.13 10.21
N ASP C 859 35.59 -29.41 10.87
CA ASP C 859 35.98 -28.18 11.59
C ASP C 859 35.36 -28.13 12.97
N ALA C 860 34.32 -28.89 13.24
CA ALA C 860 33.81 -28.90 14.63
C ALA C 860 34.97 -29.44 15.45
N GLN C 861 36.03 -29.94 14.81
CA GLN C 861 37.26 -30.36 15.53
C GLN C 861 37.92 -29.14 16.21
N ARG C 862 38.06 -27.99 15.54
CA ARG C 862 38.59 -26.76 16.18
C ARG C 862 37.62 -26.41 17.30
N GLY C 863 36.32 -26.49 17.05
CA GLY C 863 35.36 -26.33 18.13
C GLY C 863 34.52 -25.08 18.01
N MET C 864 33.29 -25.20 17.56
CA MET C 864 32.44 -23.98 17.58
C MET C 864 31.02 -24.36 18.02
N ARG C 865 30.34 -23.44 18.69
CA ARG C 865 28.94 -23.70 19.09
C ARG C 865 28.00 -23.82 17.90
N VAL C 866 28.07 -22.89 16.94
CA VAL C 866 27.10 -22.93 15.80
C VAL C 866 27.35 -24.20 14.99
N ALA C 867 28.61 -24.58 14.79
CA ALA C 867 28.96 -25.75 13.96
C ALA C 867 28.43 -27.08 14.53
N GLN C 868 28.49 -27.31 15.84
CA GLN C 868 28.07 -28.64 16.35
C GLN C 868 26.62 -28.61 16.82
N VAL C 869 25.93 -27.47 16.82
CA VAL C 869 24.49 -27.56 17.24
C VAL C 869 23.66 -27.96 16.03
N LEU C 870 24.10 -27.61 14.81
CA LEU C 870 23.35 -27.87 13.59
C LEU C 870 23.13 -29.36 13.39
N GLU C 871 24.21 -30.11 13.12
CA GLU C 871 24.20 -31.57 13.01
C GLU C 871 23.23 -32.06 11.95
N GLY C 872 23.51 -31.75 10.68
CA GLY C 872 22.66 -32.31 9.60
C GLY C 872 21.42 -31.49 9.30
N PHE C 873 21.26 -30.32 9.90
CA PHE C 873 20.13 -29.44 9.53
C PHE C 873 20.27 -29.04 8.07
N ILE C 874 21.50 -28.77 7.61
CA ILE C 874 21.76 -28.29 6.21
C ILE C 874 21.17 -29.24 5.16
N THR C 875 20.53 -28.68 4.12
CA THR C 875 19.97 -29.46 3.03
C THR C 875 19.93 -28.56 1.79
N ARG C 876 19.24 -29.03 0.75
CA ARG C 876 19.01 -28.23 -0.44
C ARG C 876 18.14 -27.02 -0.14
N LYS C 877 17.06 -27.23 0.63
CA LYS C 877 16.07 -26.19 0.85
C LYS C 877 16.65 -25.01 1.61
N VAL C 878 17.51 -25.28 2.60
CA VAL C 878 17.94 -24.25 3.53
C VAL C 878 18.81 -23.21 2.81
N VAL C 879 19.57 -23.64 1.79
CA VAL C 879 20.44 -22.74 1.03
C VAL C 879 19.91 -22.42 -0.36
N LYS C 880 18.74 -22.97 -0.74
CA LYS C 880 18.25 -22.87 -2.11
C LYS C 880 18.11 -21.42 -2.58
N GLN C 881 17.44 -20.57 -1.79
CA GLN C 881 17.19 -19.21 -2.28
C GLN C 881 18.47 -18.40 -2.38
N THR C 882 19.37 -18.55 -1.40
CA THR C 882 20.60 -17.76 -1.42
C THR C 882 21.49 -18.18 -2.58
N VAL C 883 21.62 -19.50 -2.82
CA VAL C 883 22.40 -19.97 -3.96
C VAL C 883 21.77 -19.52 -5.27
N MET C 884 20.43 -19.46 -5.32
CA MET C 884 19.76 -18.93 -6.50
C MET C 884 20.14 -17.48 -6.75
N THR C 885 20.10 -16.65 -5.71
CA THR C 885 20.27 -15.17 -5.94
C THR C 885 21.72 -14.71 -6.09
N VAL C 886 22.72 -15.57 -5.91
CA VAL C 886 24.13 -15.08 -5.97
C VAL C 886 24.42 -14.54 -7.37
N VAL C 887 23.94 -15.23 -8.42
CA VAL C 887 24.12 -14.74 -9.82
C VAL C 887 23.50 -13.35 -9.91
N TYR C 888 22.38 -13.13 -9.22
CA TYR C 888 21.79 -11.79 -9.16
C TYR C 888 22.45 -10.97 -8.05
N GLY C 889 22.01 -9.72 -7.92
CA GLY C 889 22.45 -8.89 -6.83
C GLY C 889 22.06 -9.48 -5.48
N VAL C 890 23.01 -9.59 -4.56
CA VAL C 890 22.75 -10.08 -3.22
C VAL C 890 23.85 -9.55 -2.30
N THR C 891 23.49 -9.34 -1.03
CA THR C 891 24.44 -9.00 0.00
C THR C 891 24.36 -10.02 1.14
N ARG C 892 25.25 -9.86 2.12
CA ARG C 892 25.32 -10.79 3.23
C ARG C 892 24.18 -10.59 4.21
N TYR C 893 23.67 -9.36 4.30
CA TYR C 893 22.53 -9.06 5.16
C TYR C 893 21.27 -9.80 4.67
N GLY C 894 21.01 -9.75 3.36
CA GLY C 894 19.89 -10.49 2.82
C GLY C 894 20.07 -12.00 2.94
N GLY C 895 21.31 -12.47 2.82
CA GLY C 895 21.56 -13.89 3.01
C GLY C 895 21.25 -14.35 4.42
N ARG C 896 21.68 -13.55 5.42
CA ARG C 896 21.35 -13.87 6.80
C ARG C 896 19.84 -13.85 7.04
N LEU C 897 19.15 -12.85 6.49
CA LEU C 897 17.71 -12.74 6.69
C LEU C 897 16.99 -13.91 6.03
N GLN C 898 17.49 -14.39 4.88
CA GLN C 898 16.93 -15.57 4.25
C GLN C 898 17.15 -16.82 5.08
N ILE C 899 18.38 -17.06 5.51
CA ILE C 899 18.73 -18.31 6.18
C ILE C 899 18.05 -18.41 7.55
N GLU C 900 17.83 -17.26 8.21
CA GLU C 900 17.22 -17.27 9.55
C GLU C 900 15.80 -17.82 9.53
N LYS C 901 15.01 -17.42 8.53
CA LYS C 901 13.62 -17.89 8.46
C LYS C 901 13.55 -19.40 8.20
N ARG C 902 14.42 -19.91 7.34
CA ARG C 902 14.44 -21.35 7.10
C ARG C 902 14.85 -22.12 8.34
N LEU C 903 15.81 -21.59 9.12
CA LEU C 903 16.11 -22.22 10.40
C LEU C 903 14.96 -22.07 11.39
N ARG C 904 14.02 -21.14 11.21
CA ARG C 904 12.98 -20.95 12.26
C ARG C 904 11.99 -22.13 12.30
N GLU C 905 11.33 -22.46 11.19
CA GLU C 905 10.36 -23.59 11.12
C GLU C 905 11.00 -24.90 11.60
N LEU C 906 12.24 -25.19 11.20
CA LEU C 906 12.89 -26.40 11.77
C LEU C 906 12.91 -26.15 13.28
N SER C 907 12.55 -27.15 14.09
CA SER C 907 12.35 -26.90 15.54
C SER C 907 13.48 -27.35 16.48
N ASP C 908 14.63 -27.81 16.00
CA ASP C 908 15.64 -28.39 16.94
C ASP C 908 16.20 -27.38 17.96
N PHE C 909 16.58 -26.15 17.59
CA PHE C 909 17.16 -25.26 18.66
C PHE C 909 16.87 -23.77 18.46
N PRO C 910 16.57 -22.99 19.52
CA PRO C 910 16.46 -21.54 19.41
C PRO C 910 17.79 -20.83 19.71
N GLN C 911 18.84 -21.04 18.92
CA GLN C 911 20.14 -20.32 19.05
C GLN C 911 20.36 -19.81 17.64
N GLU C 912 19.48 -18.93 17.18
CA GLU C 912 19.47 -18.55 15.74
C GLU C 912 20.47 -17.45 15.36
N PHE C 913 21.75 -17.80 15.25
CA PHE C 913 22.72 -16.86 14.64
C PHE C 913 23.03 -17.57 13.31
N VAL C 914 22.64 -16.97 12.18
CA VAL C 914 22.71 -17.67 10.86
C VAL C 914 23.97 -17.26 10.09
N TRP C 915 24.87 -16.51 10.72
CA TRP C 915 26.09 -16.00 10.04
C TRP C 915 27.02 -17.12 9.60
N GLU C 916 27.16 -18.19 10.37
CA GLU C 916 27.99 -19.27 9.79
C GLU C 916 27.48 -19.51 8.37
N ALA C 917 26.16 -19.70 8.17
CA ALA C 917 25.58 -20.02 6.84
C ALA C 917 25.71 -18.96 5.75
N SER C 918 25.40 -17.68 6.01
CA SER C 918 25.40 -16.67 4.90
C SER C 918 26.82 -16.51 4.36
N HIS C 919 27.79 -16.39 5.24
CA HIS C 919 29.20 -16.28 4.83
C HIS C 919 29.68 -17.56 4.18
N TYR C 920 29.27 -18.73 4.67
CA TYR C 920 29.89 -19.98 4.16
C TYR C 920 29.63 -20.16 2.65
N LEU C 921 28.45 -19.81 2.13
CA LEU C 921 28.23 -19.92 0.66
C LEU C 921 28.67 -18.64 -0.09
N VAL C 922 28.09 -17.47 0.22
CA VAL C 922 28.39 -16.23 -0.59
C VAL C 922 29.84 -15.79 -0.40
N ARG C 923 30.60 -16.43 0.49
CA ARG C 923 31.96 -15.89 0.75
C ARG C 923 33.02 -17.01 0.78
N GLN C 924 32.95 -17.90 1.77
CA GLN C 924 34.01 -18.91 1.91
C GLN C 924 34.04 -19.82 0.68
N VAL C 925 32.86 -20.23 0.22
CA VAL C 925 32.76 -21.11 -0.99
C VAL C 925 32.35 -20.25 -2.19
N PHE C 926 32.30 -18.93 -2.00
CA PHE C 926 31.93 -18.02 -3.12
C PHE C 926 32.97 -18.20 -4.22
N LYS C 927 34.24 -18.29 -3.83
CA LYS C 927 35.27 -18.59 -4.86
C LYS C 927 34.92 -19.97 -5.37
N SER C 928 34.54 -20.88 -4.48
CA SER C 928 34.07 -22.22 -4.92
C SER C 928 32.83 -22.00 -5.78
N LEU C 929 32.06 -20.96 -5.48
CA LEU C 929 30.86 -20.62 -6.30
C LEU C 929 31.36 -20.06 -7.64
N GLN C 930 32.39 -19.22 -7.61
CA GLN C 930 33.00 -18.74 -8.88
C GLN C 930 33.59 -19.95 -9.61
N GLU C 931 34.30 -20.81 -8.88
CA GLU C 931 34.86 -22.05 -9.49
C GLU C 931 33.68 -22.92 -9.94
N MET C 932 32.62 -22.98 -9.12
CA MET C 932 31.41 -23.76 -9.47
C MET C 932 30.71 -23.05 -10.62
N PHE C 933 30.50 -21.74 -10.49
CA PHE C 933 29.92 -21.00 -11.65
C PHE C 933 30.81 -19.78 -11.92
N SER C 934 31.38 -19.70 -13.11
CA SER C 934 32.32 -18.60 -13.44
C SER C 934 32.10 -18.14 -14.89
N GLY C 935 32.40 -16.88 -15.19
CA GLY C 935 32.24 -16.38 -16.57
C GLY C 935 30.82 -15.94 -16.79
N THR C 936 29.96 -16.13 -15.79
CA THR C 936 28.59 -15.61 -15.86
C THR C 936 28.68 -14.30 -15.12
N ARG C 937 29.64 -14.24 -14.18
CA ARG C 937 29.91 -12.98 -13.44
C ARG C 937 30.52 -11.87 -14.29
N ALA C 938 31.16 -12.15 -15.43
CA ALA C 938 31.60 -10.99 -16.23
C ALA C 938 30.42 -10.10 -16.72
N ILE C 939 29.31 -10.63 -17.22
CA ILE C 939 28.10 -9.85 -17.62
C ILE C 939 27.47 -9.21 -16.37
N GLN C 940 27.46 -9.93 -15.26
CA GLN C 940 26.83 -9.44 -14.01
C GLN C 940 27.61 -8.18 -13.64
N HIS C 941 28.91 -8.20 -13.84
CA HIS C 941 29.68 -6.94 -13.62
C HIS C 941 29.39 -5.94 -14.73
N TRP C 942 29.57 -6.28 -16.01
CA TRP C 942 29.47 -5.38 -17.16
C TRP C 942 28.15 -4.63 -17.15
N LEU C 943 27.04 -5.34 -16.92
CA LEU C 943 25.73 -4.70 -16.89
C LEU C 943 25.59 -3.77 -15.69
N THR C 944 26.17 -4.14 -14.55
CA THR C 944 26.07 -3.27 -13.38
C THR C 944 26.90 -2.00 -13.55
N GLU C 945 28.07 -2.10 -14.19
CA GLU C 945 28.86 -0.90 -14.45
C GLU C 945 28.21 -0.01 -15.49
N SER C 946 27.59 -0.61 -16.51
CA SER C 946 26.87 0.17 -17.51
C SER C 946 25.68 0.90 -16.87
N ALA C 947 24.93 0.21 -16.01
CA ALA C 947 23.81 0.84 -15.32
C ALA C 947 24.29 1.96 -14.42
N ARG C 948 25.43 1.75 -13.73
CA ARG C 948 25.98 2.79 -12.87
C ARG C 948 26.36 4.04 -13.66
N LEU C 949 27.02 3.87 -14.81
CA LEU C 949 27.43 5.04 -15.58
C LEU C 949 26.24 5.71 -16.27
N ILE C 950 25.21 4.96 -16.62
CA ILE C 950 23.99 5.59 -17.12
C ILE C 950 23.33 6.41 -16.01
N SER C 951 23.27 5.86 -14.80
CA SER C 951 22.57 6.52 -13.71
C SER C 951 23.31 7.77 -13.22
N HIS C 952 24.65 7.76 -13.29
CA HIS C 952 25.39 8.95 -12.89
C HIS C 952 25.14 10.13 -13.82
N MET C 953 24.79 9.85 -15.08
CA MET C 953 24.43 10.90 -16.02
C MET C 953 22.96 11.31 -15.92
N GLY C 954 22.21 10.73 -14.99
CA GLY C 954 20.83 11.12 -14.77
C GLY C 954 19.85 10.56 -15.79
N SER C 955 19.79 9.24 -15.92
CA SER C 955 18.87 8.62 -16.86
C SER C 955 18.45 7.25 -16.34
N VAL C 956 17.20 6.89 -16.61
CA VAL C 956 16.67 5.57 -16.26
C VAL C 956 17.10 4.58 -17.33
N VAL C 957 16.92 3.30 -17.06
CA VAL C 957 17.33 2.23 -17.97
C VAL C 957 16.12 1.71 -18.71
N GLU C 958 16.20 1.66 -20.04
CA GLU C 958 15.15 1.10 -20.87
C GLU C 958 15.78 0.31 -22.01
N TRP C 959 15.09 -0.74 -22.42
CA TRP C 959 15.53 -1.60 -23.53
C TRP C 959 14.31 -2.28 -24.13
N VAL C 960 14.56 -3.20 -25.07
CA VAL C 960 13.50 -3.93 -25.77
C VAL C 960 13.79 -5.42 -25.72
N THR C 961 12.75 -6.21 -25.48
CA THR C 961 12.87 -7.66 -25.45
C THR C 961 13.08 -8.19 -26.88
N PRO C 962 13.61 -9.41 -27.02
CA PRO C 962 13.78 -9.97 -28.37
C PRO C 962 12.48 -10.13 -29.15
N LEU C 963 11.34 -10.28 -28.48
CA LEU C 963 10.08 -10.31 -29.19
C LEU C 963 9.65 -8.92 -29.66
N GLY C 964 9.80 -7.91 -28.80
CA GLY C 964 9.44 -6.56 -29.18
C GLY C 964 8.79 -5.72 -28.09
N VAL C 965 8.65 -6.29 -26.90
CA VAL C 965 8.04 -5.56 -25.79
C VAL C 965 9.09 -4.63 -25.17
N PRO C 966 8.81 -3.34 -25.05
CA PRO C 966 9.77 -2.44 -24.38
C PRO C 966 9.58 -2.46 -22.86
N VAL C 967 10.71 -2.42 -22.15
CA VAL C 967 10.75 -2.60 -20.70
C VAL C 967 11.53 -1.44 -20.09
N ILE C 968 10.98 -0.84 -19.02
CA ILE C 968 11.61 0.26 -18.32
C ILE C 968 11.47 0.03 -16.81
N GLN C 969 12.36 0.70 -16.03
CA GLN C 969 12.37 0.61 -14.57
C GLN C 969 11.89 1.91 -13.94
N PRO C 970 11.06 1.85 -12.91
CA PRO C 970 10.45 3.06 -12.34
C PRO C 970 11.12 3.62 -11.09
N TYR C 971 12.26 3.08 -10.66
CA TYR C 971 12.87 3.50 -9.40
C TYR C 971 13.42 4.92 -9.53
N ARG C 972 12.85 5.85 -8.76
CA ARG C 972 13.29 7.24 -8.74
C ARG C 972 13.45 7.70 -7.30
N LEU C 973 14.29 8.72 -7.11
CA LEU C 973 14.48 9.29 -5.79
C LEU C 973 13.26 10.10 -5.36
N ASP C 974 13.12 10.27 -4.05
CA ASP C 974 11.99 10.98 -3.48
C ASP C 974 12.05 12.46 -3.78
N SER C 996 11.44 14.73 -13.73
CA SER C 996 10.90 15.31 -12.50
C SER C 996 11.82 15.01 -11.31
N ARG C 997 11.93 13.74 -10.96
CA ARG C 997 12.77 13.32 -9.85
C ARG C 997 14.01 12.58 -10.37
N LYS C 998 15.05 12.59 -9.55
CA LYS C 998 16.32 12.03 -9.98
C LYS C 998 16.30 10.49 -9.93
N PRO C 999 17.05 9.85 -10.81
CA PRO C 999 17.17 8.38 -10.74
C PRO C 999 17.86 7.92 -9.47
N ASN C 1000 17.31 6.87 -8.87
CA ASN C 1000 17.96 6.20 -7.76
C ASN C 1000 19.03 5.28 -8.32
N THR C 1001 20.30 5.57 -8.03
CA THR C 1001 21.39 4.82 -8.63
C THR C 1001 21.48 3.40 -8.08
N ARG C 1002 21.37 3.25 -6.76
CA ARG C 1002 21.50 1.94 -6.15
C ARG C 1002 20.35 1.02 -6.55
N LYS C 1003 19.12 1.53 -6.53
CA LYS C 1003 17.96 0.73 -6.88
C LYS C 1003 17.92 0.36 -8.37
N GLN C 1004 18.52 1.17 -9.24
CA GLN C 1004 18.54 0.85 -10.65
C GLN C 1004 19.79 0.11 -11.09
N LYS C 1005 20.80 -0.02 -10.24
CA LYS C 1005 21.90 -0.92 -10.55
C LYS C 1005 21.76 -2.28 -9.86
N ASN C 1006 20.99 -2.36 -8.77
CA ASN C 1006 20.75 -3.63 -8.11
C ASN C 1006 19.59 -4.41 -8.71
N GLY C 1007 18.77 -3.77 -9.54
CA GLY C 1007 17.59 -4.42 -10.08
C GLY C 1007 17.65 -4.79 -11.55
N PHE C 1008 18.64 -4.24 -12.26
CA PHE C 1008 18.74 -4.51 -13.70
C PHE C 1008 19.04 -5.97 -14.03
N PRO C 1009 20.00 -6.66 -13.41
CA PRO C 1009 20.22 -8.09 -13.74
C PRO C 1009 19.04 -8.98 -13.38
N PRO C 1010 18.39 -8.84 -12.21
CA PRO C 1010 17.21 -9.70 -11.99
C PRO C 1010 16.05 -9.39 -12.92
N ASN C 1011 15.92 -8.16 -13.41
CA ASN C 1011 14.82 -7.78 -14.28
C ASN C 1011 15.12 -7.96 -15.75
N PHE C 1012 16.34 -8.37 -16.10
CA PHE C 1012 16.63 -8.62 -17.51
C PHE C 1012 16.35 -10.06 -17.93
N ILE C 1013 16.57 -11.02 -17.02
CA ILE C 1013 16.34 -12.43 -17.35
C ILE C 1013 14.85 -12.75 -17.33
N HIS C 1014 14.09 -12.03 -16.49
CA HIS C 1014 12.66 -12.24 -16.29
C HIS C 1014 11.81 -11.71 -17.44
N SER C 1015 12.43 -11.12 -18.46
CA SER C 1015 11.75 -10.83 -19.71
C SER C 1015 11.98 -11.93 -20.73
N LEU C 1016 13.19 -12.48 -20.74
CA LEU C 1016 13.54 -13.52 -21.70
C LEU C 1016 12.82 -14.83 -21.38
N ASP C 1017 12.65 -15.15 -20.10
CA ASP C 1017 11.90 -16.36 -19.76
C ASP C 1017 10.44 -16.25 -20.20
N SER C 1018 9.84 -15.07 -20.04
CA SER C 1018 8.48 -14.85 -20.50
C SER C 1018 8.38 -14.92 -22.03
N SER C 1019 9.41 -14.42 -22.73
CA SER C 1019 9.44 -14.55 -24.19
C SER C 1019 9.47 -16.01 -24.61
N HIS C 1020 10.27 -16.83 -23.91
CA HIS C 1020 10.30 -18.26 -24.18
C HIS C 1020 8.94 -18.90 -23.96
N MET C 1021 8.26 -18.54 -22.87
CA MET C 1021 6.93 -19.09 -22.58
C MET C 1021 5.94 -18.72 -23.68
N MET C 1022 5.97 -17.46 -24.13
CA MET C 1022 5.00 -17.03 -25.13
C MET C 1022 5.26 -17.70 -26.49
N LEU C 1023 6.53 -17.87 -26.88
CA LEU C 1023 6.82 -18.60 -28.12
C LEU C 1023 6.37 -20.06 -28.03
N THR C 1024 6.62 -20.70 -26.89
CA THR C 1024 6.21 -22.09 -26.72
C THR C 1024 4.69 -22.22 -26.80
N ALA C 1025 3.95 -21.29 -26.18
CA ALA C 1025 2.50 -21.32 -26.26
C ALA C 1025 2.01 -21.11 -27.68
N LEU C 1026 2.60 -20.15 -28.40
CA LEU C 1026 2.14 -19.84 -29.75
C LEU C 1026 2.36 -21.00 -30.70
N HIS C 1027 3.51 -21.68 -30.61
CA HIS C 1027 3.71 -22.83 -31.47
C HIS C 1027 3.03 -24.10 -30.95
N CYS C 1028 2.63 -24.13 -29.68
CA CYS C 1028 1.87 -25.25 -29.16
C CYS C 1028 0.41 -25.19 -29.58
N TYR C 1029 -0.13 -23.98 -29.74
CA TYR C 1029 -1.54 -23.84 -30.13
C TYR C 1029 -1.79 -24.30 -31.57
N ARG C 1030 -0.79 -24.21 -32.44
CA ARG C 1030 -0.99 -24.52 -33.85
C ARG C 1030 -1.23 -26.00 -34.11
N LYS C 1031 -0.90 -26.87 -33.16
CA LYS C 1031 -1.08 -28.30 -33.33
C LYS C 1031 -2.31 -28.81 -32.58
N GLY C 1032 -3.13 -27.92 -32.05
CA GLY C 1032 -4.34 -28.31 -31.34
C GLY C 1032 -4.09 -28.86 -29.95
N LEU C 1033 -3.59 -28.04 -29.05
CA LEU C 1033 -3.31 -28.45 -27.68
C LEU C 1033 -3.91 -27.43 -26.70
N THR C 1034 -4.24 -27.91 -25.51
CA THR C 1034 -4.71 -27.05 -24.42
C THR C 1034 -3.53 -26.70 -23.54
N PHE C 1035 -3.19 -25.41 -23.50
CA PHE C 1035 -1.97 -24.94 -22.86
C PHE C 1035 -2.32 -23.87 -21.83
N VAL C 1036 -1.90 -24.10 -20.59
CA VAL C 1036 -1.94 -23.07 -19.54
C VAL C 1036 -0.60 -23.14 -18.80
N SER C 1037 -0.11 -21.97 -18.40
CA SER C 1037 1.26 -21.88 -17.91
C SER C 1037 1.34 -21.11 -16.61
N VAL C 1038 2.07 -21.68 -15.67
CA VAL C 1038 2.63 -20.98 -14.53
C VAL C 1038 4.02 -20.54 -14.98
N HIS C 1039 4.61 -19.55 -14.32
CA HIS C 1039 5.99 -19.19 -14.61
C HIS C 1039 6.90 -20.40 -14.42
N ASP C 1040 7.64 -20.76 -15.48
CA ASP C 1040 8.65 -21.81 -15.56
C ASP C 1040 8.01 -23.22 -15.57
N CYS C 1041 6.71 -23.36 -15.34
CA CYS C 1041 6.07 -24.67 -15.32
C CYS C 1041 4.87 -24.66 -16.26
N TYR C 1042 4.77 -25.70 -17.10
CA TYR C 1042 3.73 -25.77 -18.12
C TYR C 1042 2.77 -26.92 -17.84
N TRP C 1043 1.47 -26.67 -18.02
CA TRP C 1043 0.42 -27.61 -17.70
C TRP C 1043 -0.34 -27.99 -18.97
N THR C 1044 -0.59 -29.29 -19.15
CA THR C 1044 -1.34 -29.76 -20.32
C THR C 1044 -1.98 -31.10 -19.99
N HIS C 1045 -2.73 -31.63 -20.96
CA HIS C 1045 -3.37 -32.93 -20.83
C HIS C 1045 -2.33 -34.04 -20.80
N ALA C 1046 -2.75 -35.20 -20.30
CA ALA C 1046 -1.86 -36.36 -20.19
C ALA C 1046 -1.48 -36.94 -21.55
N ALA C 1047 -2.27 -36.69 -22.59
CA ALA C 1047 -1.98 -37.21 -23.91
C ALA C 1047 -1.18 -36.25 -24.78
N ASP C 1048 -0.93 -35.04 -24.33
CA ASP C 1048 -0.30 -34.00 -25.15
C ASP C 1048 0.98 -33.45 -24.49
N VAL C 1049 1.80 -34.34 -23.94
CA VAL C 1049 3.01 -33.92 -23.25
C VAL C 1049 4.20 -33.84 -24.21
N SER C 1050 4.34 -34.84 -25.08
CA SER C 1050 5.52 -34.95 -25.93
C SER C 1050 5.60 -33.81 -26.94
N VAL C 1051 4.46 -33.39 -27.48
CA VAL C 1051 4.44 -32.29 -28.45
C VAL C 1051 4.97 -31.02 -27.81
N MET C 1052 4.50 -30.72 -26.59
CA MET C 1052 4.96 -29.54 -25.87
C MET C 1052 6.44 -29.66 -25.52
N ASN C 1053 6.89 -30.87 -25.18
CA ASN C 1053 8.32 -31.08 -24.89
C ASN C 1053 9.20 -30.85 -26.10
N GLN C 1054 8.72 -31.16 -27.31
CA GLN C 1054 9.51 -30.85 -28.50
C GLN C 1054 9.47 -29.37 -28.85
N VAL C 1055 8.30 -28.74 -28.71
CA VAL C 1055 8.17 -27.32 -29.05
C VAL C 1055 9.05 -26.46 -28.15
N CYS C 1056 9.11 -26.78 -26.86
CA CYS C 1056 9.92 -25.98 -25.94
C CYS C 1056 11.40 -26.01 -26.31
N ARG C 1057 11.91 -27.19 -26.61
CA ARG C 1057 13.32 -27.35 -26.94
C ARG C 1057 13.66 -26.87 -28.34
N GLU C 1058 12.68 -26.70 -29.22
CA GLU C 1058 12.98 -26.01 -30.47
C GLU C 1058 12.98 -24.49 -30.27
N GLN C 1059 12.04 -23.97 -29.47
CA GLN C 1059 11.90 -22.53 -29.34
C GLN C 1059 13.01 -21.92 -28.48
N PHE C 1060 13.61 -22.69 -27.56
CA PHE C 1060 14.78 -22.16 -26.86
C PHE C 1060 15.94 -21.88 -27.81
N VAL C 1061 16.20 -22.80 -28.73
CA VAL C 1061 17.27 -22.60 -29.70
C VAL C 1061 16.93 -21.46 -30.63
N ARG C 1062 15.66 -21.38 -31.05
CA ARG C 1062 15.23 -20.24 -31.88
C ARG C 1062 15.45 -18.91 -31.16
N LEU C 1063 15.14 -18.85 -29.87
CA LEU C 1063 15.27 -17.60 -29.14
C LEU C 1063 16.73 -17.21 -28.91
N HIS C 1064 17.58 -18.17 -28.54
CA HIS C 1064 18.92 -17.84 -28.11
C HIS C 1064 19.98 -18.06 -29.17
N SER C 1065 19.58 -18.34 -30.42
CA SER C 1065 20.58 -18.39 -31.49
C SER C 1065 20.91 -17.02 -32.06
N GLU C 1066 20.03 -16.04 -31.88
CA GLU C 1066 20.32 -14.68 -32.34
C GLU C 1066 21.26 -13.97 -31.36
N PRO C 1067 22.10 -13.06 -31.87
CA PRO C 1067 22.95 -12.25 -30.99
C PRO C 1067 22.12 -11.27 -30.18
N ILE C 1068 22.13 -11.43 -28.86
CA ILE C 1068 21.34 -10.60 -27.95
C ILE C 1068 22.17 -9.46 -27.39
N LEU C 1069 23.41 -9.74 -26.98
CA LEU C 1069 24.21 -8.73 -26.31
C LEU C 1069 24.68 -7.64 -27.27
N GLN C 1070 24.94 -7.99 -28.53
CA GLN C 1070 25.33 -6.97 -29.50
C GLN C 1070 24.20 -5.98 -29.78
N ASP C 1071 22.97 -6.49 -29.93
CA ASP C 1071 21.83 -5.60 -30.16
C ASP C 1071 21.55 -4.74 -28.94
N LEU C 1072 21.69 -5.32 -27.75
CA LEU C 1072 21.53 -4.54 -26.52
C LEU C 1072 22.57 -3.44 -26.43
N SER C 1073 23.84 -3.77 -26.73
CA SER C 1073 24.89 -2.76 -26.70
C SER C 1073 24.65 -1.66 -27.72
N ARG C 1074 24.20 -2.02 -28.92
CA ARG C 1074 23.96 -1.02 -29.95
C ARG C 1074 22.80 -0.11 -29.59
N PHE C 1075 21.73 -0.68 -29.03
CA PHE C 1075 20.61 0.15 -28.59
C PHE C 1075 21.02 1.07 -27.46
N LEU C 1076 21.84 0.58 -26.53
CA LEU C 1076 22.31 1.41 -25.42
C LEU C 1076 23.19 2.56 -25.93
N VAL C 1077 24.08 2.26 -26.88
CA VAL C 1077 24.95 3.29 -27.44
C VAL C 1077 24.13 4.36 -28.18
N LYS C 1078 23.15 3.92 -28.99
CA LYS C 1078 22.34 4.87 -29.73
C LYS C 1078 21.47 5.71 -28.79
N ARG C 1079 20.96 5.11 -27.71
CA ARG C 1079 20.08 5.84 -26.82
C ARG C 1079 20.82 6.80 -25.91
N PHE C 1080 22.05 6.47 -25.51
CA PHE C 1080 22.76 7.26 -24.51
C PHE C 1080 23.99 7.98 -25.05
N CYS C 1081 24.82 7.32 -25.86
CA CYS C 1081 26.06 7.91 -26.32
C CYS C 1081 25.91 8.72 -27.61
N SER C 1082 24.71 9.21 -27.91
CA SER C 1082 24.55 10.07 -29.08
C SER C 1082 25.04 11.49 -28.82
N GLU C 1083 24.81 12.02 -27.62
CA GLU C 1083 25.07 13.42 -27.34
C GLU C 1083 26.54 13.66 -27.04
N PRO C 1084 27.23 14.55 -27.75
CA PRO C 1084 28.60 14.95 -27.39
C PRO C 1084 28.62 16.17 -26.47
N GLN C 1085 27.95 16.05 -25.32
CA GLN C 1085 27.90 17.17 -24.38
C GLN C 1085 29.27 17.45 -23.78
N LYS C 1086 29.93 16.42 -23.28
CA LYS C 1086 31.31 16.54 -22.79
C LYS C 1086 32.09 15.31 -23.23
N ILE C 1087 33.39 15.48 -23.43
CA ILE C 1087 34.19 14.42 -24.02
C ILE C 1087 34.43 13.29 -23.01
N LEU C 1088 34.62 13.62 -21.74
CA LEU C 1088 35.11 12.65 -20.76
C LEU C 1088 34.06 11.60 -20.43
N GLU C 1089 32.91 12.05 -19.90
CA GLU C 1089 31.87 11.11 -19.48
C GLU C 1089 31.29 10.34 -20.66
N ALA C 1090 31.05 11.03 -21.78
CA ALA C 1090 30.52 10.37 -22.96
C ALA C 1090 31.52 9.35 -23.51
N SER C 1091 32.81 9.69 -23.53
CA SER C 1091 33.82 8.74 -23.99
C SER C 1091 33.90 7.52 -23.09
N GLN C 1092 33.88 7.74 -21.76
CA GLN C 1092 33.92 6.61 -20.83
C GLN C 1092 32.70 5.72 -21.00
N LEU C 1093 31.51 6.32 -21.19
CA LEU C 1093 30.30 5.55 -21.47
C LEU C 1093 30.46 4.76 -22.77
N LYS C 1094 31.09 5.37 -23.77
CA LYS C 1094 31.27 4.71 -25.06
C LYS C 1094 32.18 3.50 -24.95
N GLU C 1095 33.33 3.63 -24.27
CA GLU C 1095 34.21 2.46 -24.16
C GLU C 1095 33.73 1.46 -23.12
N THR C 1096 32.79 1.81 -22.25
CA THR C 1096 32.20 0.77 -21.41
C THR C 1096 31.11 0.01 -22.15
N LEU C 1097 30.30 0.70 -22.96
CA LEU C 1097 29.23 0.01 -23.68
C LEU C 1097 29.76 -0.77 -24.87
N GLN C 1098 30.80 -0.27 -25.53
CA GLN C 1098 31.36 -0.97 -26.68
C GLN C 1098 32.09 -2.23 -26.27
N ALA C 1099 32.62 -2.27 -25.05
CA ALA C 1099 33.32 -3.45 -24.57
C ALA C 1099 32.30 -4.51 -24.16
N VAL C 1100 32.39 -5.68 -24.79
CA VAL C 1100 31.44 -6.77 -24.55
C VAL C 1100 32.26 -8.02 -24.19
N PRO C 1101 31.85 -8.82 -23.21
CA PRO C 1101 32.55 -10.08 -22.95
C PRO C 1101 32.51 -11.01 -24.15
N LYS C 1102 33.60 -11.74 -24.34
CA LYS C 1102 33.72 -12.62 -25.49
C LYS C 1102 32.95 -13.92 -25.26
N PRO C 1103 32.02 -14.28 -26.13
CA PRO C 1103 31.30 -15.55 -25.97
C PRO C 1103 32.22 -16.75 -26.15
N GLY C 1104 31.93 -17.82 -25.42
CA GLY C 1104 32.73 -19.02 -25.51
C GLY C 1104 32.33 -19.92 -26.65
N ALA C 1105 33.12 -20.97 -26.85
CA ALA C 1105 32.93 -21.90 -27.96
C ALA C 1105 31.96 -23.00 -27.53
N PHE C 1106 30.71 -22.87 -27.96
CA PHE C 1106 29.67 -23.82 -27.61
C PHE C 1106 28.51 -23.63 -28.59
N ASP C 1107 27.89 -24.74 -29.00
CA ASP C 1107 26.86 -24.71 -30.03
C ASP C 1107 25.51 -25.04 -29.41
N LEU C 1108 24.46 -24.42 -29.95
CA LEU C 1108 23.13 -24.47 -29.36
C LEU C 1108 22.22 -25.51 -30.00
N GLU C 1109 22.75 -26.38 -30.87
CA GLU C 1109 21.95 -27.42 -31.49
C GLU C 1109 21.84 -28.69 -30.63
N GLN C 1110 22.12 -28.58 -29.34
CA GLN C 1110 22.08 -29.72 -28.42
C GLN C 1110 20.92 -29.67 -27.46
N VAL C 1111 20.13 -28.58 -27.45
CA VAL C 1111 18.97 -28.48 -26.56
C VAL C 1111 17.91 -29.50 -26.96
N LYS C 1112 17.78 -29.79 -28.26
CA LYS C 1112 16.68 -30.60 -28.78
C LYS C 1112 16.72 -32.05 -28.32
N ARG C 1113 17.77 -32.50 -27.66
CA ARG C 1113 17.88 -33.88 -27.22
C ARG C 1113 18.04 -34.03 -25.72
N SER C 1114 18.02 -32.93 -24.97
CA SER C 1114 18.04 -33.01 -23.52
C SER C 1114 16.70 -33.50 -22.99
N THR C 1115 16.77 -34.35 -21.96
CA THR C 1115 15.52 -34.96 -21.45
C THR C 1115 14.99 -34.19 -20.23
N TYR C 1116 15.83 -33.47 -19.50
CA TYR C 1116 15.40 -32.83 -18.23
C TYR C 1116 15.40 -31.30 -18.30
N PHE C 1117 15.44 -30.69 -19.48
CA PHE C 1117 15.51 -29.22 -19.61
C PHE C 1117 14.25 -28.56 -19.04
N PHE C 1118 13.05 -29.04 -19.38
CA PHE C 1118 11.79 -28.57 -18.74
C PHE C 1118 11.05 -29.87 -18.45
N SER C 1119 11.61 -30.66 -17.54
CA SER C 1119 11.04 -31.99 -17.27
C SER C 1119 11.16 -32.29 -15.79
#